data_6VXK
#
_entry.id   6VXK
#
_cell.length_a   1.00
_cell.length_b   1.00
_cell.length_c   1.00
_cell.angle_alpha   90.00
_cell.angle_beta   90.00
_cell.angle_gamma   90.00
#
_symmetry.space_group_name_H-M   'P 1'
#
loop_
_entity.id
_entity.type
_entity.pdbx_description
1 polymer 'Semaphorin-like protein 139'
2 polymer Plexin-C1
3 non-polymer 2-acetamido-2-deoxy-beta-D-glucopyranose
#
loop_
_entity_poly.entity_id
_entity_poly.type
_entity_poly.pdbx_seq_one_letter_code
_entity_poly.pdbx_strand_id
1 'polypeptide(L)'
;ELEIEWHKFETSEEIISTYLIDDVLYTGVNGAVYTFSNNELNKTGLTNNNNYITTSIKVEDTLVCGTNNGNPKCWKIDGS
EDPKYRGRGYAPYQNSKVTIISHNECVLSDINISKEGIKRWRRFDGPCGYDLYTADNVIPKDGVRGAFVDKDGTYDKVYI
LFTDTIDTKRIVKIPYIAQMCLNDEGGPSSLSSHRWSTFLKVELECDIDGRSYRQIIHSKAIKTDNDTILYVFFDSPYSK
SALCTYSMNAIKHSFSTSKLGGYTKQLPSPAPGICLPAGKVVPHTTFDIIEQYNELDDIIKPLSQPIFEGPSGVKWFDIK
EKENEHREYRIYFIKENTIYSFDTKSKQTRSAQVDARLFSVMVTSKPLFIADIGIGVGIPRMKKILKMGTHHHHHHHH
;
A,C
2 'polypeptide(L)'
;ADEPVWRSEQAIGAIAASQEDGVFVASGSCLDQLDYSLEHSLSRLYRDQAGNCTEPVSLAPPARPRPGSSFSKLLLPYRE
GAAGLGGLLLTGWTFDRGACEVRPLGNLSRNSLRNGTEVVSCHPQGSTAGVVYRAGRNNRWYLAVAATYVLPEPETASRC
NPAASDHDTAIALKDTEGRSLATQELGRLKLCEGAGSLHFVDAFLWNGSIYFPYYPYNYTSGAATGWPSMARIAQSTEVL
FQGQASLDCGHGHPDGRRLLLSSSLVEALDVWAGVFSAAAGEGQERRSPTTTALCLFRMSEIQARAKRVSWDFKTAESHC
KEGDQPERVQPIASSTLIHSDLTSVYGTVVMNRTVLFLGTGDGQLLKVILGENLTSNCPEVIYEIKEETPVFYKLVPDPV
KNIYIYLTAGKEVRRIRVANCNKHKSCSECLTATDPHCGWCHSLQRCTFQGDCVHSENLENWLDISSGAKKCPKIQIIRS
SKEKTTVTMVGSFSPRHSKCMVKNVDSSRELCQNKSQPNRTCTCSIPTRATYKDVSVVNVMFSFGSWNLSDRFNFTNCSS
LKECPACVETGCAWCKSARRCIHPFTACDPSDYERNQEQCPVAVEKTSGGGRPKENKGNRTNQALQVFYIKSIEPQKVST
LGKSNVIVTGANFTRASNITMILKGTSTCDKDVIQVSHVLNDTHMKFSLPSSRKEMKDVCIQFDGGNCSSVGSLSYIALP
HCSLIFPATTWISGGQNITMMGRNFDVIDNLIISHELKGNINVSEYCVATYCGFLAPSLKSSKVRTNVTVKLRVQDTYLD
CGTLQYREDPRFTGYRVESEVDTELEVKIQKENDNFNISKKDIEITLFHGENGQLNCSFENITRNQDLTTILCKIKGIKT
ASTIANSSKKVRVKLGNLELYVEQESVPSTWYFLIVLPVLLVIVIFAAVGVTRHKSKELSRKQSQQLELLESELRKEIRD
GFAELQMDKLDVVDSFGTVPFLDYKHFALRTFFPESGGFTHIFTEDMHNRDANDKNESLTALDALICNKSFLVTVIHTLE
KQKNFSVKDRCLFASFLTIALQTKLVYLTSILEVLTRDLMEQCSNMQPKLMLRRTESVVEKLLTNWMSVCLSGFLRETVG
EPFYLLVTTLNQKINKGPVDVITCKALYTLNEDWLLWQVPEFSTVALNVVFEKIPENESADVCRNISVNVLDCDTIGQAK
EKIFQAFLSKNGSPYGLQLNEIGLELQMGTRQKELLDIDSSSVILEDGITKLNTIGHYEISNGSTIKVFKKIANFTSDVE
YSDDHCHLILPDSEAFQDVQGKRHRGKHKFKVKEMYLTKLLSTKVAIHSVLEKLFRSIWSLPNSRAPFAIKYFFDFLDAQ
AENKKITDPDVVHIWKTNSLPLRFWVNILKNPQFVFDIKKTPHIDGCLSVIAQAFMDAFSLTEQQLGKEAPTNKLLYAKD
IPTYKEEVKSYYKAIRDLPPLSSSEMEEFLTQESKKHENEFNEEVALTEIYKYIVKYFDEILNKLERERGLEEAQKQLLH
VKVLFDEKKKCKWMGTSSGLEVLFQ
;
B,D
#
# COMPACT_ATOMS: atom_id res chain seq x y z
N GLU A 1 54.30 -34.66 4.11
CA GLU A 1 55.75 -34.50 3.96
C GLU A 1 56.04 -33.61 2.77
N LEU A 2 57.07 -32.77 2.89
CA LEU A 2 57.38 -31.82 1.82
C LEU A 2 58.80 -31.29 1.93
N GLU A 3 59.58 -31.45 0.88
CA GLU A 3 60.93 -30.91 0.81
C GLU A 3 60.92 -29.76 -0.18
N ILE A 4 61.28 -28.56 0.28
CA ILE A 4 61.27 -27.38 -0.56
C ILE A 4 62.69 -26.82 -0.67
N GLU A 5 63.10 -26.58 -1.90
CA GLU A 5 64.37 -25.94 -2.20
C GLU A 5 64.15 -24.44 -2.39
N TRP A 6 65.09 -23.64 -1.87
CA TRP A 6 64.87 -22.23 -1.66
C TRP A 6 65.76 -21.38 -2.57
N HIS A 7 65.13 -20.68 -3.51
CA HIS A 7 65.78 -19.62 -4.26
C HIS A 7 65.44 -18.32 -3.57
N LYS A 8 66.33 -17.85 -2.73
CA LYS A 8 66.06 -16.69 -1.89
C LYS A 8 66.66 -15.43 -2.49
N PHE A 9 66.10 -14.29 -2.12
CA PHE A 9 66.64 -13.02 -2.54
C PHE A 9 67.88 -12.69 -1.71
N GLU A 10 68.49 -11.55 -2.02
CA GLU A 10 69.63 -11.10 -1.25
C GLU A 10 69.20 -10.62 0.12
N THR A 11 67.99 -10.09 0.24
CA THR A 11 67.49 -9.59 1.51
C THR A 11 66.03 -9.99 1.66
N SER A 12 65.51 -9.81 2.87
CA SER A 12 64.12 -10.11 3.18
C SER A 12 63.28 -8.95 2.67
N GLU A 13 62.72 -9.11 1.48
CA GLU A 13 61.99 -8.04 0.81
C GLU A 13 60.50 -8.28 0.96
N GLU A 14 59.81 -7.33 1.56
CA GLU A 14 58.39 -7.47 1.91
C GLU A 14 57.53 -7.75 0.69
N ILE A 15 56.95 -8.96 0.61
CA ILE A 15 56.16 -9.34 -0.55
C ILE A 15 54.86 -8.55 -0.58
N ILE A 16 54.43 -8.18 -1.79
CA ILE A 16 53.23 -7.37 -1.91
C ILE A 16 52.26 -7.96 -2.92
N SER A 17 52.75 -8.78 -3.84
CA SER A 17 51.82 -9.47 -4.72
C SER A 17 52.54 -10.61 -5.42
N THR A 18 51.77 -11.61 -5.83
CA THR A 18 52.33 -12.71 -6.61
C THR A 18 51.33 -13.10 -7.68
N TYR A 19 51.80 -13.25 -8.91
CA TYR A 19 50.94 -13.58 -10.04
C TYR A 19 51.58 -14.66 -10.88
N LEU A 20 50.75 -15.45 -11.53
CA LEU A 20 51.21 -16.42 -12.52
C LEU A 20 50.84 -15.91 -13.89
N ILE A 21 51.84 -15.63 -14.71
CA ILE A 21 51.62 -15.23 -16.10
C ILE A 21 52.29 -16.29 -16.95
N ASP A 22 51.48 -17.16 -17.54
CA ASP A 22 51.98 -18.21 -18.44
C ASP A 22 53.07 -19.02 -17.77
N ASP A 23 52.78 -19.53 -16.58
CA ASP A 23 53.68 -20.37 -15.79
C ASP A 23 54.94 -19.65 -15.37
N VAL A 24 55.01 -18.33 -15.54
CA VAL A 24 56.11 -17.54 -15.00
C VAL A 24 55.59 -16.82 -13.77
N LEU A 25 56.31 -16.95 -12.67
CA LEU A 25 55.92 -16.29 -11.44
C LEU A 25 56.40 -14.85 -11.48
N TYR A 26 55.51 -13.92 -11.18
CA TYR A 26 55.83 -12.51 -11.08
C TYR A 26 55.54 -12.08 -9.66
N THR A 27 56.59 -11.87 -8.88
CA THR A 27 56.47 -11.53 -7.48
C THR A 27 56.73 -10.05 -7.32
N GLY A 28 55.67 -9.27 -7.16
CA GLY A 28 55.82 -7.87 -6.89
C GLY A 28 56.20 -7.64 -5.45
N VAL A 29 57.34 -7.00 -5.25
CA VAL A 29 57.86 -6.73 -3.92
C VAL A 29 58.00 -5.23 -3.78
N ASN A 30 58.52 -4.76 -2.65
CA ASN A 30 58.83 -3.35 -2.53
C ASN A 30 60.08 -3.04 -3.34
N GLY A 31 60.00 -2.08 -4.25
CA GLY A 31 61.12 -1.80 -5.09
C GLY A 31 61.06 -2.53 -6.42
N ALA A 32 61.75 -3.67 -6.50
CA ALA A 32 61.86 -4.40 -7.75
C ALA A 32 60.70 -5.36 -7.93
N VAL A 33 60.71 -6.07 -9.04
CA VAL A 33 59.80 -7.17 -9.32
C VAL A 33 60.63 -8.41 -9.59
N TYR A 34 60.23 -9.53 -9.03
CA TYR A 34 60.97 -10.76 -9.26
C TYR A 34 60.25 -11.61 -10.28
N THR A 35 61.02 -12.39 -11.03
CA THR A 35 60.51 -13.16 -12.13
C THR A 35 61.07 -14.56 -12.01
N PHE A 36 60.25 -15.51 -11.66
CA PHE A 36 60.67 -16.88 -11.47
C PHE A 36 60.25 -17.71 -12.66
N SER A 37 61.20 -18.45 -13.22
CA SER A 37 60.89 -19.42 -14.26
C SER A 37 62.11 -20.30 -14.46
N ASN A 38 61.86 -21.61 -14.59
CA ASN A 38 62.93 -22.60 -14.72
C ASN A 38 63.92 -22.52 -13.57
N ASN A 39 63.40 -22.37 -12.35
CA ASN A 39 64.22 -22.21 -11.17
C ASN A 39 65.19 -21.04 -11.31
N GLU A 40 64.81 -20.06 -12.13
CA GLU A 40 65.61 -18.87 -12.39
C GLU A 40 64.88 -17.66 -11.80
N LEU A 41 65.56 -16.95 -10.91
CA LEU A 41 64.97 -15.83 -10.19
C LEU A 41 65.60 -14.53 -10.69
N ASN A 42 65.03 -13.97 -11.75
CA ASN A 42 65.51 -12.73 -12.32
C ASN A 42 64.82 -11.56 -11.64
N LYS A 43 65.57 -10.79 -10.87
CA LYS A 43 65.07 -9.59 -10.23
C LYS A 43 65.24 -8.42 -11.18
N THR A 44 64.24 -7.55 -11.25
CA THR A 44 64.30 -6.37 -12.10
C THR A 44 63.86 -5.17 -11.28
N GLY A 45 64.79 -4.26 -11.02
CA GLY A 45 64.46 -3.06 -10.27
C GLY A 45 63.76 -2.04 -11.15
N LEU A 46 62.80 -1.34 -10.55
CA LEU A 46 62.07 -0.29 -11.25
C LEU A 46 62.27 1.07 -10.60
N THR A 47 62.00 1.17 -9.30
CA THR A 47 62.21 2.37 -8.52
C THR A 47 62.12 1.92 -7.07
N ASN A 48 62.52 2.78 -6.14
CA ASN A 48 62.57 2.34 -4.74
C ASN A 48 62.12 3.39 -3.75
N ASN A 49 61.47 4.47 -4.18
CA ASN A 49 60.99 5.46 -3.22
C ASN A 49 59.97 4.84 -2.29
N ASN A 50 58.79 4.51 -2.80
CA ASN A 50 57.86 3.63 -2.12
C ASN A 50 57.54 2.42 -2.98
N ASN A 51 57.01 2.64 -4.18
CA ASN A 51 56.92 1.68 -5.26
C ASN A 51 56.68 0.25 -4.79
N TYR A 52 55.62 0.04 -4.03
CA TYR A 52 55.16 -1.31 -3.77
C TYR A 52 54.55 -1.83 -5.06
N ILE A 53 55.28 -2.68 -5.78
CA ILE A 53 54.71 -3.28 -6.96
C ILE A 53 53.54 -4.16 -6.54
N THR A 54 52.37 -3.94 -7.14
CA THR A 54 51.22 -4.75 -6.81
C THR A 54 50.61 -5.46 -8.00
N THR A 55 50.73 -4.94 -9.21
CA THR A 55 50.06 -5.54 -10.34
C THR A 55 51.08 -6.06 -11.34
N SER A 56 50.85 -7.27 -11.84
CA SER A 56 51.67 -7.81 -12.91
C SER A 56 50.79 -8.51 -13.94
N ILE A 57 49.73 -7.84 -14.38
CA ILE A 57 48.82 -8.38 -15.36
C ILE A 57 49.46 -8.48 -16.72
N LYS A 58 48.77 -9.15 -17.65
CA LYS A 58 49.21 -9.28 -19.02
C LYS A 58 48.09 -8.86 -19.95
N VAL A 59 48.33 -7.82 -20.74
CA VAL A 59 47.40 -7.38 -21.77
C VAL A 59 47.94 -7.66 -23.16
N GLU A 60 49.03 -7.01 -23.55
CA GLU A 60 49.79 -7.39 -24.73
C GLU A 60 51.20 -7.79 -24.35
N ASP A 61 51.89 -6.93 -23.61
CA ASP A 61 53.06 -7.32 -22.85
C ASP A 61 52.68 -7.38 -21.38
N THR A 62 53.38 -8.20 -20.63
CA THR A 62 53.05 -8.31 -19.23
C THR A 62 53.51 -7.05 -18.51
N LEU A 63 52.69 -6.01 -18.55
CA LEU A 63 53.05 -4.78 -17.88
C LEU A 63 52.94 -4.97 -16.38
N VAL A 64 53.71 -4.16 -15.64
CA VAL A 64 53.84 -4.30 -14.20
C VAL A 64 53.66 -2.94 -13.58
N CYS A 65 52.68 -2.79 -12.71
CA CYS A 65 52.32 -1.51 -12.16
C CYS A 65 52.55 -1.48 -10.67
N GLY A 66 53.06 -0.36 -10.18
CA GLY A 66 53.31 -0.17 -8.78
C GLY A 66 52.83 1.20 -8.34
N THR A 67 53.14 1.53 -7.10
CA THR A 67 52.72 2.79 -6.51
C THR A 67 53.95 3.59 -6.09
N ASN A 68 54.52 4.32 -7.04
CA ASN A 68 55.68 5.13 -6.71
C ASN A 68 55.24 6.29 -5.86
N ASN A 69 55.38 6.14 -4.54
CA ASN A 69 55.22 7.23 -3.58
C ASN A 69 53.89 7.95 -3.76
N GLY A 70 52.81 7.22 -3.52
CA GLY A 70 51.50 7.79 -3.65
C GLY A 70 51.12 8.20 -5.05
N ASN A 71 51.86 7.75 -6.06
CA ASN A 71 51.48 7.97 -7.44
C ASN A 71 51.50 6.65 -8.17
N PRO A 72 50.37 6.13 -8.64
CA PRO A 72 50.36 4.82 -9.27
C PRO A 72 50.77 4.91 -10.73
N LYS A 73 51.64 4.00 -11.14
CA LYS A 73 52.24 4.09 -12.45
C LYS A 73 52.69 2.72 -12.90
N CYS A 74 52.53 2.45 -14.19
CA CYS A 74 52.88 1.16 -14.77
C CYS A 74 54.23 1.23 -15.47
N TRP A 75 54.67 0.07 -15.92
CA TRP A 75 55.90 -0.07 -16.67
C TRP A 75 55.77 -1.26 -17.58
N LYS A 76 56.62 -1.31 -18.59
CA LYS A 76 56.79 -2.57 -19.26
C LYS A 76 57.53 -3.51 -18.33
N ILE A 77 57.65 -4.77 -18.75
CA ILE A 77 58.19 -5.79 -17.85
C ILE A 77 59.59 -5.41 -17.39
N ASP A 78 60.45 -4.99 -18.33
CA ASP A 78 61.84 -4.69 -18.02
C ASP A 78 62.05 -3.21 -17.74
N GLY A 79 61.30 -2.67 -16.79
CA GLY A 79 61.54 -1.33 -16.29
C GLY A 79 61.25 -0.23 -17.28
N SER A 80 61.00 -0.60 -18.53
CA SER A 80 60.71 0.39 -19.55
C SER A 80 59.41 1.12 -19.21
N GLU A 81 59.15 2.19 -19.93
CA GLU A 81 57.99 3.01 -19.67
C GLU A 81 56.81 2.51 -20.50
N ASP A 82 55.61 2.70 -19.96
CA ASP A 82 54.43 2.25 -20.65
C ASP A 82 54.12 3.20 -21.80
N PRO A 83 53.94 2.71 -23.02
CA PRO A 83 53.53 3.61 -24.10
C PRO A 83 52.22 4.31 -23.80
N LYS A 84 51.21 3.57 -23.36
CA LYS A 84 49.91 4.17 -23.14
C LYS A 84 49.79 4.87 -21.79
N TYR A 85 50.84 4.85 -20.98
CA TYR A 85 50.87 5.56 -19.71
C TYR A 85 49.77 5.07 -18.77
N ARG A 86 49.47 3.80 -18.85
CA ARG A 86 48.52 3.23 -17.90
C ARG A 86 49.07 3.31 -16.49
N GLY A 87 48.19 3.18 -15.52
CA GLY A 87 48.66 3.29 -14.16
C GLY A 87 47.71 3.91 -13.17
N ARG A 88 46.54 4.39 -13.59
CA ARG A 88 45.62 4.95 -12.59
C ARG A 88 44.91 3.84 -11.82
N GLY A 89 44.10 3.06 -12.52
CA GLY A 89 43.34 2.05 -11.83
C GLY A 89 44.08 0.73 -11.80
N TYR A 90 45.37 0.77 -12.05
CA TYR A 90 46.17 -0.44 -12.15
C TYR A 90 46.98 -0.71 -10.90
N ALA A 91 47.19 0.29 -10.06
CA ALA A 91 47.95 0.12 -8.84
C ALA A 91 47.33 1.02 -7.79
N PRO A 92 47.30 0.60 -6.55
CA PRO A 92 46.65 1.41 -5.51
C PRO A 92 47.51 2.61 -5.15
N TYR A 93 46.88 3.57 -4.48
CA TYR A 93 47.62 4.74 -4.02
C TYR A 93 48.50 4.43 -2.83
N GLN A 94 48.22 3.36 -2.11
CA GLN A 94 49.05 2.95 -0.99
C GLN A 94 49.02 1.44 -0.94
N ASN A 95 49.93 0.87 -0.15
CA ASN A 95 50.03 -0.57 -0.08
C ASN A 95 48.73 -1.17 0.40
N SER A 96 48.13 -2.00 -0.45
CA SER A 96 46.87 -2.65 -0.09
C SER A 96 46.81 -3.99 -0.80
N LYS A 97 45.79 -4.77 -0.44
CA LYS A 97 45.47 -5.99 -1.16
C LYS A 97 44.57 -5.62 -2.32
N VAL A 98 44.91 -6.10 -3.51
CA VAL A 98 44.17 -5.75 -4.71
C VAL A 98 43.56 -7.01 -5.30
N THR A 99 42.68 -6.81 -6.27
CA THR A 99 42.12 -7.90 -7.05
C THR A 99 42.00 -7.39 -8.47
N ILE A 100 42.91 -7.83 -9.34
CA ILE A 100 42.96 -7.34 -10.70
C ILE A 100 43.20 -8.51 -11.63
N ILE A 101 42.25 -8.79 -12.50
CA ILE A 101 42.35 -9.86 -13.45
C ILE A 101 42.46 -9.26 -14.83
N SER A 102 42.97 -10.06 -15.75
CA SER A 102 43.08 -9.63 -17.14
C SER A 102 42.60 -10.76 -18.02
N HIS A 103 41.50 -10.55 -18.72
CA HIS A 103 41.10 -11.46 -19.78
C HIS A 103 41.95 -11.13 -20.99
N ASN A 104 41.47 -11.47 -22.18
CA ASN A 104 42.26 -11.31 -23.40
C ASN A 104 43.06 -10.02 -23.41
N GLU A 105 42.39 -8.88 -23.41
CA GLU A 105 43.10 -7.61 -23.34
C GLU A 105 42.32 -6.62 -22.50
N CYS A 106 41.57 -7.11 -21.52
CA CYS A 106 40.50 -6.36 -20.89
C CYS A 106 40.71 -6.42 -19.39
N VAL A 107 41.32 -5.40 -18.83
CA VAL A 107 41.71 -5.41 -17.43
C VAL A 107 40.49 -5.07 -16.58
N LEU A 108 40.18 -5.93 -15.63
CA LEU A 108 39.15 -5.65 -14.64
C LEU A 108 39.79 -5.61 -13.28
N SER A 109 39.39 -4.66 -12.45
CA SER A 109 40.05 -4.54 -11.16
C SER A 109 39.19 -3.74 -10.21
N ASP A 110 39.42 -3.97 -8.92
CA ASP A 110 38.78 -3.21 -7.86
C ASP A 110 39.69 -2.14 -7.29
N ILE A 111 40.84 -1.90 -7.91
CA ILE A 111 41.81 -1.00 -7.34
C ILE A 111 41.24 0.41 -7.27
N ASN A 112 41.59 1.13 -6.21
CA ASN A 112 41.10 2.48 -6.04
C ASN A 112 41.58 3.36 -7.18
N ILE A 113 40.68 4.18 -7.68
CA ILE A 113 41.00 5.00 -8.84
C ILE A 113 41.42 6.41 -8.44
N SER A 114 41.08 6.84 -7.25
CA SER A 114 41.39 8.16 -6.77
C SER A 114 42.00 8.04 -5.39
N LYS A 115 42.23 9.18 -4.75
CA LYS A 115 42.87 9.15 -3.45
C LYS A 115 41.90 8.81 -2.34
N GLU A 116 40.67 9.32 -2.41
CA GLU A 116 39.73 9.14 -1.31
C GLU A 116 39.41 7.67 -1.08
N GLY A 117 39.03 6.96 -2.13
CA GLY A 117 38.89 5.53 -2.01
C GLY A 117 37.49 4.97 -1.79
N ILE A 118 36.55 5.35 -2.64
CA ILE A 118 35.28 4.63 -2.69
C ILE A 118 35.49 3.34 -3.48
N LYS A 119 35.11 2.21 -2.88
CA LYS A 119 35.39 0.90 -3.46
C LYS A 119 34.42 0.60 -4.58
N ARG A 120 34.95 0.25 -5.74
CA ARG A 120 34.13 -0.13 -6.88
C ARG A 120 34.85 -1.21 -7.65
N TRP A 121 34.12 -1.86 -8.54
CA TRP A 121 34.65 -2.90 -9.39
C TRP A 121 34.59 -2.39 -10.81
N ARG A 122 35.73 -2.29 -11.46
CA ARG A 122 35.81 -1.59 -12.72
C ARG A 122 36.41 -2.47 -13.80
N ARG A 123 35.93 -2.27 -15.01
CA ARG A 123 36.60 -2.73 -16.21
C ARG A 123 37.18 -1.51 -16.93
N PHE A 124 38.45 -1.60 -17.29
CA PHE A 124 39.12 -0.45 -17.87
C PHE A 124 39.06 -0.49 -19.38
N ASP A 125 39.45 0.62 -19.99
CA ASP A 125 39.26 0.79 -21.42
C ASP A 125 40.07 -0.21 -22.21
N GLY A 126 39.46 -0.75 -23.26
CA GLY A 126 40.09 -1.73 -24.09
C GLY A 126 39.08 -2.41 -24.99
N PRO A 127 39.45 -3.57 -25.50
CA PRO A 127 38.63 -4.23 -26.52
C PRO A 127 37.20 -4.48 -26.11
N CYS A 128 36.89 -4.56 -24.82
CA CYS A 128 35.54 -4.86 -24.42
C CYS A 128 34.62 -3.66 -24.60
N GLY A 129 35.14 -2.47 -24.42
CA GLY A 129 34.36 -1.28 -24.44
C GLY A 129 35.02 -0.24 -23.57
N TYR A 130 34.28 0.81 -23.24
CA TYR A 130 34.83 1.86 -22.40
C TYR A 130 34.77 1.40 -20.95
N ASP A 131 35.29 2.22 -20.05
CA ASP A 131 35.34 1.84 -18.65
C ASP A 131 33.96 1.60 -18.09
N LEU A 132 33.90 0.84 -17.01
CA LEU A 132 32.66 0.57 -16.32
C LEU A 132 32.94 0.55 -14.83
N TYR A 133 31.91 0.81 -14.03
CA TYR A 133 32.10 0.78 -12.60
C TYR A 133 30.79 0.41 -11.95
N THR A 134 30.87 -0.29 -10.82
CA THR A 134 29.66 -0.66 -10.11
C THR A 134 29.13 0.50 -9.31
N ALA A 135 27.82 0.52 -9.12
CA ALA A 135 27.22 1.56 -8.30
C ALA A 135 27.81 1.51 -6.91
N ASP A 136 27.66 2.62 -6.18
CA ASP A 136 28.34 2.73 -4.90
C ASP A 136 27.67 1.86 -3.86
N ASN A 137 28.46 1.50 -2.85
CA ASN A 137 28.04 0.65 -1.74
C ASN A 137 27.70 -0.76 -2.19
N VAL A 138 27.87 -1.09 -3.45
CA VAL A 138 27.67 -2.46 -3.89
C VAL A 138 28.83 -3.32 -3.45
N ILE A 139 30.04 -2.91 -3.77
CA ILE A 139 31.24 -3.62 -3.32
C ILE A 139 31.56 -3.20 -1.89
N PRO A 140 31.80 -4.12 -0.98
CA PRO A 140 32.10 -3.74 0.39
C PRO A 140 33.46 -3.10 0.51
N LYS A 141 33.63 -2.28 1.55
CA LYS A 141 34.89 -1.61 1.79
C LYS A 141 36.04 -2.58 1.89
N ASP A 142 35.77 -3.83 2.23
CA ASP A 142 36.83 -4.84 2.31
C ASP A 142 37.41 -5.15 0.95
N GLY A 143 36.63 -5.00 -0.11
CA GLY A 143 37.09 -5.24 -1.45
C GLY A 143 36.50 -6.52 -2.03
N VAL A 144 36.93 -6.82 -3.24
CA VAL A 144 36.52 -8.04 -3.94
C VAL A 144 37.60 -9.07 -3.70
N ARG A 145 37.21 -10.26 -3.28
CA ARG A 145 38.20 -11.22 -2.85
C ARG A 145 38.62 -12.18 -3.94
N GLY A 146 37.76 -12.49 -4.89
CA GLY A 146 38.15 -13.36 -5.98
C GLY A 146 37.51 -12.91 -7.25
N ALA A 147 38.16 -13.20 -8.37
CA ALA A 147 37.59 -12.80 -9.65
C ALA A 147 38.13 -13.69 -10.75
N PHE A 148 37.24 -14.10 -11.64
CA PHE A 148 37.63 -14.99 -12.73
C PHE A 148 36.61 -14.88 -13.84
N VAL A 149 37.04 -15.22 -15.05
CA VAL A 149 36.19 -15.09 -16.24
C VAL A 149 35.86 -16.47 -16.76
N ASP A 150 34.60 -16.67 -17.10
CA ASP A 150 34.12 -17.97 -17.52
C ASP A 150 33.09 -17.79 -18.62
N LYS A 151 33.09 -18.68 -19.59
CA LYS A 151 32.09 -18.62 -20.64
C LYS A 151 30.71 -18.84 -20.04
N ASP A 152 29.71 -18.25 -20.68
CA ASP A 152 28.34 -18.56 -20.32
C ASP A 152 27.71 -19.30 -21.50
N GLY A 153 28.48 -20.22 -22.07
CA GLY A 153 28.08 -20.82 -23.31
C GLY A 153 28.60 -20.02 -24.48
N THR A 154 28.04 -18.83 -24.68
CA THR A 154 28.44 -17.99 -25.80
C THR A 154 29.09 -16.68 -25.40
N TYR A 155 28.69 -16.05 -24.30
CA TYR A 155 29.26 -14.79 -23.86
C TYR A 155 30.18 -15.03 -22.69
N ASP A 156 31.33 -14.37 -22.70
CA ASP A 156 32.17 -14.34 -21.52
C ASP A 156 31.44 -13.62 -20.40
N LYS A 157 31.59 -14.12 -19.19
CA LYS A 157 31.07 -13.45 -18.02
C LYS A 157 32.17 -13.37 -16.98
N VAL A 158 32.11 -12.34 -16.16
CA VAL A 158 33.07 -12.13 -15.08
C VAL A 158 32.36 -12.44 -13.79
N TYR A 159 33.02 -13.19 -12.92
CA TYR A 159 32.49 -13.56 -11.62
C TYR A 159 33.43 -13.02 -10.57
N ILE A 160 32.86 -12.45 -9.51
CA ILE A 160 33.64 -11.90 -8.41
C ILE A 160 33.00 -12.35 -7.11
N LEU A 161 33.84 -12.71 -6.15
CA LEU A 161 33.40 -13.11 -4.83
C LEU A 161 33.86 -12.08 -3.83
N PHE A 162 32.93 -11.63 -3.00
CA PHE A 162 33.24 -10.69 -1.94
C PHE A 162 32.44 -11.06 -0.71
N THR A 163 32.58 -10.30 0.36
CA THR A 163 31.87 -10.57 1.61
C THR A 163 31.27 -9.26 2.10
N ASP A 164 29.96 -9.14 1.97
CA ASP A 164 29.28 -7.94 2.40
C ASP A 164 29.16 -7.95 3.91
N THR A 165 29.02 -6.77 4.49
CA THR A 165 28.86 -6.61 5.94
C THR A 165 27.56 -5.85 6.18
N ILE A 166 26.47 -6.58 6.25
CA ILE A 166 25.16 -5.98 6.45
C ILE A 166 25.03 -5.60 7.92
N ASP A 167 24.33 -4.51 8.17
CA ASP A 167 24.21 -4.00 9.54
C ASP A 167 22.82 -3.39 9.69
N THR A 168 21.89 -4.17 10.22
CA THR A 168 20.54 -3.68 10.51
C THR A 168 20.27 -3.64 12.00
N LYS A 169 20.34 -4.77 12.68
CA LYS A 169 20.25 -4.84 14.13
C LYS A 169 21.52 -5.37 14.74
N ARG A 170 22.17 -6.31 14.08
CA ARG A 170 23.53 -6.66 14.42
C ARG A 170 24.30 -6.88 13.13
N ILE A 171 25.63 -6.77 13.23
CA ILE A 171 26.49 -6.89 12.06
C ILE A 171 26.57 -8.35 11.64
N VAL A 172 26.21 -8.62 10.39
CA VAL A 172 26.30 -9.96 9.84
C VAL A 172 27.10 -9.90 8.55
N LYS A 173 28.09 -10.77 8.43
CA LYS A 173 28.82 -10.90 7.19
C LYS A 173 28.13 -11.92 6.31
N ILE A 174 28.12 -11.67 5.00
CA ILE A 174 27.44 -12.52 4.05
C ILE A 174 28.34 -12.71 2.83
N PRO A 175 28.72 -13.92 2.47
CA PRO A 175 29.55 -14.12 1.29
C PRO A 175 28.68 -14.07 0.05
N TYR A 176 29.18 -13.42 -1.00
CA TYR A 176 28.44 -13.24 -2.23
C TYR A 176 29.31 -13.59 -3.43
N ILE A 177 28.66 -14.13 -4.44
CA ILE A 177 29.25 -14.21 -5.78
C ILE A 177 28.41 -13.34 -6.68
N ALA A 178 29.06 -12.71 -7.65
CA ALA A 178 28.41 -11.72 -8.48
C ALA A 178 28.86 -11.90 -9.91
N GLN A 179 27.90 -11.86 -10.82
CA GLN A 179 28.14 -12.07 -12.22
C GLN A 179 27.89 -10.78 -12.98
N MET A 180 28.71 -10.56 -14.00
CA MET A 180 28.55 -9.44 -14.90
C MET A 180 28.95 -9.91 -16.28
N CYS A 181 28.45 -9.21 -17.30
CA CYS A 181 28.75 -9.56 -18.68
C CYS A 181 30.02 -8.84 -19.11
N LEU A 182 31.04 -9.61 -19.50
CA LEU A 182 32.34 -9.01 -19.76
C LEU A 182 32.25 -7.91 -20.80
N ASN A 183 31.42 -8.09 -21.81
CA ASN A 183 31.23 -7.10 -22.87
C ASN A 183 30.00 -6.26 -22.63
N ASP A 184 29.70 -5.92 -21.38
CA ASP A 184 28.60 -5.02 -21.11
C ASP A 184 28.85 -3.68 -21.77
N GLU A 185 27.78 -3.01 -22.15
CA GLU A 185 27.88 -1.73 -22.83
C GLU A 185 27.61 -0.56 -21.91
N GLY A 186 27.25 -0.82 -20.67
CA GLY A 186 26.83 0.23 -19.78
C GLY A 186 25.33 0.37 -19.80
N GLY A 187 24.83 1.18 -18.87
CA GLY A 187 23.42 1.37 -18.74
C GLY A 187 22.89 2.26 -19.83
N PRO A 188 21.64 2.52 -19.78
CA PRO A 188 21.00 3.25 -20.88
C PRO A 188 21.16 4.75 -20.80
N SER A 189 21.18 5.29 -19.58
CA SER A 189 21.12 6.73 -19.41
C SER A 189 22.50 7.35 -19.60
N SER A 190 22.57 8.65 -19.37
CA SER A 190 23.85 9.33 -19.48
C SER A 190 24.62 9.28 -18.18
N LEU A 191 23.93 9.39 -17.06
CA LEU A 191 24.58 9.22 -15.78
C LEU A 191 24.99 7.77 -15.58
N SER A 192 24.08 6.86 -15.85
CA SER A 192 24.35 5.43 -15.73
C SER A 192 24.84 4.86 -17.02
N SER A 193 25.82 5.49 -17.64
CA SER A 193 26.32 5.01 -18.91
C SER A 193 27.62 4.26 -18.77
N HIS A 194 28.33 4.47 -17.68
CA HIS A 194 29.54 3.71 -17.40
C HIS A 194 29.34 2.77 -16.22
N ARG A 195 28.11 2.38 -15.95
CA ARG A 195 27.82 1.46 -14.88
C ARG A 195 27.47 0.10 -15.45
N TRP A 196 27.92 -0.95 -14.79
CA TRP A 196 27.55 -2.29 -15.21
C TRP A 196 26.05 -2.41 -15.24
N SER A 197 25.53 -3.01 -16.30
CA SER A 197 24.10 -3.23 -16.41
C SER A 197 23.71 -4.68 -16.21
N THR A 198 24.70 -5.57 -16.07
CA THR A 198 24.43 -6.99 -15.90
C THR A 198 24.97 -7.51 -14.58
N PHE A 199 25.00 -6.69 -13.55
CA PHE A 199 25.57 -7.10 -12.28
C PHE A 199 24.49 -7.76 -11.43
N LEU A 200 24.73 -9.00 -11.02
CA LEU A 200 23.82 -9.68 -10.11
C LEU A 200 24.65 -10.39 -9.06
N LYS A 201 24.02 -10.77 -7.97
CA LYS A 201 24.77 -11.46 -6.93
C LYS A 201 23.86 -12.36 -6.12
N VAL A 202 24.42 -13.51 -5.70
CA VAL A 202 23.76 -14.44 -4.81
C VAL A 202 24.63 -14.66 -3.60
N GLU A 203 24.01 -15.09 -2.52
CA GLU A 203 24.74 -15.51 -1.34
C GLU A 203 25.30 -16.90 -1.60
N LEU A 204 26.52 -17.13 -1.15
CA LEU A 204 26.99 -18.49 -1.06
C LEU A 204 26.53 -19.05 0.27
N GLU A 205 26.99 -20.25 0.62
CA GLU A 205 26.65 -20.83 1.90
C GLU A 205 27.64 -21.95 2.16
N CYS A 206 28.36 -21.87 3.28
CA CYS A 206 29.29 -22.93 3.65
C CYS A 206 29.02 -23.27 5.11
N ASP A 207 28.04 -24.14 5.33
CA ASP A 207 27.66 -24.59 6.66
C ASP A 207 28.12 -26.03 6.83
N ILE A 208 28.52 -26.38 8.05
CA ILE A 208 29.06 -27.72 8.25
C ILE A 208 28.33 -28.44 9.37
N ASP A 209 28.28 -27.84 10.55
CA ASP A 209 27.56 -28.44 11.67
C ASP A 209 26.71 -27.40 12.35
N GLY A 210 25.98 -26.63 11.56
CA GLY A 210 25.31 -25.48 12.08
C GLY A 210 26.20 -24.27 12.22
N ARG A 211 27.50 -24.41 11.98
CA ARG A 211 28.39 -23.28 11.93
C ARG A 211 28.52 -22.82 10.49
N SER A 212 28.00 -21.64 10.19
CA SER A 212 28.05 -21.10 8.85
C SER A 212 29.23 -20.16 8.75
N TYR A 213 30.04 -20.34 7.72
CA TYR A 213 31.20 -19.49 7.48
C TYR A 213 30.81 -18.39 6.53
N ARG A 214 31.37 -17.21 6.73
CA ARG A 214 30.91 -16.07 5.95
C ARG A 214 32.00 -15.12 5.47
N GLN A 215 33.25 -15.34 5.79
CA GLN A 215 34.31 -14.43 5.42
C GLN A 215 35.18 -15.11 4.37
N ILE A 216 35.12 -14.63 3.13
CA ILE A 216 35.89 -15.21 2.05
C ILE A 216 37.34 -14.81 2.20
N ILE A 217 38.24 -15.77 2.02
CA ILE A 217 39.67 -15.48 1.99
C ILE A 217 40.18 -15.42 0.57
N HIS A 218 39.84 -16.42 -0.23
CA HIS A 218 40.48 -16.61 -1.50
C HIS A 218 39.68 -17.63 -2.29
N SER A 219 39.69 -17.46 -3.61
CA SER A 219 38.90 -18.30 -4.49
C SER A 219 39.72 -18.75 -5.67
N LYS A 220 39.30 -19.86 -6.27
CA LYS A 220 39.92 -20.32 -7.49
C LYS A 220 38.98 -21.24 -8.23
N ALA A 221 38.80 -21.00 -9.52
CA ALA A 221 37.83 -21.76 -10.33
C ALA A 221 38.61 -22.68 -11.26
N ILE A 222 38.55 -23.97 -10.99
CA ILE A 222 39.18 -24.96 -11.84
C ILE A 222 38.23 -25.28 -12.98
N LYS A 223 38.78 -25.47 -14.17
CA LYS A 223 37.98 -25.76 -15.35
C LYS A 223 38.04 -27.25 -15.66
N THR A 224 36.90 -27.91 -15.64
CA THR A 224 36.82 -29.34 -15.89
C THR A 224 35.99 -29.60 -17.13
N ASP A 225 35.72 -30.87 -17.38
CA ASP A 225 35.10 -31.29 -18.63
C ASP A 225 33.71 -30.68 -18.80
N ASN A 226 32.76 -31.07 -17.95
CA ASN A 226 31.38 -30.65 -18.13
C ASN A 226 31.18 -29.22 -17.70
N ASP A 227 31.94 -28.77 -16.71
CA ASP A 227 31.83 -27.40 -16.24
C ASP A 227 33.05 -27.08 -15.39
N THR A 228 33.03 -25.89 -14.81
CA THR A 228 34.09 -25.47 -13.91
C THR A 228 33.58 -25.46 -12.48
N ILE A 229 34.49 -25.73 -11.55
CA ILE A 229 34.17 -25.90 -10.15
C ILE A 229 34.93 -24.86 -9.36
N LEU A 230 34.23 -24.18 -8.47
CA LEU A 230 34.72 -22.99 -7.80
C LEU A 230 35.07 -23.36 -6.37
N TYR A 231 36.32 -23.15 -5.98
CA TYR A 231 36.81 -23.48 -4.66
C TYR A 231 36.95 -22.19 -3.86
N VAL A 232 36.20 -22.07 -2.78
CA VAL A 232 36.23 -20.89 -1.94
C VAL A 232 36.77 -21.27 -0.57
N PHE A 233 37.52 -20.36 0.05
CA PHE A 233 38.07 -20.59 1.37
C PHE A 233 37.54 -19.54 2.32
N PHE A 234 36.77 -19.96 3.31
CA PHE A 234 36.16 -19.06 4.26
C PHE A 234 36.92 -19.06 5.57
N ASP A 235 37.03 -17.89 6.18
CA ASP A 235 37.56 -17.78 7.53
C ASP A 235 36.43 -17.40 8.47
N SER A 236 36.68 -17.57 9.76
CA SER A 236 35.68 -17.27 10.77
C SER A 236 36.34 -16.56 11.93
N PRO A 237 35.61 -15.69 12.62
CA PRO A 237 36.17 -15.07 13.83
C PRO A 237 36.41 -16.06 14.93
N TYR A 238 35.87 -17.26 14.81
CA TYR A 238 36.18 -18.35 15.71
C TYR A 238 37.49 -18.94 15.24
N SER A 239 37.82 -20.13 15.73
CA SER A 239 39.14 -20.71 15.46
C SER A 239 39.12 -21.68 14.30
N LYS A 240 38.38 -21.39 13.24
CA LYS A 240 38.27 -22.37 12.17
C LYS A 240 38.16 -21.67 10.83
N SER A 241 38.55 -22.40 9.79
CA SER A 241 38.32 -22.00 8.41
C SER A 241 37.78 -23.20 7.66
N ALA A 242 37.13 -22.95 6.54
CA ALA A 242 36.47 -24.02 5.81
C ALA A 242 36.59 -23.81 4.32
N LEU A 243 37.05 -24.81 3.61
CA LEU A 243 37.03 -24.81 2.15
C LEU A 243 35.73 -25.43 1.70
N CYS A 244 35.04 -24.74 0.80
CA CYS A 244 33.84 -25.25 0.16
C CYS A 244 34.07 -25.26 -1.34
N THR A 245 33.21 -26.00 -2.04
CA THR A 245 33.22 -26.05 -3.49
C THR A 245 31.82 -25.86 -4.02
N TYR A 246 31.71 -25.18 -5.15
CA TYR A 246 30.44 -24.86 -5.76
C TYR A 246 30.53 -25.20 -7.23
N SER A 247 29.41 -25.63 -7.80
CA SER A 247 29.38 -26.02 -9.20
C SER A 247 28.95 -24.82 -10.02
N MET A 248 29.88 -24.26 -10.79
CA MET A 248 29.56 -23.08 -11.58
C MET A 248 28.36 -23.30 -12.46
N ASN A 249 28.07 -24.55 -12.85
CA ASN A 249 26.85 -24.80 -13.61
C ASN A 249 25.63 -24.52 -12.77
N ALA A 250 25.62 -24.98 -11.53
CA ALA A 250 24.52 -24.66 -10.63
C ALA A 250 24.39 -23.16 -10.44
N ILE A 251 25.51 -22.47 -10.31
CA ILE A 251 25.47 -21.03 -10.11
C ILE A 251 24.90 -20.34 -11.33
N LYS A 252 25.36 -20.72 -12.53
CA LYS A 252 24.85 -20.11 -13.75
C LYS A 252 23.36 -20.36 -13.89
N HIS A 253 22.94 -21.60 -13.66
CA HIS A 253 21.52 -21.90 -13.73
C HIS A 253 20.74 -21.06 -12.74
N SER A 254 21.27 -20.89 -11.54
CA SER A 254 20.58 -20.08 -10.55
C SER A 254 20.48 -18.63 -10.99
N PHE A 255 21.55 -18.11 -11.59
CA PHE A 255 21.52 -16.75 -12.07
C PHE A 255 20.50 -16.58 -13.17
N SER A 256 20.37 -17.56 -14.05
CA SER A 256 19.47 -17.41 -15.19
C SER A 256 18.03 -17.62 -14.80
N THR A 257 17.75 -18.45 -13.79
CA THR A 257 16.38 -18.83 -13.48
C THR A 257 15.82 -18.19 -12.22
N SER A 258 16.64 -17.95 -11.21
CA SER A 258 16.08 -17.50 -9.94
C SER A 258 15.50 -16.09 -10.08
N LYS A 259 14.74 -15.70 -9.07
CA LYS A 259 14.03 -14.43 -9.09
C LYS A 259 14.70 -13.42 -8.19
N LEU A 260 14.56 -12.15 -8.53
CA LEU A 260 15.25 -11.10 -7.81
C LEU A 260 14.67 -10.95 -6.42
N GLY A 261 15.54 -11.01 -5.42
CA GLY A 261 15.11 -10.86 -4.06
C GLY A 261 14.43 -9.53 -3.82
N GLY A 262 13.19 -9.56 -3.33
CA GLY A 262 12.44 -8.38 -3.05
C GLY A 262 11.59 -7.90 -4.20
N TYR A 263 11.85 -8.35 -5.41
CA TYR A 263 11.08 -7.97 -6.58
C TYR A 263 10.10 -9.08 -6.90
N THR A 264 8.81 -8.78 -6.76
CA THR A 264 7.77 -9.78 -6.87
C THR A 264 7.12 -9.84 -8.24
N LYS A 265 7.30 -8.83 -9.07
CA LYS A 265 6.57 -8.75 -10.33
C LYS A 265 7.27 -9.58 -11.40
N GLN A 266 6.85 -9.40 -12.64
CA GLN A 266 7.38 -10.18 -13.75
C GLN A 266 8.66 -9.54 -14.27
N LEU A 267 9.69 -10.35 -14.44
CA LEU A 267 10.95 -9.83 -14.95
C LEU A 267 10.84 -9.50 -16.43
N PRO A 268 11.44 -8.40 -16.87
CA PRO A 268 11.29 -7.98 -18.26
C PRO A 268 11.89 -8.95 -19.26
N SER A 269 11.64 -8.69 -20.55
CA SER A 269 12.02 -9.65 -21.59
C SER A 269 13.52 -9.87 -21.68
N PRO A 270 14.38 -8.84 -21.71
CA PRO A 270 15.82 -9.12 -21.62
C PRO A 270 16.18 -9.30 -20.16
N ALA A 271 15.98 -10.52 -19.64
CA ALA A 271 16.11 -10.83 -18.22
C ALA A 271 17.35 -10.17 -17.63
N PRO A 272 17.27 -9.66 -16.42
CA PRO A 272 18.31 -8.78 -15.89
C PRO A 272 19.75 -9.23 -16.08
N GLY A 273 20.11 -10.40 -15.61
CA GLY A 273 21.53 -10.71 -15.73
C GLY A 273 21.99 -11.13 -17.09
N ILE A 274 21.09 -11.18 -18.07
CA ILE A 274 21.39 -11.84 -19.33
C ILE A 274 22.26 -10.96 -20.21
N CYS A 275 23.31 -11.54 -20.77
CA CYS A 275 24.15 -10.84 -21.73
C CYS A 275 23.34 -10.52 -22.98
N LEU A 276 23.81 -9.52 -23.71
CA LEU A 276 23.10 -9.08 -24.89
C LEU A 276 24.00 -9.18 -26.12
N PRO A 277 23.42 -9.34 -27.31
CA PRO A 277 24.24 -9.39 -28.52
C PRO A 277 25.05 -8.11 -28.66
N ALA A 278 26.20 -8.24 -29.32
CA ALA A 278 27.14 -7.14 -29.41
C ALA A 278 26.45 -5.87 -29.90
N GLY A 279 26.74 -4.76 -29.23
CA GLY A 279 26.17 -3.49 -29.58
C GLY A 279 24.84 -3.20 -28.92
N LYS A 280 24.14 -4.20 -28.43
CA LYS A 280 22.87 -3.96 -27.78
C LYS A 280 23.09 -3.30 -26.42
N VAL A 281 22.09 -2.53 -26.00
CA VAL A 281 22.13 -1.81 -24.74
C VAL A 281 20.89 -2.16 -23.93
N VAL A 282 21.09 -2.40 -22.65
CA VAL A 282 19.99 -2.79 -21.77
C VAL A 282 18.92 -1.71 -21.78
N PRO A 283 17.65 -2.07 -21.88
CA PRO A 283 16.60 -1.06 -21.81
C PRO A 283 16.57 -0.36 -20.46
N HIS A 284 15.67 0.61 -20.31
CA HIS A 284 15.66 1.37 -19.07
C HIS A 284 14.95 0.66 -17.95
N THR A 285 13.86 -0.06 -18.26
CA THR A 285 13.13 -0.76 -17.21
C THR A 285 13.98 -1.87 -16.61
N THR A 286 14.57 -2.69 -17.48
CA THR A 286 15.48 -3.72 -17.00
C THR A 286 16.58 -3.13 -16.15
N PHE A 287 17.09 -1.96 -16.54
CA PHE A 287 18.19 -1.40 -15.78
C PHE A 287 17.76 -0.86 -14.44
N ASP A 288 16.60 -0.20 -14.39
CA ASP A 288 16.10 0.26 -13.10
C ASP A 288 15.93 -0.92 -12.15
N ILE A 289 15.36 -2.01 -12.64
CA ILE A 289 15.19 -3.17 -11.79
C ILE A 289 16.54 -3.73 -11.38
N ILE A 290 17.44 -3.92 -12.34
CA ILE A 290 18.72 -4.55 -12.04
C ILE A 290 19.55 -3.70 -11.10
N GLU A 291 19.29 -2.41 -11.01
CA GLU A 291 20.05 -1.61 -10.07
C GLU A 291 19.39 -1.57 -8.71
N GLN A 292 18.07 -1.58 -8.67
CA GLN A 292 17.38 -1.57 -7.38
C GLN A 292 17.53 -2.90 -6.65
N TYR A 293 17.11 -3.98 -7.30
CA TYR A 293 17.17 -5.33 -6.73
C TYR A 293 18.19 -6.13 -7.51
N ASN A 294 19.42 -6.11 -7.05
CA ASN A 294 20.49 -6.78 -7.77
C ASN A 294 20.89 -8.11 -7.13
N GLU A 295 20.04 -8.65 -6.27
CA GLU A 295 20.37 -9.88 -5.57
C GLU A 295 19.26 -10.89 -5.78
N LEU A 296 19.64 -12.11 -6.17
CA LEU A 296 18.64 -13.14 -6.40
C LEU A 296 18.08 -13.67 -5.10
N ASP A 297 16.81 -14.04 -5.12
CA ASP A 297 16.18 -14.71 -3.98
C ASP A 297 16.54 -16.19 -4.02
N ASP A 298 17.76 -16.48 -3.58
CA ASP A 298 18.28 -17.84 -3.63
C ASP A 298 19.51 -17.88 -2.75
N ILE A 299 20.09 -19.07 -2.63
CA ILE A 299 21.35 -19.25 -1.93
C ILE A 299 22.02 -20.48 -2.50
N ILE A 300 23.28 -20.35 -2.87
CA ILE A 300 23.97 -21.41 -3.58
C ILE A 300 24.47 -22.44 -2.57
N LYS A 301 23.99 -23.59 -2.69
CA LYS A 301 24.53 -24.51 -1.72
C LYS A 301 25.72 -25.26 -2.29
N PRO A 302 26.72 -25.52 -1.47
CA PRO A 302 27.96 -26.10 -1.99
C PRO A 302 27.74 -27.48 -2.55
N LEU A 303 28.78 -28.01 -3.17
CA LEU A 303 28.75 -29.40 -3.58
C LEU A 303 28.85 -30.30 -2.36
N SER A 304 28.78 -31.60 -2.61
CA SER A 304 28.88 -32.55 -1.50
C SER A 304 30.28 -32.53 -0.91
N GLN A 305 31.30 -32.54 -1.77
CA GLN A 305 32.68 -32.63 -1.32
C GLN A 305 33.57 -32.02 -2.37
N PRO A 306 34.77 -31.52 -2.00
CA PRO A 306 35.31 -31.51 -0.65
C PRO A 306 34.99 -30.27 0.16
N ILE A 307 34.14 -30.43 1.17
CA ILE A 307 34.01 -29.46 2.25
C ILE A 307 34.97 -29.91 3.33
N PHE A 308 35.81 -29.01 3.81
CA PHE A 308 36.60 -29.42 4.95
C PHE A 308 36.96 -28.19 5.78
N GLU A 309 37.46 -28.43 6.98
CA GLU A 309 37.76 -27.38 7.93
C GLU A 309 39.21 -27.48 8.35
N GLY A 310 39.94 -26.39 8.17
CA GLY A 310 41.29 -26.29 8.64
C GLY A 310 41.44 -25.17 9.63
N PRO A 311 42.67 -24.82 9.95
CA PRO A 311 42.91 -23.83 11.00
C PRO A 311 42.36 -22.47 10.63
N SER A 312 42.40 -21.56 11.58
CA SER A 312 41.95 -20.20 11.37
C SER A 312 43.16 -19.30 11.15
N GLY A 313 43.10 -18.51 10.08
CA GLY A 313 44.22 -17.68 9.71
C GLY A 313 44.97 -18.12 8.49
N VAL A 314 44.46 -19.10 7.75
CA VAL A 314 45.08 -19.45 6.49
C VAL A 314 45.08 -18.21 5.62
N LYS A 315 46.11 -18.09 4.79
CA LYS A 315 46.24 -16.91 3.95
C LYS A 315 46.11 -17.22 2.47
N TRP A 316 46.63 -18.35 2.01
CA TRP A 316 46.53 -18.63 0.59
C TRP A 316 46.09 -20.06 0.40
N PHE A 317 45.70 -20.38 -0.83
CA PHE A 317 45.40 -21.76 -1.17
C PHE A 317 45.42 -21.91 -2.67
N ASP A 318 46.07 -22.97 -3.14
CA ASP A 318 46.11 -23.24 -4.56
C ASP A 318 45.97 -24.74 -4.77
N ILE A 319 45.41 -25.10 -5.93
CA ILE A 319 45.02 -26.47 -6.23
C ILE A 319 46.02 -27.04 -7.22
N LYS A 320 46.21 -28.35 -7.18
CA LYS A 320 47.01 -29.04 -8.17
C LYS A 320 46.44 -30.44 -8.37
N GLU A 321 45.92 -30.71 -9.54
CA GLU A 321 45.30 -32.00 -9.79
C GLU A 321 46.35 -33.09 -9.79
N LYS A 322 46.04 -34.21 -9.14
CA LYS A 322 46.99 -35.30 -9.06
C LYS A 322 47.18 -35.95 -10.41
N GLU A 323 48.44 -36.21 -10.77
CA GLU A 323 48.74 -36.72 -12.10
C GLU A 323 48.24 -38.14 -12.29
N ASN A 324 48.19 -38.92 -11.21
CA ASN A 324 47.77 -40.31 -11.31
C ASN A 324 46.27 -40.40 -11.56
N GLU A 325 45.48 -39.93 -10.61
CA GLU A 325 44.03 -40.00 -10.71
C GLU A 325 43.53 -38.76 -11.45
N HIS A 326 42.22 -38.55 -11.43
CA HIS A 326 41.64 -37.40 -12.11
C HIS A 326 40.39 -36.99 -11.36
N ARG A 327 40.16 -35.68 -11.29
CA ARG A 327 39.19 -35.04 -10.42
C ARG A 327 39.56 -35.19 -8.95
N GLU A 328 40.77 -35.65 -8.66
CA GLU A 328 41.28 -35.73 -7.31
C GLU A 328 42.49 -34.80 -7.20
N TYR A 329 42.39 -33.83 -6.32
CA TYR A 329 43.36 -32.75 -6.25
C TYR A 329 44.14 -32.80 -4.95
N ARG A 330 45.25 -32.07 -4.94
CA ARG A 330 45.95 -31.73 -3.73
C ARG A 330 45.81 -30.22 -3.56
N ILE A 331 45.15 -29.81 -2.49
CA ILE A 331 44.90 -28.42 -2.18
C ILE A 331 45.95 -27.99 -1.19
N TYR A 332 46.89 -27.17 -1.62
CA TYR A 332 47.92 -26.66 -0.74
C TYR A 332 47.43 -25.34 -0.20
N PHE A 333 47.10 -25.28 1.08
CA PHE A 333 46.72 -24.02 1.68
C PHE A 333 47.74 -23.64 2.73
N ILE A 334 48.01 -22.35 2.80
CA ILE A 334 49.20 -21.87 3.47
C ILE A 334 48.78 -20.88 4.52
N LYS A 335 49.41 -21.01 5.68
CA LYS A 335 49.27 -20.14 6.84
C LYS A 335 50.53 -19.30 6.95
N GLU A 336 50.53 -18.40 7.93
CA GLU A 336 51.65 -17.47 8.04
C GLU A 336 52.98 -18.17 8.17
N ASN A 337 53.01 -19.33 8.82
CA ASN A 337 54.26 -20.05 9.03
C ASN A 337 54.21 -21.50 8.58
N THR A 338 53.03 -22.07 8.39
CA THR A 338 52.90 -23.51 8.24
C THR A 338 52.19 -23.84 6.94
N ILE A 339 52.79 -24.71 6.17
CA ILE A 339 52.17 -25.24 4.97
C ILE A 339 51.18 -26.32 5.38
N TYR A 340 50.10 -26.46 4.63
CA TYR A 340 49.21 -27.60 4.78
C TYR A 340 48.84 -28.09 3.41
N SER A 341 48.81 -29.40 3.23
CA SER A 341 48.25 -29.99 2.03
C SER A 341 47.01 -30.75 2.43
N PHE A 342 46.10 -30.91 1.48
CA PHE A 342 44.89 -31.67 1.72
C PHE A 342 44.56 -32.47 0.47
N ASP A 343 44.37 -33.76 0.61
CA ASP A 343 44.07 -34.59 -0.54
C ASP A 343 42.58 -34.84 -0.63
N THR A 344 41.97 -34.45 -1.74
CA THR A 344 40.52 -34.61 -1.87
C THR A 344 40.12 -36.07 -1.81
N LYS A 345 40.98 -36.97 -2.29
CA LYS A 345 40.66 -38.39 -2.26
C LYS A 345 40.75 -38.96 -0.85
N SER A 346 41.93 -38.92 -0.25
CA SER A 346 42.12 -39.50 1.07
C SER A 346 41.49 -38.66 2.16
N LYS A 347 41.18 -37.40 1.87
CA LYS A 347 40.56 -36.49 2.82
C LYS A 347 41.39 -36.34 4.08
N GLN A 348 42.68 -36.66 4.00
CA GLN A 348 43.61 -36.43 5.08
C GLN A 348 44.34 -35.12 4.83
N THR A 349 44.67 -34.42 5.90
CA THR A 349 45.42 -33.18 5.80
C THR A 349 46.82 -33.42 6.34
N ARG A 350 47.80 -33.10 5.52
CA ARG A 350 49.17 -33.07 5.98
C ARG A 350 49.54 -31.64 6.31
N SER A 351 50.53 -31.50 7.19
CA SER A 351 51.02 -30.20 7.58
C SER A 351 52.53 -30.19 7.46
N ALA A 352 53.12 -29.02 7.66
CA ALA A 352 54.56 -28.88 7.71
C ALA A 352 54.90 -27.48 8.20
N GLN A 353 55.94 -27.40 9.01
CA GLN A 353 56.41 -26.12 9.53
C GLN A 353 57.48 -25.57 8.61
N VAL A 354 57.48 -24.25 8.42
CA VAL A 354 58.51 -23.56 7.66
C VAL A 354 58.79 -22.24 8.36
N ASP A 355 60.06 -21.99 8.65
CA ASP A 355 60.44 -20.77 9.36
C ASP A 355 60.58 -19.62 8.35
N ALA A 356 59.43 -19.08 7.96
CA ALA A 356 59.39 -17.90 7.11
C ALA A 356 58.02 -17.24 7.29
N ARG A 357 57.90 -16.01 6.80
CA ARG A 357 56.66 -15.28 6.82
C ARG A 357 56.00 -15.47 5.46
N LEU A 358 55.32 -16.59 5.29
CA LEU A 358 54.81 -16.95 3.99
C LEU A 358 53.80 -15.92 3.49
N PHE A 359 53.70 -15.82 2.18
CA PHE A 359 52.74 -14.93 1.57
C PHE A 359 51.81 -15.63 0.61
N SER A 360 52.28 -16.59 -0.16
CA SER A 360 51.33 -17.22 -1.06
C SER A 360 51.86 -18.55 -1.55
N VAL A 361 50.97 -19.34 -2.12
CA VAL A 361 51.34 -20.56 -2.81
C VAL A 361 50.86 -20.45 -4.24
N MET A 362 51.76 -20.66 -5.18
CA MET A 362 51.38 -20.77 -6.57
C MET A 362 51.71 -22.17 -7.04
N VAL A 363 51.00 -22.64 -8.04
CA VAL A 363 51.16 -23.99 -8.55
C VAL A 363 51.16 -23.92 -10.06
N THR A 364 52.29 -24.28 -10.66
CA THR A 364 52.40 -24.34 -12.10
C THR A 364 52.49 -25.79 -12.56
N SER A 365 53.52 -26.49 -12.10
CA SER A 365 53.61 -27.92 -12.20
C SER A 365 54.10 -28.55 -10.92
N LYS A 366 54.57 -27.75 -9.98
CA LYS A 366 55.04 -28.13 -8.68
C LYS A 366 54.78 -26.93 -7.80
N PRO A 367 54.24 -27.12 -6.61
CA PRO A 367 53.88 -25.98 -5.76
C PRO A 367 55.11 -25.19 -5.38
N LEU A 368 55.14 -23.92 -5.77
CA LEU A 368 56.17 -22.99 -5.34
C LEU A 368 55.56 -22.00 -4.35
N PHE A 369 56.25 -21.83 -3.23
CA PHE A 369 55.76 -21.08 -2.09
C PHE A 369 56.53 -19.79 -2.00
N ILE A 370 55.80 -18.69 -2.02
CA ILE A 370 56.38 -17.36 -2.03
C ILE A 370 56.37 -16.82 -0.62
N ALA A 371 57.56 -16.75 -0.01
CA ALA A 371 57.70 -16.22 1.33
C ALA A 371 58.69 -15.08 1.27
N ASP A 372 58.76 -14.30 2.35
CA ASP A 372 59.66 -13.14 2.35
C ASP A 372 61.11 -13.54 2.19
N ILE A 373 61.48 -14.74 2.62
CA ILE A 373 62.82 -15.23 2.39
C ILE A 373 63.13 -15.27 0.89
N GLY A 374 62.17 -15.67 0.10
CA GLY A 374 62.35 -15.87 -1.31
C GLY A 374 61.30 -16.83 -1.81
N ILE A 375 61.55 -17.42 -2.95
CA ILE A 375 60.66 -18.45 -3.44
C ILE A 375 61.21 -19.80 -3.03
N GLY A 376 60.31 -20.75 -2.85
CA GLY A 376 60.69 -22.13 -2.66
C GLY A 376 59.89 -22.98 -3.63
N VAL A 377 60.41 -24.16 -3.92
CA VAL A 377 59.71 -25.11 -4.79
C VAL A 377 59.66 -26.44 -4.06
N GLY A 378 58.51 -27.10 -4.11
CA GLY A 378 58.23 -28.25 -3.27
C GLY A 378 58.16 -29.55 -4.03
N ILE A 379 58.69 -30.61 -3.41
CA ILE A 379 58.61 -31.98 -3.89
C ILE A 379 58.38 -32.87 -2.67
N PRO A 380 57.36 -33.74 -2.68
CA PRO A 380 57.10 -34.65 -1.58
C PRO A 380 57.78 -36.00 -1.76
N GLU B 3 10.03 47.20 -35.41
CA GLU B 3 9.64 46.51 -34.19
C GLU B 3 9.00 45.15 -34.48
N PRO B 4 9.80 44.20 -34.95
CA PRO B 4 9.24 42.90 -35.32
C PRO B 4 9.13 41.97 -34.13
N VAL B 5 7.94 41.43 -33.90
CA VAL B 5 7.66 40.58 -32.75
C VAL B 5 7.37 39.18 -33.24
N TRP B 6 7.70 38.19 -32.41
CA TRP B 6 7.32 36.81 -32.65
C TRP B 6 6.63 36.31 -31.39
N ARG B 7 5.34 36.06 -31.48
CA ARG B 7 4.56 35.59 -30.34
C ARG B 7 4.48 34.08 -30.40
N SER B 8 4.93 33.41 -29.35
CA SER B 8 4.67 32.00 -29.20
C SER B 8 3.27 31.81 -28.65
N GLU B 9 2.93 30.55 -28.39
CA GLU B 9 1.65 30.23 -27.78
C GLU B 9 1.76 29.93 -26.30
N GLN B 10 2.85 29.27 -25.89
CA GLN B 10 3.14 29.03 -24.49
C GLN B 10 4.35 29.85 -24.12
N ALA B 11 4.48 30.15 -22.84
CA ALA B 11 5.55 31.02 -22.37
C ALA B 11 6.91 30.47 -22.76
N ILE B 12 7.81 31.37 -23.16
CA ILE B 12 9.12 30.95 -23.64
C ILE B 12 9.86 30.20 -22.55
N GLY B 13 10.48 29.10 -22.91
CA GLY B 13 11.25 28.34 -21.97
C GLY B 13 12.73 28.55 -22.16
N ALA B 14 13.14 28.82 -23.40
CA ALA B 14 14.55 29.09 -23.63
C ALA B 14 14.72 29.75 -25.00
N ILE B 15 15.89 30.32 -25.22
CA ILE B 15 16.16 30.97 -26.49
C ILE B 15 17.67 31.04 -26.68
N ALA B 16 18.11 30.74 -27.89
CA ALA B 16 19.50 30.91 -28.28
C ALA B 16 19.54 31.51 -29.67
N ALA B 17 20.69 32.07 -30.02
CA ALA B 17 20.85 32.72 -31.30
C ALA B 17 22.10 32.18 -31.98
N SER B 18 21.91 31.45 -33.06
CA SER B 18 23.03 30.85 -33.75
C SER B 18 23.82 31.92 -34.49
N GLN B 19 25.03 31.55 -34.90
CA GLN B 19 25.90 32.51 -35.57
C GLN B 19 25.38 32.88 -36.95
N GLU B 20 24.88 31.90 -37.69
CA GLU B 20 24.34 32.20 -39.01
C GLU B 20 23.10 31.39 -39.36
N ASP B 21 22.46 30.74 -38.40
CA ASP B 21 21.34 29.86 -38.71
C ASP B 21 20.05 30.30 -38.03
N GLY B 22 19.95 31.55 -37.65
CA GLY B 22 18.71 32.05 -37.09
C GLY B 22 18.68 31.94 -35.58
N VAL B 23 17.47 32.13 -35.06
CA VAL B 23 17.22 32.25 -33.64
C VAL B 23 16.32 31.10 -33.22
N PHE B 24 16.79 30.27 -32.30
CA PHE B 24 16.02 29.13 -31.85
C PHE B 24 15.30 29.51 -30.58
N VAL B 25 14.02 29.17 -30.51
CA VAL B 25 13.17 29.56 -29.39
C VAL B 25 12.39 28.34 -28.94
N ALA B 26 12.60 27.90 -27.71
CA ALA B 26 11.93 26.73 -27.16
C ALA B 26 10.78 27.21 -26.30
N SER B 27 9.56 27.05 -26.81
CA SER B 27 8.40 27.65 -26.18
C SER B 27 7.65 26.69 -25.27
N GLY B 28 7.07 25.65 -25.84
CA GLY B 28 6.27 24.75 -25.04
C GLY B 28 6.80 23.34 -25.12
N SER B 29 6.08 22.48 -25.81
CA SER B 29 6.60 21.19 -26.22
C SER B 29 7.38 21.27 -27.52
N CYS B 30 7.26 22.37 -28.24
CA CYS B 30 7.88 22.51 -29.55
C CYS B 30 8.99 23.55 -29.50
N LEU B 31 9.98 23.35 -30.36
CA LEU B 31 11.13 24.24 -30.45
C LEU B 31 11.19 24.77 -31.87
N ASP B 32 11.11 26.09 -32.03
CA ASP B 32 11.06 26.70 -33.33
C ASP B 32 12.41 27.29 -33.68
N GLN B 33 12.66 27.46 -34.97
CA GLN B 33 13.79 28.25 -35.42
C GLN B 33 13.24 29.36 -36.29
N LEU B 34 13.80 30.55 -36.17
CA LEU B 34 13.29 31.71 -36.86
C LEU B 34 14.43 32.44 -37.54
N ASP B 35 14.08 33.31 -38.47
CA ASP B 35 15.07 34.20 -39.03
C ASP B 35 15.37 35.33 -38.05
N TYR B 36 16.60 35.85 -38.12
CA TYR B 36 17.01 36.88 -37.19
C TYR B 36 16.06 38.06 -37.15
N SER B 37 15.16 38.17 -38.11
CA SER B 37 14.12 39.18 -38.09
C SER B 37 12.88 38.72 -37.36
N LEU B 38 12.89 37.50 -36.83
CA LEU B 38 11.77 36.97 -36.06
C LEU B 38 10.46 37.01 -36.83
N GLU B 39 10.50 36.74 -38.12
CA GLU B 39 9.30 36.78 -38.92
C GLU B 39 8.70 35.42 -39.20
N HIS B 40 9.48 34.50 -39.76
CA HIS B 40 8.96 33.22 -40.21
C HIS B 40 9.70 32.10 -39.51
N SER B 41 8.94 31.17 -38.96
CA SER B 41 9.53 29.98 -38.38
C SER B 41 10.08 29.12 -39.50
N LEU B 42 11.37 29.29 -39.81
CA LEU B 42 11.98 28.51 -40.87
C LEU B 42 11.74 27.02 -40.69
N SER B 43 11.80 26.54 -39.45
CA SER B 43 11.59 25.13 -39.18
C SER B 43 11.11 24.98 -37.74
N ARG B 44 10.64 23.79 -37.43
CA ARG B 44 10.13 23.55 -36.09
C ARG B 44 10.24 22.07 -35.76
N LEU B 45 10.60 21.78 -34.51
CA LEU B 45 10.67 20.43 -33.99
C LEU B 45 9.60 20.26 -32.92
N TYR B 46 8.99 19.08 -32.89
CA TYR B 46 8.05 18.72 -31.83
C TYR B 46 8.69 17.61 -31.02
N ARG B 47 8.79 17.83 -29.72
CA ARG B 47 9.51 16.90 -28.87
C ARG B 47 8.59 15.91 -28.18
N ASP B 48 7.42 16.36 -27.74
CA ASP B 48 6.51 15.46 -27.03
C ASP B 48 5.64 14.68 -28.00
N GLN B 49 4.80 15.39 -28.76
CA GLN B 49 3.89 14.77 -29.72
C GLN B 49 3.90 15.60 -30.98
N ALA B 50 3.74 14.95 -32.13
CA ALA B 50 3.76 15.66 -33.38
C ALA B 50 2.64 16.69 -33.42
N GLY B 51 2.94 17.83 -34.04
CA GLY B 51 1.92 18.84 -34.28
C GLY B 51 1.47 19.57 -33.05
N ASN B 52 0.92 18.84 -32.08
CA ASN B 52 0.39 19.44 -30.87
C ASN B 52 1.53 19.68 -29.91
N CYS B 53 1.90 20.95 -29.75
CA CYS B 53 3.00 21.31 -28.86
C CYS B 53 2.50 22.16 -27.71
N THR B 54 1.39 21.74 -27.11
CA THR B 54 0.95 22.30 -25.85
C THR B 54 1.69 21.63 -24.70
N GLU B 55 1.92 22.39 -23.65
CA GLU B 55 2.62 21.86 -22.48
C GLU B 55 1.88 20.63 -21.95
N PRO B 56 2.55 19.48 -21.86
CA PRO B 56 1.88 18.29 -21.32
C PRO B 56 1.20 18.51 -19.99
N VAL B 57 1.86 19.19 -19.07
CA VAL B 57 1.24 19.55 -17.79
C VAL B 57 1.15 21.05 -17.71
N SER B 58 0.55 21.56 -16.64
CA SER B 58 0.43 22.99 -16.42
C SER B 58 1.55 23.47 -15.51
N LEU B 59 2.21 24.54 -15.91
CA LEU B 59 3.29 25.14 -15.14
C LEU B 59 2.79 26.44 -14.53
N ALA B 60 2.91 26.57 -13.23
CA ALA B 60 2.50 27.79 -12.55
C ALA B 60 3.61 28.83 -12.67
N PRO B 61 3.37 29.95 -13.34
CA PRO B 61 4.36 31.03 -13.34
C PRO B 61 4.43 31.67 -11.97
N PRO B 62 5.47 31.38 -11.20
CA PRO B 62 5.47 31.69 -9.78
C PRO B 62 5.87 33.14 -9.53
N ALA B 63 6.07 33.46 -8.26
CA ALA B 63 6.53 34.78 -7.89
C ALA B 63 7.79 35.14 -8.64
N ARG B 64 7.77 36.32 -9.24
CA ARG B 64 8.90 36.82 -10.01
C ARG B 64 10.26 36.59 -9.36
N PRO B 65 10.43 36.63 -8.04
CA PRO B 65 11.74 36.22 -7.51
C PRO B 65 11.94 34.73 -7.56
N ARG B 66 10.90 33.95 -7.36
CA ARG B 66 11.05 32.52 -7.37
C ARG B 66 11.49 32.07 -8.76
N PRO B 67 12.26 30.99 -8.87
CA PRO B 67 12.68 30.51 -10.18
C PRO B 67 11.49 30.00 -10.96
N GLY B 68 11.50 30.28 -12.26
CA GLY B 68 10.44 29.84 -13.14
C GLY B 68 10.43 28.35 -13.32
N SER B 69 9.76 27.92 -14.37
CA SER B 69 9.71 26.52 -14.74
C SER B 69 9.45 26.41 -16.22
N SER B 70 10.06 25.41 -16.84
CA SER B 70 9.88 25.20 -18.27
C SER B 70 10.12 23.73 -18.57
N PHE B 71 10.02 23.41 -19.85
CA PHE B 71 10.27 22.05 -20.30
C PHE B 71 11.56 21.91 -21.09
N SER B 72 12.06 22.99 -21.64
CA SER B 72 13.30 22.96 -22.40
C SER B 72 14.43 23.40 -21.50
N LYS B 73 15.09 22.46 -20.84
CA LYS B 73 16.16 22.82 -19.94
C LYS B 73 17.35 23.39 -20.70
N LEU B 74 17.94 22.61 -21.60
CA LEU B 74 19.14 23.02 -22.30
C LEU B 74 18.82 23.36 -23.74
N LEU B 75 19.43 24.42 -24.24
CA LEU B 75 19.33 24.72 -25.66
C LEU B 75 20.56 25.55 -26.01
N LEU B 76 21.59 24.91 -26.56
CA LEU B 76 22.76 25.71 -26.89
C LEU B 76 23.44 25.26 -28.16
N PRO B 77 23.78 26.20 -29.04
CA PRO B 77 24.50 25.87 -30.26
C PRO B 77 26.00 25.92 -30.04
N TYR B 78 26.71 25.12 -30.80
CA TYR B 78 28.15 25.09 -30.67
C TYR B 78 28.74 24.53 -31.96
N ARG B 79 30.07 24.55 -32.01
CA ARG B 79 30.83 24.09 -33.17
C ARG B 79 30.56 24.93 -34.40
N GLU B 80 29.73 25.97 -34.27
CA GLU B 80 29.38 26.78 -35.41
C GLU B 80 30.56 27.64 -35.83
N GLY B 81 30.51 28.13 -37.06
CA GLY B 81 31.65 28.83 -37.60
C GLY B 81 32.85 27.94 -37.79
N ALA B 82 32.65 26.63 -37.91
CA ALA B 82 33.75 25.72 -38.16
C ALA B 82 34.22 25.85 -39.60
N ALA B 83 35.24 25.08 -39.96
CA ALA B 83 35.77 25.11 -41.31
C ALA B 83 34.73 24.68 -42.32
N GLY B 84 34.34 23.41 -42.27
CA GLY B 84 33.33 22.90 -43.18
C GLY B 84 32.18 22.25 -42.45
N LEU B 85 32.46 21.82 -41.22
CA LEU B 85 31.43 21.17 -40.41
C LEU B 85 30.35 22.16 -40.03
N GLY B 86 29.12 21.89 -40.47
CA GLY B 86 28.02 22.71 -40.03
C GLY B 86 27.87 22.67 -38.52
N GLY B 87 27.45 23.79 -37.95
CA GLY B 87 27.30 23.86 -36.51
C GLY B 87 26.33 22.83 -35.99
N LEU B 88 26.42 22.57 -34.70
CA LEU B 88 25.53 21.67 -34.02
C LEU B 88 24.68 22.42 -33.03
N LEU B 89 23.54 21.85 -32.69
CA LEU B 89 22.67 22.37 -31.65
C LEU B 89 22.38 21.26 -30.67
N LEU B 90 22.62 21.52 -29.40
CA LEU B 90 22.42 20.53 -28.35
C LEU B 90 21.19 20.96 -27.58
N THR B 91 20.12 20.15 -27.62
CA THR B 91 18.87 20.53 -26.99
C THR B 91 18.45 19.44 -26.02
N GLY B 92 18.21 19.81 -24.78
CA GLY B 92 17.80 18.86 -23.76
C GLY B 92 16.48 19.30 -23.15
N TRP B 93 15.56 18.35 -23.04
CA TRP B 93 14.21 18.61 -22.63
C TRP B 93 13.90 17.88 -21.34
N THR B 94 12.79 18.28 -20.71
CA THR B 94 12.34 17.57 -19.53
C THR B 94 11.82 16.18 -19.89
N PHE B 95 11.15 16.06 -21.03
CA PHE B 95 10.54 14.80 -21.40
C PHE B 95 11.58 13.68 -21.51
N ASP B 96 11.10 12.45 -21.40
CA ASP B 96 11.95 11.26 -21.54
C ASP B 96 13.07 11.26 -20.52
N ARG B 97 12.70 11.42 -19.25
CA ARG B 97 13.66 11.36 -18.16
C ARG B 97 14.78 12.39 -18.35
N GLY B 98 14.42 13.57 -18.83
CA GLY B 98 15.42 14.57 -19.09
C GLY B 98 16.34 14.16 -20.22
N ALA B 99 15.78 14.01 -21.40
CA ALA B 99 16.55 13.57 -22.55
C ALA B 99 17.23 14.75 -23.20
N CYS B 100 18.29 14.46 -23.93
CA CYS B 100 19.05 15.48 -24.64
C CYS B 100 19.54 14.91 -25.95
N GLU B 101 19.32 15.63 -27.04
CA GLU B 101 19.76 15.21 -28.35
C GLU B 101 20.66 16.26 -28.95
N VAL B 102 21.76 15.81 -29.50
CA VAL B 102 22.51 16.62 -30.44
C VAL B 102 21.77 16.61 -31.75
N ARG B 103 21.90 17.66 -32.54
CA ARG B 103 21.27 17.70 -33.84
C ARG B 103 22.01 18.70 -34.70
N PRO B 104 21.80 18.66 -36.01
CA PRO B 104 22.47 19.65 -36.87
C PRO B 104 21.85 21.02 -36.68
N LEU B 105 22.70 22.00 -36.47
CA LEU B 105 22.24 23.38 -36.36
C LEU B 105 21.74 23.83 -37.72
N GLY B 106 20.43 23.90 -37.87
CA GLY B 106 19.87 24.26 -39.16
C GLY B 106 18.44 23.79 -39.30
N ASN B 107 18.15 23.12 -40.40
CA ASN B 107 16.82 22.59 -40.61
C ASN B 107 16.47 21.68 -39.45
N LEU B 108 15.54 22.12 -38.60
CA LEU B 108 15.25 21.37 -37.38
C LEU B 108 14.73 19.98 -37.67
N SER B 109 13.94 19.81 -38.72
CA SER B 109 13.35 18.51 -38.97
C SER B 109 14.35 17.60 -39.67
N ARG B 110 15.54 17.50 -39.11
CA ARG B 110 16.53 16.52 -39.53
C ARG B 110 16.82 15.60 -38.35
N ASN B 111 17.46 14.48 -38.64
CA ASN B 111 17.60 13.45 -37.62
C ASN B 111 18.58 13.87 -36.54
N SER B 112 18.16 13.69 -35.29
CA SER B 112 19.06 13.89 -34.17
C SER B 112 20.22 12.92 -34.26
N LEU B 113 21.43 13.46 -34.20
CA LEU B 113 22.61 12.61 -34.36
C LEU B 113 22.74 11.63 -33.21
N ARG B 114 22.91 12.14 -31.99
CA ARG B 114 23.07 11.29 -30.82
C ARG B 114 22.02 11.67 -29.80
N ASN B 115 21.34 10.66 -29.27
CA ASN B 115 20.35 10.86 -28.24
C ASN B 115 21.06 10.79 -26.89
N GLY B 116 20.30 10.73 -25.80
CA GLY B 116 20.88 10.64 -24.48
C GLY B 116 19.84 10.92 -23.42
N THR B 117 19.88 10.19 -22.31
CA THR B 117 18.83 10.29 -21.32
C THR B 117 19.43 10.65 -19.97
N GLU B 118 18.62 11.31 -19.14
CA GLU B 118 19.05 11.81 -17.85
C GLU B 118 20.17 12.82 -17.98
N VAL B 119 20.19 13.57 -19.07
CA VAL B 119 21.21 14.59 -19.22
C VAL B 119 20.83 15.83 -18.42
N VAL B 120 19.62 16.33 -18.61
CA VAL B 120 19.16 17.52 -17.93
C VAL B 120 18.14 17.12 -16.88
N SER B 121 17.87 18.03 -15.96
CA SER B 121 16.91 17.76 -14.91
C SER B 121 15.54 17.56 -15.53
N CYS B 122 14.86 16.47 -15.15
CA CYS B 122 13.53 16.20 -15.68
C CYS B 122 12.44 16.68 -14.75
N HIS B 123 12.73 17.69 -13.95
CA HIS B 123 11.73 18.33 -13.12
C HIS B 123 11.46 19.71 -13.68
N PRO B 124 10.26 19.96 -14.18
CA PRO B 124 10.01 21.21 -14.90
C PRO B 124 10.44 22.45 -14.16
N GLN B 125 10.45 22.43 -12.83
CA GLN B 125 10.92 23.57 -12.07
C GLN B 125 12.35 23.41 -11.59
N GLY B 126 13.02 22.35 -11.99
CA GLY B 126 14.41 22.21 -11.64
C GLY B 126 15.32 23.02 -12.53
N SER B 127 16.42 23.48 -11.95
CA SER B 127 17.38 24.30 -12.64
C SER B 127 18.26 23.46 -13.54
N THR B 128 18.76 24.08 -14.60
CA THR B 128 19.74 23.43 -15.46
C THR B 128 20.50 24.50 -16.22
N ALA B 129 21.81 24.36 -16.28
CA ALA B 129 22.64 25.29 -17.00
C ALA B 129 23.83 24.54 -17.55
N GLY B 130 24.12 24.71 -18.83
CA GLY B 130 25.15 23.94 -19.47
C GLY B 130 26.05 24.83 -20.28
N VAL B 131 27.20 24.28 -20.63
CA VAL B 131 28.15 24.97 -21.49
C VAL B 131 29.05 23.95 -22.14
N VAL B 132 29.28 24.05 -23.42
CA VAL B 132 30.18 23.13 -24.07
C VAL B 132 31.57 23.75 -24.08
N TYR B 133 32.57 22.92 -24.30
CA TYR B 133 33.95 23.38 -24.32
C TYR B 133 34.81 22.31 -24.96
N ARG B 134 36.09 22.60 -25.11
CA ARG B 134 37.05 21.67 -25.69
C ARG B 134 37.80 20.98 -24.58
N ALA B 135 37.76 19.65 -24.59
CA ALA B 135 38.54 18.93 -23.60
C ALA B 135 38.90 17.56 -24.13
N GLY B 136 39.90 16.96 -23.50
CA GLY B 136 40.36 15.65 -23.90
C GLY B 136 41.68 15.72 -24.65
N ARG B 137 42.25 14.53 -24.88
CA ARG B 137 43.50 14.45 -25.60
C ARG B 137 43.32 14.83 -27.06
N ASN B 138 42.09 14.71 -27.59
CA ASN B 138 41.80 15.04 -28.97
C ASN B 138 40.89 16.25 -29.10
N ASN B 139 40.66 16.97 -28.00
CA ASN B 139 39.85 18.18 -28.00
C ASN B 139 38.45 17.89 -28.52
N ARG B 140 37.79 16.90 -27.94
CA ARG B 140 36.38 16.72 -28.21
C ARG B 140 35.58 17.85 -27.61
N TRP B 141 34.32 17.91 -27.99
CA TRP B 141 33.39 18.90 -27.47
C TRP B 141 32.65 18.28 -26.30
N TYR B 142 32.98 18.69 -25.09
CA TYR B 142 32.28 18.24 -23.91
C TYR B 142 31.20 19.23 -23.53
N LEU B 143 30.30 18.80 -22.67
CA LEU B 143 29.18 19.61 -22.21
C LEU B 143 29.10 19.49 -20.71
N ALA B 144 29.41 20.56 -19.99
CA ALA B 144 29.26 20.57 -18.55
C ALA B 144 27.85 21.02 -18.23
N VAL B 145 27.10 20.19 -17.52
CA VAL B 145 25.72 20.46 -17.18
C VAL B 145 25.59 20.45 -15.67
N ALA B 146 25.05 21.52 -15.11
CA ALA B 146 24.74 21.56 -13.70
C ALA B 146 23.23 21.68 -13.59
N ALA B 147 22.62 20.77 -12.84
CA ALA B 147 21.18 20.75 -12.80
C ALA B 147 20.67 20.21 -11.48
N THR B 148 19.37 20.36 -11.27
CA THR B 148 18.70 19.87 -10.09
C THR B 148 18.04 18.54 -10.44
N TYR B 149 18.85 17.49 -10.42
CA TYR B 149 18.36 16.21 -10.88
C TYR B 149 17.32 15.63 -9.94
N VAL B 150 17.63 15.60 -8.64
CA VAL B 150 16.76 14.97 -7.65
C VAL B 150 15.94 16.05 -6.97
N LEU B 151 14.63 16.00 -7.16
CA LEU B 151 13.73 16.88 -6.47
C LEU B 151 12.82 16.07 -5.57
N PRO B 152 12.69 16.42 -4.30
CA PRO B 152 11.89 15.59 -3.39
C PRO B 152 10.41 15.72 -3.68
N GLU B 153 10.03 15.63 -4.94
CA GLU B 153 8.62 15.61 -5.32
C GLU B 153 8.33 14.50 -6.33
N PRO B 154 8.72 13.26 -6.03
CA PRO B 154 8.39 12.18 -6.95
C PRO B 154 7.05 11.54 -6.62
N GLU B 155 6.18 11.46 -7.60
CA GLU B 155 4.92 10.77 -7.41
C GLU B 155 5.02 9.34 -7.94
N THR B 156 4.33 8.43 -7.26
CA THR B 156 4.46 7.01 -7.57
C THR B 156 4.12 6.70 -9.02
N ALA B 157 3.41 7.59 -9.70
CA ALA B 157 3.08 7.35 -11.10
C ALA B 157 4.34 7.27 -11.96
N SER B 158 5.09 8.35 -12.05
CA SER B 158 6.32 8.39 -12.83
C SER B 158 7.49 8.71 -11.91
N ARG B 159 8.60 8.03 -12.17
CA ARG B 159 9.79 8.16 -11.33
C ARG B 159 10.87 8.85 -12.16
N CYS B 160 10.97 10.17 -12.01
CA CYS B 160 12.07 10.91 -12.61
C CYS B 160 13.40 10.63 -11.93
N ASN B 161 13.48 10.94 -10.65
CA ASN B 161 14.72 11.00 -9.89
C ASN B 161 15.62 9.82 -10.23
N PRO B 162 16.83 10.08 -10.67
CA PRO B 162 17.71 8.98 -11.09
C PRO B 162 18.04 8.00 -9.98
N ALA B 163 18.74 6.94 -10.34
CA ALA B 163 19.01 5.83 -9.44
C ALA B 163 19.70 6.30 -8.17
N ALA B 164 19.67 5.44 -7.15
CA ALA B 164 20.23 5.78 -5.86
C ALA B 164 21.72 6.06 -5.92
N SER B 165 22.42 5.64 -6.97
CA SER B 165 23.83 5.99 -7.06
C SER B 165 24.01 7.43 -7.49
N ASP B 166 23.24 7.88 -8.48
CA ASP B 166 23.32 9.24 -8.98
C ASP B 166 22.38 10.18 -8.24
N HIS B 167 22.07 9.87 -6.99
CA HIS B 167 21.12 10.68 -6.25
C HIS B 167 21.64 12.08 -6.03
N ASP B 168 22.84 12.19 -5.47
CA ASP B 168 23.41 13.49 -5.13
C ASP B 168 24.38 13.94 -6.21
N THR B 169 23.88 14.14 -7.41
CA THR B 169 24.69 14.63 -8.52
C THR B 169 24.25 16.04 -8.84
N ALA B 170 25.19 16.97 -8.93
CA ALA B 170 24.87 18.33 -9.27
C ALA B 170 25.43 18.71 -10.64
N ILE B 171 26.71 18.47 -10.86
CA ILE B 171 27.40 18.85 -12.08
C ILE B 171 27.93 17.59 -12.73
N ALA B 172 27.74 17.47 -14.03
CA ALA B 172 28.21 16.32 -14.77
C ALA B 172 28.86 16.79 -16.06
N LEU B 173 29.96 16.16 -16.44
CA LEU B 173 30.68 16.52 -17.65
C LEU B 173 30.37 15.49 -18.72
N LYS B 174 29.26 15.70 -19.41
CA LYS B 174 28.88 14.86 -20.52
C LYS B 174 29.86 15.01 -21.67
N ASP B 175 29.95 13.97 -22.49
CA ASP B 175 30.70 14.01 -23.72
C ASP B 175 29.72 13.99 -24.87
N THR B 176 29.88 14.92 -25.80
CA THR B 176 28.94 15.01 -26.90
C THR B 176 29.20 13.99 -28.00
N GLU B 177 30.27 13.22 -27.91
CA GLU B 177 30.57 12.19 -28.89
C GLU B 177 30.18 10.79 -28.45
N GLY B 178 30.49 10.42 -27.20
CA GLY B 178 30.16 9.10 -26.72
C GLY B 178 28.68 8.81 -26.84
N ARG B 179 28.35 7.53 -26.79
CA ARG B 179 26.97 7.14 -27.04
C ARG B 179 26.10 7.57 -25.88
N SER B 180 25.01 8.27 -26.21
CA SER B 180 24.04 8.75 -25.23
C SER B 180 24.66 9.75 -24.26
N LEU B 181 25.71 10.44 -24.68
CA LEU B 181 26.33 11.50 -23.89
C LEU B 181 26.77 10.97 -22.52
N ALA B 182 27.75 10.08 -22.57
CA ALA B 182 28.14 9.34 -21.38
C ALA B 182 28.92 10.21 -20.42
N THR B 183 28.61 10.08 -19.14
CA THR B 183 29.35 10.74 -18.08
C THR B 183 30.35 9.76 -17.49
N GLN B 184 31.59 10.18 -17.37
CA GLN B 184 32.59 9.33 -16.76
C GLN B 184 32.24 9.04 -15.32
N GLU B 185 33.03 8.19 -14.68
CA GLU B 185 32.81 7.96 -13.25
C GLU B 185 33.16 9.19 -12.45
N LEU B 186 34.32 9.76 -12.71
CA LEU B 186 34.77 10.94 -12.01
C LEU B 186 34.29 12.22 -12.66
N GLY B 187 33.53 12.13 -13.73
CA GLY B 187 33.07 13.33 -14.38
C GLY B 187 31.80 13.86 -13.78
N ARG B 188 31.64 13.75 -12.47
CA ARG B 188 30.45 14.28 -11.86
C ARG B 188 30.78 14.81 -10.47
N LEU B 189 30.08 15.85 -10.08
CA LEU B 189 30.31 16.54 -8.82
C LEU B 189 29.15 16.30 -7.90
N LYS B 190 29.43 15.70 -6.76
CA LYS B 190 28.36 15.28 -5.87
C LYS B 190 27.83 16.47 -5.09
N LEU B 191 26.98 16.17 -4.12
CA LEU B 191 26.21 17.18 -3.42
C LEU B 191 26.16 16.86 -1.93
N CYS B 192 25.99 17.90 -1.13
CA CYS B 192 25.70 17.77 0.30
C CYS B 192 24.21 17.91 0.50
N GLU B 193 23.62 16.97 1.23
CA GLU B 193 22.17 16.78 1.26
C GLU B 193 21.50 17.61 2.35
N GLY B 194 22.21 18.56 2.94
CA GLY B 194 21.65 19.29 4.07
C GLY B 194 20.99 20.60 3.69
N ALA B 195 21.55 21.29 2.71
CA ALA B 195 21.15 22.64 2.37
C ALA B 195 19.88 22.69 1.53
N GLY B 196 19.09 21.63 1.52
CA GLY B 196 18.01 21.55 0.57
C GLY B 196 18.60 21.33 -0.80
N SER B 197 17.99 21.89 -1.83
CA SER B 197 18.50 21.70 -3.17
C SER B 197 19.33 22.91 -3.56
N LEU B 198 19.98 22.82 -4.71
CA LEU B 198 20.73 23.92 -5.29
C LEU B 198 20.03 24.34 -6.56
N HIS B 199 20.06 25.61 -6.87
CA HIS B 199 19.50 26.09 -8.12
C HIS B 199 20.61 26.78 -8.88
N PHE B 200 20.98 26.22 -10.02
CA PHE B 200 22.05 26.77 -10.83
C PHE B 200 21.47 27.73 -11.84
N VAL B 201 22.14 28.86 -12.05
CA VAL B 201 21.56 29.90 -12.88
C VAL B 201 22.24 29.94 -14.23
N ASP B 202 23.51 29.59 -14.26
CA ASP B 202 24.32 29.91 -15.42
C ASP B 202 25.47 28.91 -15.48
N ALA B 203 26.26 29.04 -16.54
CA ALA B 203 27.52 28.32 -16.65
C ALA B 203 28.30 28.99 -17.75
N PHE B 204 29.54 29.36 -17.46
CA PHE B 204 30.34 30.05 -18.44
C PHE B 204 31.79 29.72 -18.22
N LEU B 205 32.58 29.89 -19.26
CA LEU B 205 34.00 29.62 -19.19
C LEU B 205 34.75 30.92 -18.97
N TRP B 206 35.77 30.86 -18.13
CA TRP B 206 36.65 32.02 -17.97
C TRP B 206 37.99 31.56 -17.47
N ASN B 207 39.03 31.80 -18.24
CA ASN B 207 40.41 31.55 -17.81
C ASN B 207 40.61 30.08 -17.47
N GLY B 208 40.26 29.21 -18.40
CA GLY B 208 40.48 27.79 -18.22
C GLY B 208 39.68 27.16 -17.11
N SER B 209 38.47 27.63 -16.88
CA SER B 209 37.63 27.06 -15.84
C SER B 209 36.18 27.34 -16.16
N ILE B 210 35.30 26.54 -15.57
CA ILE B 210 33.87 26.68 -15.73
C ILE B 210 33.31 27.19 -14.42
N TYR B 211 32.44 28.16 -14.50
CA TYR B 211 31.82 28.71 -13.30
C TYR B 211 30.34 28.44 -13.35
N PHE B 212 29.80 27.99 -12.23
CA PHE B 212 28.36 27.76 -12.10
C PHE B 212 27.85 28.66 -11.00
N PRO B 213 27.20 29.77 -11.31
CA PRO B 213 26.54 30.58 -10.28
C PRO B 213 25.25 29.93 -9.86
N TYR B 214 25.09 29.71 -8.56
CA TYR B 214 23.94 29.01 -8.05
C TYR B 214 23.52 29.64 -6.74
N TYR B 215 22.48 29.08 -6.14
CA TYR B 215 22.15 29.44 -4.79
C TYR B 215 21.33 28.33 -4.18
N PRO B 216 21.51 28.03 -2.91
CA PRO B 216 20.67 27.02 -2.27
C PRO B 216 19.22 27.47 -2.28
N TYR B 217 18.32 26.49 -2.19
CA TYR B 217 16.93 26.78 -2.43
C TYR B 217 16.08 25.62 -1.93
N ASN B 218 14.87 25.94 -1.51
CA ASN B 218 13.89 24.99 -1.01
C ASN B 218 12.70 25.05 -1.96
N TYR B 219 12.65 24.13 -2.92
CA TYR B 219 11.59 24.19 -3.92
C TYR B 219 10.22 24.01 -3.29
N THR B 220 10.14 23.29 -2.18
CA THR B 220 8.87 23.20 -1.47
C THR B 220 8.50 24.54 -0.85
N SER B 221 9.36 25.07 0.01
CA SER B 221 9.09 26.34 0.67
C SER B 221 9.04 27.47 -0.36
N GLY B 222 10.11 27.62 -1.11
CA GLY B 222 10.25 28.72 -2.02
C GLY B 222 11.18 29.79 -1.57
N ALA B 223 12.03 29.51 -0.57
CA ALA B 223 12.90 30.52 -0.01
C ALA B 223 14.34 30.04 -0.07
N ALA B 224 15.25 30.94 -0.44
CA ALA B 224 16.66 30.62 -0.41
C ALA B 224 17.07 30.22 0.99
N THR B 225 18.01 29.29 1.08
CA THR B 225 18.48 28.79 2.36
C THR B 225 19.99 28.95 2.49
N GLY B 226 20.52 30.05 2.00
CA GLY B 226 21.94 30.28 2.10
C GLY B 226 22.40 31.35 1.14
N TRP B 227 23.69 31.44 1.01
CA TRP B 227 24.31 32.48 0.21
C TRP B 227 24.31 32.09 -1.27
N PRO B 228 24.00 33.02 -2.16
CA PRO B 228 24.27 32.80 -3.57
C PRO B 228 25.76 32.60 -3.73
N SER B 229 26.14 31.57 -4.46
CA SER B 229 27.54 31.19 -4.53
C SER B 229 27.90 30.95 -5.98
N MET B 230 29.18 30.68 -6.19
CA MET B 230 29.72 30.37 -7.51
C MET B 230 30.69 29.23 -7.34
N ALA B 231 30.45 28.14 -8.05
CA ALA B 231 31.28 26.96 -8.00
C ALA B 231 32.20 26.95 -9.20
N ARG B 232 33.50 26.86 -8.96
CA ARG B 232 34.50 26.94 -10.00
C ARG B 232 35.16 25.58 -10.20
N ILE B 233 35.13 25.11 -11.43
CA ILE B 233 35.53 23.76 -11.81
C ILE B 233 36.62 23.87 -12.87
N ALA B 234 37.59 22.98 -12.81
CA ALA B 234 38.63 22.98 -13.83
C ALA B 234 38.07 22.54 -15.16
N GLN B 235 38.56 23.17 -16.23
CA GLN B 235 38.03 22.93 -17.57
C GLN B 235 38.72 21.71 -18.14
N SER B 236 38.26 20.54 -17.72
CA SER B 236 38.90 19.29 -18.08
C SER B 236 37.83 18.26 -18.38
N THR B 237 38.25 17.01 -18.46
CA THR B 237 37.37 15.90 -18.78
C THR B 237 36.80 15.23 -17.54
N GLU B 238 37.43 15.40 -16.38
CA GLU B 238 36.93 14.88 -15.13
C GLU B 238 36.81 16.01 -14.14
N VAL B 239 35.72 16.02 -13.38
CA VAL B 239 35.45 17.14 -12.49
C VAL B 239 36.61 17.31 -11.53
N LEU B 240 37.23 18.48 -11.57
CA LEU B 240 38.29 18.85 -10.64
C LEU B 240 37.79 20.09 -9.91
N PHE B 241 37.11 19.87 -8.81
CA PHE B 241 36.49 20.95 -8.07
C PHE B 241 37.54 21.93 -7.60
N GLN B 242 37.56 23.11 -8.18
CA GLN B 242 38.61 24.06 -7.86
C GLN B 242 38.21 25.07 -6.81
N GLY B 243 36.93 25.24 -6.54
CA GLY B 243 36.57 26.04 -5.40
C GLY B 243 35.11 26.43 -5.40
N GLN B 244 34.73 27.17 -4.37
CA GLN B 244 33.39 27.71 -4.24
C GLN B 244 33.48 28.98 -3.44
N ALA B 245 32.78 30.02 -3.87
CA ALA B 245 32.82 31.30 -3.17
C ALA B 245 31.43 31.88 -3.11
N SER B 246 31.04 32.37 -1.94
CA SER B 246 29.78 33.07 -1.83
C SER B 246 29.93 34.49 -2.33
N LEU B 247 28.83 35.07 -2.78
CA LEU B 247 28.82 36.42 -3.32
C LEU B 247 27.96 37.28 -2.41
N ASP B 248 28.53 38.36 -1.89
CA ASP B 248 27.83 39.15 -0.87
C ASP B 248 27.28 40.41 -1.52
N CYS B 249 26.06 40.32 -2.01
CA CYS B 249 25.35 41.47 -2.56
C CYS B 249 24.11 41.80 -1.76
N GLY B 250 24.23 41.79 -0.44
CA GLY B 250 23.13 42.16 0.40
C GLY B 250 23.25 43.57 0.91
N HIS B 251 24.10 44.36 0.27
CA HIS B 251 24.30 45.74 0.68
C HIS B 251 23.07 46.56 0.36
N GLY B 252 22.64 47.37 1.31
CA GLY B 252 21.48 48.23 1.11
C GLY B 252 20.15 47.58 1.40
N HIS B 253 20.13 46.45 2.09
CA HIS B 253 18.92 45.75 2.41
C HIS B 253 19.12 45.07 3.75
N PRO B 254 18.10 45.06 4.61
CA PRO B 254 18.29 44.56 5.98
C PRO B 254 18.81 43.14 6.03
N ASP B 255 18.06 42.19 5.50
CA ASP B 255 18.45 40.79 5.64
C ASP B 255 19.33 40.30 4.52
N GLY B 256 19.61 41.12 3.52
CA GLY B 256 20.47 40.74 2.42
C GLY B 256 19.67 40.20 1.26
N ARG B 257 20.38 40.03 0.15
CA ARG B 257 19.80 39.52 -1.08
C ARG B 257 20.37 38.14 -1.32
N ARG B 258 19.53 37.12 -1.26
CA ARG B 258 20.00 35.74 -1.23
C ARG B 258 19.51 34.93 -2.41
N LEU B 259 18.85 35.54 -3.38
CA LEU B 259 18.48 34.89 -4.62
C LEU B 259 19.30 35.49 -5.74
N LEU B 260 19.72 34.65 -6.68
CA LEU B 260 20.42 35.09 -7.87
C LEU B 260 19.48 34.94 -9.05
N LEU B 261 19.04 36.06 -9.59
CA LEU B 261 18.00 36.03 -10.60
C LEU B 261 18.55 35.85 -12.01
N SER B 262 19.73 36.36 -12.28
CA SER B 262 20.29 36.23 -13.61
C SER B 262 21.77 36.55 -13.56
N SER B 263 22.48 36.13 -14.58
CA SER B 263 23.92 36.27 -14.64
C SER B 263 24.36 36.68 -16.02
N SER B 264 25.56 37.26 -16.10
CA SER B 264 26.17 37.46 -17.40
C SER B 264 27.64 37.81 -17.20
N LEU B 265 28.49 37.21 -18.00
CA LEU B 265 29.92 37.50 -17.94
C LEU B 265 30.26 38.53 -19.01
N VAL B 266 30.66 39.72 -18.59
CA VAL B 266 31.13 40.74 -19.52
C VAL B 266 32.48 40.24 -20.04
N GLU B 267 32.52 39.78 -21.28
CA GLU B 267 33.64 38.96 -21.75
C GLU B 267 34.95 39.73 -21.71
N ALA B 268 35.05 40.78 -22.52
CA ALA B 268 36.34 41.44 -22.70
C ALA B 268 36.80 42.18 -21.44
N LEU B 269 35.95 42.28 -20.43
CA LEU B 269 36.29 43.00 -19.23
C LEU B 269 36.68 42.09 -18.06
N ASP B 270 36.39 40.80 -18.14
CA ASP B 270 36.65 39.87 -17.05
C ASP B 270 35.91 40.29 -15.80
N VAL B 271 34.61 40.53 -15.95
CA VAL B 271 33.77 40.98 -14.86
C VAL B 271 32.44 40.25 -14.96
N TRP B 272 32.07 39.55 -13.90
CA TRP B 272 30.77 38.92 -13.85
C TRP B 272 29.77 39.93 -13.33
N ALA B 273 28.53 39.79 -13.77
CA ALA B 273 27.51 40.76 -13.42
C ALA B 273 26.23 40.01 -13.13
N GLY B 274 25.76 40.09 -11.91
CA GLY B 274 24.65 39.28 -11.47
C GLY B 274 23.55 40.11 -10.87
N VAL B 275 22.32 39.68 -11.08
CA VAL B 275 21.16 40.37 -10.56
C VAL B 275 20.65 39.60 -9.35
N PHE B 276 20.86 40.14 -8.16
CA PHE B 276 20.42 39.50 -6.94
C PHE B 276 19.11 40.08 -6.51
N SER B 277 18.38 39.34 -5.70
CA SER B 277 17.14 39.83 -5.14
C SER B 277 16.89 39.16 -3.81
N ALA B 278 16.11 39.82 -2.97
CA ALA B 278 15.65 39.23 -1.73
C ALA B 278 14.23 38.70 -1.93
N ALA B 279 13.80 37.87 -0.98
CA ALA B 279 12.49 37.25 -1.08
C ALA B 279 11.39 38.30 -1.07
N ALA B 280 10.69 38.45 -2.18
CA ALA B 280 9.65 39.46 -2.29
C ALA B 280 8.28 38.82 -2.04
N GLY B 281 8.13 38.32 -0.82
CA GLY B 281 6.87 37.79 -0.33
C GLY B 281 6.15 36.88 -1.31
N GLU B 282 4.95 37.27 -1.72
CA GLU B 282 4.15 36.52 -2.69
C GLU B 282 3.85 37.45 -3.84
N GLY B 283 4.71 37.42 -4.86
CA GLY B 283 4.58 38.26 -6.02
C GLY B 283 5.11 39.66 -5.77
N GLN B 284 4.31 40.48 -5.10
CA GLN B 284 4.75 41.81 -4.66
C GLN B 284 4.01 42.13 -3.36
N GLU B 285 4.57 41.71 -2.26
CA GLU B 285 4.05 42.12 -0.97
C GLU B 285 5.13 42.69 -0.08
N ARG B 286 6.33 42.13 -0.13
CA ARG B 286 7.50 42.72 0.50
C ARG B 286 8.41 43.36 -0.53
N ARG B 287 7.88 43.67 -1.71
CA ARG B 287 8.65 44.32 -2.75
C ARG B 287 9.04 45.70 -2.24
N SER B 288 10.29 45.85 -1.88
CA SER B 288 10.80 47.09 -1.33
C SER B 288 11.43 47.92 -2.43
N PRO B 289 11.71 49.20 -2.16
CA PRO B 289 12.55 49.96 -3.09
C PRO B 289 13.94 49.39 -3.23
N THR B 290 14.41 48.58 -2.30
CA THR B 290 15.72 47.93 -2.43
C THR B 290 15.56 46.45 -2.15
N THR B 291 15.12 45.70 -3.14
CA THR B 291 15.18 44.24 -3.06
C THR B 291 16.13 43.68 -4.09
N THR B 292 16.14 44.23 -5.30
CA THR B 292 17.00 43.74 -6.35
C THR B 292 18.21 44.64 -6.48
N ALA B 293 19.30 44.05 -6.95
CA ALA B 293 20.54 44.80 -7.04
C ALA B 293 21.43 44.14 -8.08
N LEU B 294 21.86 44.93 -9.05
CA LEU B 294 22.88 44.48 -9.98
C LEU B 294 24.23 44.66 -9.32
N CYS B 295 24.96 43.57 -9.15
CA CYS B 295 26.26 43.59 -8.52
C CYS B 295 27.28 43.13 -9.53
N LEU B 296 28.42 43.82 -9.58
CA LEU B 296 29.51 43.45 -10.47
C LEU B 296 30.66 42.91 -9.65
N PHE B 297 31.18 41.77 -10.06
CA PHE B 297 32.30 41.15 -9.38
C PHE B 297 33.45 41.01 -10.36
N ARG B 298 34.66 41.21 -9.87
CA ARG B 298 35.83 40.98 -10.70
C ARG B 298 36.11 39.48 -10.74
N MET B 299 36.15 38.91 -11.93
CA MET B 299 36.39 37.49 -12.04
C MET B 299 37.69 37.10 -11.38
N SER B 300 38.65 38.03 -11.31
CA SER B 300 39.89 37.72 -10.61
C SER B 300 39.66 37.48 -9.13
N GLU B 301 38.81 38.27 -8.49
CA GLU B 301 38.57 38.09 -7.07
C GLU B 301 37.86 36.78 -6.78
N ILE B 302 36.88 36.42 -7.61
CA ILE B 302 36.22 35.13 -7.43
C ILE B 302 37.18 34.01 -7.70
N GLN B 303 38.00 34.15 -8.74
CA GLN B 303 38.97 33.13 -9.08
C GLN B 303 39.99 32.93 -7.99
N ALA B 304 40.31 33.98 -7.24
CA ALA B 304 41.31 33.90 -6.19
C ALA B 304 40.74 33.53 -4.83
N ARG B 305 39.50 33.89 -4.55
CA ARG B 305 38.91 33.75 -3.24
C ARG B 305 38.14 32.45 -3.06
N ALA B 306 37.98 31.67 -4.12
CA ALA B 306 37.20 30.44 -4.07
C ALA B 306 38.07 29.35 -3.46
N LYS B 307 37.69 28.89 -2.27
CA LYS B 307 38.42 27.86 -1.57
C LYS B 307 37.68 26.54 -1.66
N ARG B 308 38.43 25.45 -1.84
CA ARG B 308 37.81 24.15 -1.96
C ARG B 308 37.31 23.68 -0.61
N VAL B 309 36.14 24.15 -0.19
CA VAL B 309 35.57 23.77 1.09
C VAL B 309 34.34 22.93 0.84
N SER B 310 34.15 21.90 1.64
CA SER B 310 33.04 20.98 1.45
C SER B 310 31.75 21.57 2.01
N TRP B 311 31.39 22.78 1.59
CA TRP B 311 30.21 23.41 2.15
C TRP B 311 28.94 22.96 1.46
N ASP B 312 28.88 23.03 0.14
CA ASP B 312 27.72 22.57 -0.61
C ASP B 312 27.97 21.32 -1.40
N PHE B 313 29.20 21.09 -1.85
CA PHE B 313 29.54 19.94 -2.67
C PHE B 313 30.48 19.03 -1.90
N LYS B 314 30.28 17.73 -2.05
CA LYS B 314 31.17 16.78 -1.41
C LYS B 314 32.57 16.91 -1.99
N THR B 315 33.55 17.02 -1.12
CA THR B 315 34.95 16.90 -1.52
C THR B 315 35.55 15.67 -0.88
N ALA B 316 36.68 15.24 -1.43
CA ALA B 316 37.35 14.05 -0.96
C ALA B 316 38.18 14.29 0.29
N GLU B 317 38.03 15.44 0.95
CA GLU B 317 38.90 15.75 2.07
C GLU B 317 38.18 16.36 3.26
N SER B 318 36.85 16.35 3.29
CA SER B 318 36.14 16.94 4.41
C SER B 318 34.75 16.33 4.44
N HIS B 319 33.93 16.83 5.35
CA HIS B 319 32.53 16.45 5.42
C HIS B 319 31.66 17.69 5.25
N CYS B 320 30.37 17.44 5.07
CA CYS B 320 29.45 18.51 4.72
C CYS B 320 29.37 19.53 5.85
N LYS B 321 29.88 20.73 5.59
CA LYS B 321 29.79 21.84 6.52
C LYS B 321 30.49 21.53 7.84
N GLU B 322 31.58 20.79 7.75
CA GLU B 322 32.41 20.46 8.89
C GLU B 322 33.80 21.04 8.71
N GLY B 323 33.85 22.30 8.29
CA GLY B 323 35.11 22.97 8.10
C GLY B 323 34.94 24.46 7.90
N ASP B 324 35.74 25.03 7.02
CA ASP B 324 35.67 26.46 6.78
C ASP B 324 34.33 26.86 6.17
N GLN B 325 34.03 28.13 6.28
CA GLN B 325 32.92 28.59 5.49
C GLN B 325 33.45 29.32 4.26
N PRO B 326 32.74 29.26 3.13
CA PRO B 326 33.27 29.88 1.92
C PRO B 326 33.41 31.38 2.09
N GLU B 327 34.53 31.91 1.58
CA GLU B 327 34.77 33.34 1.63
C GLU B 327 33.68 34.09 0.90
N ARG B 328 33.29 35.24 1.44
CA ARG B 328 32.31 36.09 0.79
C ARG B 328 33.03 37.14 -0.04
N VAL B 329 32.85 37.06 -1.35
CA VAL B 329 33.45 38.02 -2.27
C VAL B 329 32.56 39.24 -2.32
N GLN B 330 33.18 40.41 -2.25
CA GLN B 330 32.51 41.70 -2.26
C GLN B 330 32.48 42.26 -3.68
N PRO B 331 31.34 42.75 -4.10
CA PRO B 331 31.22 43.29 -5.46
C PRO B 331 32.07 44.54 -5.62
N ILE B 332 32.23 44.93 -6.88
CA ILE B 332 32.82 46.22 -7.16
C ILE B 332 31.88 47.29 -6.63
N ALA B 333 32.32 47.98 -5.58
CA ALA B 333 31.40 48.80 -4.80
C ALA B 333 30.89 49.98 -5.61
N SER B 334 31.71 50.53 -6.49
CA SER B 334 31.36 51.74 -7.21
C SER B 334 30.34 51.49 -8.31
N SER B 335 29.83 50.27 -8.45
CA SER B 335 28.96 49.95 -9.57
C SER B 335 27.61 49.38 -9.18
N THR B 336 27.50 48.81 -7.99
CA THR B 336 26.25 48.16 -7.60
C THR B 336 25.08 49.11 -7.78
N LEU B 337 24.06 48.62 -8.46
CA LEU B 337 22.88 49.41 -8.80
C LEU B 337 21.70 48.79 -8.10
N ILE B 338 21.18 49.45 -7.08
CA ILE B 338 20.02 48.93 -6.38
C ILE B 338 18.78 49.32 -7.15
N HIS B 339 17.72 48.54 -6.99
CA HIS B 339 16.51 48.77 -7.76
C HIS B 339 15.41 47.89 -7.19
N SER B 340 14.17 48.37 -7.30
CA SER B 340 13.05 47.66 -6.70
C SER B 340 12.77 46.35 -7.40
N ASP B 341 12.87 46.33 -8.72
CA ASP B 341 12.54 45.12 -9.48
C ASP B 341 13.52 45.03 -10.65
N LEU B 342 14.47 44.12 -10.55
CA LEU B 342 15.38 43.79 -11.63
C LEU B 342 15.21 42.33 -11.98
N THR B 343 15.31 42.02 -13.25
CA THR B 343 15.09 40.60 -13.56
C THR B 343 16.21 39.97 -14.36
N SER B 344 16.81 40.68 -15.29
CA SER B 344 17.83 40.07 -16.13
C SER B 344 18.92 41.07 -16.42
N VAL B 345 20.07 40.55 -16.84
CA VAL B 345 21.24 41.37 -17.11
C VAL B 345 21.95 40.80 -18.33
N TYR B 346 22.55 41.68 -19.13
CA TYR B 346 23.44 41.26 -20.19
C TYR B 346 24.51 42.32 -20.36
N GLY B 347 25.77 41.93 -20.25
CA GLY B 347 26.87 42.86 -20.28
C GLY B 347 27.70 42.68 -21.54
N THR B 348 28.20 43.78 -22.07
CA THR B 348 29.03 43.75 -23.25
C THR B 348 30.00 44.92 -23.19
N VAL B 349 30.93 44.95 -24.14
CA VAL B 349 31.90 46.03 -24.23
C VAL B 349 31.90 46.54 -25.67
N VAL B 350 31.73 47.84 -25.82
CA VAL B 350 31.76 48.48 -27.14
C VAL B 350 32.59 49.74 -27.02
N MET B 351 33.58 49.88 -27.90
CA MET B 351 34.48 51.03 -27.88
C MET B 351 35.09 51.22 -26.50
N ASN B 352 35.52 50.13 -25.90
CA ASN B 352 36.19 50.17 -24.61
C ASN B 352 35.33 50.85 -23.56
N ARG B 353 34.05 50.51 -23.54
CA ARG B 353 33.14 50.98 -22.49
C ARG B 353 32.13 49.90 -22.19
N THR B 354 32.01 49.55 -20.92
CA THR B 354 31.07 48.53 -20.51
C THR B 354 29.64 49.03 -20.64
N VAL B 355 28.80 48.23 -21.28
CA VAL B 355 27.39 48.52 -21.42
C VAL B 355 26.64 47.35 -20.82
N LEU B 356 25.81 47.63 -19.82
CA LEU B 356 25.04 46.58 -19.16
C LEU B 356 23.57 46.85 -19.44
N PHE B 357 22.97 46.05 -20.30
CA PHE B 357 21.53 46.09 -20.46
C PHE B 357 20.92 45.36 -19.29
N LEU B 358 19.80 45.86 -18.80
CA LEU B 358 19.08 45.25 -17.70
C LEU B 358 17.61 45.17 -18.07
N GLY B 359 16.95 44.14 -17.57
CA GLY B 359 15.54 43.94 -17.79
C GLY B 359 14.83 43.88 -16.45
N THR B 360 13.84 44.74 -16.31
CA THR B 360 13.13 44.89 -15.05
C THR B 360 11.86 44.05 -15.05
N GLY B 361 11.37 43.76 -13.86
CA GLY B 361 10.19 42.95 -13.71
C GLY B 361 8.92 43.59 -14.21
N ASP B 362 9.01 44.73 -14.86
CA ASP B 362 7.86 45.38 -15.46
C ASP B 362 8.11 45.75 -16.92
N GLY B 363 8.72 44.84 -17.68
CA GLY B 363 8.81 45.01 -19.10
C GLY B 363 9.64 46.18 -19.57
N GLN B 364 10.63 46.60 -18.79
CA GLN B 364 11.56 47.62 -19.22
C GLN B 364 12.90 47.00 -19.54
N LEU B 365 13.47 47.39 -20.65
CA LEU B 365 14.87 47.14 -20.95
C LEU B 365 15.58 48.47 -20.91
N LEU B 366 16.41 48.65 -19.89
CA LEU B 366 17.14 49.88 -19.66
C LEU B 366 18.62 49.58 -19.55
N LYS B 367 19.44 50.39 -20.19
CA LYS B 367 20.87 50.10 -20.24
C LYS B 367 21.64 51.13 -19.43
N VAL B 368 22.72 50.66 -18.81
CA VAL B 368 23.63 51.51 -18.08
C VAL B 368 24.97 51.45 -18.78
N ILE B 369 25.75 52.51 -18.63
CA ILE B 369 27.07 52.60 -19.24
C ILE B 369 28.05 52.89 -18.12
N LEU B 370 28.93 51.94 -17.85
CA LEU B 370 29.83 52.11 -16.73
C LEU B 370 30.84 53.21 -17.02
N GLY B 371 31.19 53.96 -15.98
CA GLY B 371 32.02 55.12 -16.15
C GLY B 371 33.50 54.80 -16.28
N GLU B 372 34.34 55.54 -15.56
CA GLU B 372 35.78 55.33 -15.67
C GLU B 372 36.24 54.20 -14.75
N ASN B 373 35.94 54.31 -13.46
CA ASN B 373 36.26 53.26 -12.52
C ASN B 373 35.08 52.32 -12.33
N LEU B 374 34.52 51.86 -13.45
CA LEU B 374 33.34 51.01 -13.45
C LEU B 374 32.22 51.59 -12.60
N THR B 375 32.09 52.90 -12.58
CA THR B 375 30.98 53.52 -11.88
C THR B 375 29.75 53.54 -12.79
N SER B 376 28.61 53.19 -12.23
CA SER B 376 27.38 53.08 -13.01
C SER B 376 26.76 54.45 -13.18
N ASN B 377 26.20 54.70 -14.36
CA ASN B 377 25.44 55.92 -14.58
C ASN B 377 23.96 55.66 -14.33
N CYS B 378 23.18 56.74 -14.30
CA CYS B 378 21.78 56.42 -14.08
C CYS B 378 21.17 55.84 -15.35
N PRO B 379 20.53 54.69 -15.24
CA PRO B 379 20.16 53.94 -16.44
C PRO B 379 19.16 54.66 -17.30
N GLU B 380 19.42 54.66 -18.60
CA GLU B 380 18.44 55.14 -19.56
C GLU B 380 17.50 54.01 -19.95
N VAL B 381 16.22 54.33 -20.03
CA VAL B 381 15.20 53.34 -20.40
C VAL B 381 15.20 53.25 -21.91
N ILE B 382 15.59 52.08 -22.43
CA ILE B 382 15.61 51.90 -23.87
C ILE B 382 14.23 51.58 -24.39
N TYR B 383 13.66 50.47 -23.95
CA TYR B 383 12.40 50.00 -24.50
C TYR B 383 11.49 49.59 -23.36
N GLU B 384 10.18 49.76 -23.57
CA GLU B 384 9.21 49.41 -22.55
C GLU B 384 8.15 48.51 -23.15
N ILE B 385 7.91 47.39 -22.49
CA ILE B 385 6.86 46.48 -22.93
C ILE B 385 5.52 47.01 -22.46
N LYS B 386 4.57 47.14 -23.38
CA LYS B 386 3.29 47.74 -23.06
C LYS B 386 2.54 46.96 -22.00
N GLU B 387 2.83 45.68 -21.84
CA GLU B 387 2.10 44.84 -20.92
C GLU B 387 2.84 44.59 -19.62
N GLU B 388 4.02 45.18 -19.45
CA GLU B 388 4.76 45.09 -18.20
C GLU B 388 4.98 43.65 -17.77
N THR B 389 5.15 42.76 -18.73
CA THR B 389 5.46 41.38 -18.40
C THR B 389 6.91 41.28 -17.93
N PRO B 390 7.18 40.47 -16.92
CA PRO B 390 8.55 40.35 -16.42
C PRO B 390 9.47 39.81 -17.50
N VAL B 391 10.59 40.51 -17.71
CA VAL B 391 11.52 40.12 -18.75
C VAL B 391 12.11 38.75 -18.43
N PHE B 392 12.16 37.89 -19.43
CA PHE B 392 12.78 36.58 -19.27
C PHE B 392 14.24 36.74 -18.91
N TYR B 393 14.72 35.87 -18.05
CA TYR B 393 15.99 36.17 -17.40
C TYR B 393 17.18 36.03 -18.30
N LYS B 394 17.08 35.86 -19.61
CA LYS B 394 18.26 35.83 -20.46
C LYS B 394 18.05 36.78 -21.62
N LEU B 395 19.00 37.67 -21.84
CA LEU B 395 19.01 38.51 -23.02
C LEU B 395 20.10 38.01 -23.94
N VAL B 396 19.79 37.88 -25.22
CA VAL B 396 20.71 37.35 -26.22
C VAL B 396 20.99 38.45 -27.22
N PRO B 397 22.25 38.77 -27.48
CA PRO B 397 22.56 39.78 -28.49
C PRO B 397 22.52 39.18 -29.88
N ASP B 398 21.99 39.95 -30.81
CA ASP B 398 21.96 39.52 -32.19
C ASP B 398 23.39 39.33 -32.68
N PRO B 399 23.72 38.17 -33.20
CA PRO B 399 25.12 37.91 -33.55
C PRO B 399 25.50 38.48 -34.90
N VAL B 400 24.52 38.63 -35.78
CA VAL B 400 24.80 39.06 -37.15
C VAL B 400 24.66 40.57 -37.31
N LYS B 401 23.97 41.24 -36.40
CA LYS B 401 23.88 42.70 -36.40
C LYS B 401 23.99 43.15 -34.95
N ASN B 402 25.15 43.69 -34.59
CA ASN B 402 25.43 43.96 -33.19
C ASN B 402 24.77 45.21 -32.67
N ILE B 403 23.74 45.71 -33.35
CA ILE B 403 22.96 46.82 -32.84
C ILE B 403 21.58 46.36 -32.38
N TYR B 404 21.35 45.06 -32.27
CA TYR B 404 20.09 44.53 -31.85
C TYR B 404 20.27 43.60 -30.67
N ILE B 405 19.18 43.40 -29.94
CA ILE B 405 19.15 42.42 -28.86
C ILE B 405 17.75 41.84 -28.79
N TYR B 406 17.68 40.57 -28.43
CA TYR B 406 16.44 39.82 -28.48
C TYR B 406 15.84 39.79 -27.08
N LEU B 407 14.89 40.66 -26.85
CA LEU B 407 14.20 40.72 -25.57
C LEU B 407 13.10 39.68 -25.55
N THR B 408 13.14 38.80 -24.57
CA THR B 408 12.13 37.77 -24.38
C THR B 408 11.29 38.13 -23.18
N ALA B 409 9.98 37.96 -23.29
CA ALA B 409 9.11 38.32 -22.18
C ALA B 409 7.85 37.50 -22.26
N GLY B 410 7.57 36.73 -21.22
CA GLY B 410 6.38 35.91 -21.23
C GLY B 410 6.40 34.92 -22.39
N LYS B 411 5.61 35.21 -23.40
CA LYS B 411 5.51 34.35 -24.58
C LYS B 411 5.81 35.11 -25.86
N GLU B 412 6.53 36.22 -25.76
CA GLU B 412 6.78 37.07 -26.91
C GLU B 412 8.25 37.41 -26.97
N VAL B 413 8.87 37.25 -28.13
CA VAL B 413 10.25 37.64 -28.36
C VAL B 413 10.24 38.82 -29.31
N ARG B 414 11.17 39.74 -29.13
CA ARG B 414 11.26 40.83 -30.10
C ARG B 414 12.70 41.27 -30.23
N ARG B 415 12.97 41.93 -31.35
CA ARG B 415 14.30 42.40 -31.67
C ARG B 415 14.30 43.91 -31.54
N ILE B 416 15.05 44.43 -30.57
CA ILE B 416 15.04 45.85 -30.28
C ILE B 416 16.45 46.39 -30.35
N ARG B 417 16.60 47.60 -30.85
CA ARG B 417 17.92 48.20 -30.94
C ARG B 417 18.46 48.49 -29.56
N VAL B 418 19.78 48.64 -29.49
CA VAL B 418 20.45 48.74 -28.20
C VAL B 418 20.66 50.19 -27.81
N ALA B 419 20.13 51.11 -28.59
CA ALA B 419 20.38 52.50 -28.30
C ALA B 419 19.34 53.39 -28.93
N ASN B 420 18.62 54.15 -28.10
CA ASN B 420 17.54 54.98 -28.59
C ASN B 420 18.04 56.37 -28.97
N CYS B 421 19.10 56.39 -29.79
CA CYS B 421 19.66 57.66 -30.23
C CYS B 421 19.00 58.12 -31.53
N ASN B 422 17.78 58.60 -31.37
CA ASN B 422 17.19 59.51 -32.31
C ASN B 422 16.73 60.78 -31.60
N LYS B 423 16.68 60.77 -30.28
CA LYS B 423 16.30 61.93 -29.50
C LYS B 423 17.39 62.99 -29.45
N HIS B 424 18.64 62.62 -29.69
CA HIS B 424 19.71 63.60 -29.73
C HIS B 424 19.67 64.32 -31.08
N LYS B 425 19.55 65.65 -31.02
CA LYS B 425 19.42 66.45 -32.23
C LYS B 425 20.69 67.23 -32.58
N SER B 426 21.56 67.49 -31.62
CA SER B 426 22.79 68.23 -31.82
C SER B 426 23.97 67.29 -31.67
N CYS B 427 25.18 67.85 -31.75
CA CYS B 427 26.35 67.11 -31.29
C CYS B 427 26.27 66.82 -29.80
N SER B 428 26.24 67.87 -28.97
CA SER B 428 26.42 67.67 -27.54
C SER B 428 25.44 66.63 -27.02
N GLU B 429 24.17 66.74 -27.39
CA GLU B 429 23.19 65.73 -27.03
C GLU B 429 23.65 64.34 -27.42
N CYS B 430 24.37 64.22 -28.52
CA CYS B 430 24.83 62.93 -29.02
C CYS B 430 26.14 62.50 -28.40
N LEU B 431 26.88 63.41 -27.81
CA LEU B 431 28.21 63.09 -27.32
C LEU B 431 28.36 63.24 -25.81
N THR B 432 27.58 64.10 -25.18
CA THR B 432 27.60 64.15 -23.73
C THR B 432 26.90 62.96 -23.10
N ALA B 433 25.92 62.37 -23.79
CA ALA B 433 25.26 61.19 -23.26
C ALA B 433 26.22 60.02 -23.14
N THR B 434 27.36 60.06 -23.83
CA THR B 434 28.39 59.03 -23.75
C THR B 434 27.84 57.65 -24.04
N ASP B 435 26.91 57.56 -24.98
CA ASP B 435 26.44 56.27 -25.43
C ASP B 435 27.41 55.72 -26.46
N PRO B 436 28.11 54.63 -26.18
CA PRO B 436 29.15 54.17 -27.11
C PRO B 436 28.59 53.78 -28.46
N HIS B 437 27.35 53.32 -28.54
CA HIS B 437 26.82 52.90 -29.82
C HIS B 437 26.50 54.08 -30.72
N CYS B 438 26.29 55.24 -30.13
CA CYS B 438 25.78 56.37 -30.90
C CYS B 438 26.88 57.40 -31.16
N GLY B 439 26.85 57.96 -32.35
CA GLY B 439 27.77 58.99 -32.74
C GLY B 439 27.11 60.00 -33.66
N TRP B 440 27.64 61.22 -33.70
CA TRP B 440 27.09 62.24 -34.58
C TRP B 440 27.51 61.95 -36.00
N CYS B 441 26.68 62.35 -36.96
CA CYS B 441 26.92 62.10 -38.37
C CYS B 441 26.71 63.40 -39.14
N HIS B 442 27.79 63.91 -39.73
CA HIS B 442 27.71 65.20 -40.40
C HIS B 442 26.94 65.09 -41.71
N SER B 443 27.31 64.12 -42.55
CA SER B 443 26.67 63.97 -43.85
C SER B 443 25.16 63.90 -43.71
N LEU B 444 24.68 63.30 -42.64
CA LEU B 444 23.26 63.31 -42.32
C LEU B 444 22.92 64.35 -41.28
N GLN B 445 23.91 64.83 -40.53
CA GLN B 445 23.69 65.73 -39.40
C GLN B 445 22.64 65.15 -38.46
N ARG B 446 22.96 63.97 -37.93
CA ARG B 446 22.03 63.26 -37.07
C ARG B 446 22.82 62.36 -36.14
N CYS B 447 22.28 62.16 -34.93
CA CYS B 447 22.87 61.22 -33.99
C CYS B 447 22.40 59.83 -34.37
N THR B 448 23.32 58.97 -34.77
CA THR B 448 22.95 57.66 -35.26
C THR B 448 24.01 56.65 -34.90
N PHE B 449 23.71 55.38 -35.18
CA PHE B 449 24.69 54.32 -35.00
C PHE B 449 25.86 54.54 -35.95
N GLN B 450 26.87 53.68 -35.88
CA GLN B 450 27.97 53.79 -36.82
C GLN B 450 27.56 53.28 -38.19
N GLY B 451 27.08 52.04 -38.25
CA GLY B 451 26.75 51.44 -39.52
C GLY B 451 25.69 52.19 -40.31
N ASP B 452 24.92 53.02 -39.64
CA ASP B 452 23.85 53.74 -40.32
C ASP B 452 24.32 55.06 -40.94
N CYS B 453 25.56 55.46 -40.68
CA CYS B 453 26.08 56.69 -41.29
C CYS B 453 27.49 56.60 -41.83
N VAL B 454 28.19 55.47 -41.70
CA VAL B 454 29.48 55.32 -42.37
C VAL B 454 29.15 54.78 -43.75
N HIS B 455 28.72 55.68 -44.62
CA HIS B 455 28.56 55.45 -46.04
C HIS B 455 29.52 56.31 -46.85
N SER B 456 29.83 57.50 -46.33
CA SER B 456 30.97 58.25 -46.81
C SER B 456 32.25 57.64 -46.26
N GLU B 457 33.23 57.43 -47.14
CA GLU B 457 34.41 56.67 -46.77
C GLU B 457 35.33 57.42 -45.80
N ASN B 458 35.25 58.75 -45.76
CA ASN B 458 36.01 59.49 -44.77
C ASN B 458 35.45 59.18 -43.38
N LEU B 459 36.18 58.38 -42.61
CA LEU B 459 35.66 57.86 -41.35
C LEU B 459 35.24 58.97 -40.39
N GLU B 460 35.94 60.11 -40.39
CA GLU B 460 35.63 61.17 -39.45
C GLU B 460 34.26 61.79 -39.69
N ASN B 461 33.51 61.33 -40.69
CA ASN B 461 32.14 61.80 -40.86
C ASN B 461 31.30 61.44 -39.66
N TRP B 462 31.39 60.20 -39.20
CA TRP B 462 30.61 59.74 -38.05
C TRP B 462 31.45 59.95 -36.80
N LEU B 463 31.20 61.05 -36.12
CA LEU B 463 31.96 61.40 -34.93
C LEU B 463 31.43 60.63 -33.74
N ASP B 464 32.30 59.88 -33.09
CA ASP B 464 31.93 59.03 -31.96
C ASP B 464 32.32 59.72 -30.65
N ILE B 465 32.20 58.98 -29.55
CA ILE B 465 32.44 59.59 -28.25
C ILE B 465 33.92 59.58 -27.88
N SER B 466 34.70 58.66 -28.44
CA SER B 466 36.11 58.59 -28.08
C SER B 466 36.83 59.87 -28.44
N SER B 467 36.32 60.61 -29.42
CA SER B 467 36.88 61.92 -29.72
C SER B 467 36.66 62.89 -28.56
N GLY B 468 35.46 62.89 -28.00
CA GLY B 468 35.11 63.82 -26.93
C GLY B 468 33.99 64.71 -27.42
N ALA B 469 33.14 65.12 -26.48
CA ALA B 469 31.98 65.92 -26.85
C ALA B 469 32.35 67.29 -27.37
N LYS B 470 33.47 67.85 -26.92
CA LYS B 470 33.88 69.17 -27.36
C LYS B 470 34.34 69.17 -28.81
N LYS B 471 34.63 68.02 -29.39
CA LYS B 471 35.24 67.97 -30.70
C LYS B 471 34.24 68.01 -31.84
N CYS B 472 33.05 68.51 -31.60
CA CYS B 472 32.23 68.79 -32.75
C CYS B 472 32.49 70.19 -33.30
N PRO B 473 32.17 70.42 -34.58
CA PRO B 473 32.33 71.76 -35.13
C PRO B 473 31.57 72.81 -34.33
N LYS B 474 32.21 73.97 -34.19
CA LYS B 474 31.61 75.14 -33.57
C LYS B 474 32.26 76.37 -34.20
N ILE B 475 31.71 77.53 -33.90
CA ILE B 475 32.23 78.79 -34.43
C ILE B 475 33.21 79.38 -33.43
N GLN B 476 34.34 79.84 -33.94
CA GLN B 476 35.40 80.37 -33.11
C GLN B 476 35.75 81.78 -33.56
N ILE B 477 35.92 82.67 -32.58
CA ILE B 477 36.23 84.08 -32.86
C ILE B 477 37.72 84.31 -32.69
N THR B 486 37.81 87.41 -36.79
CA THR B 486 38.56 86.19 -37.10
C THR B 486 37.77 84.95 -36.68
N VAL B 487 36.84 84.53 -37.53
CA VAL B 487 35.96 83.42 -37.21
C VAL B 487 36.36 82.21 -38.05
N THR B 488 36.22 81.03 -37.45
CA THR B 488 36.60 79.78 -38.09
C THR B 488 35.76 78.64 -37.51
N MET B 489 35.95 77.45 -38.06
CA MET B 489 35.30 76.25 -37.58
C MET B 489 36.25 75.44 -36.71
N VAL B 490 35.72 74.94 -35.60
CA VAL B 490 36.47 74.06 -34.70
C VAL B 490 35.73 72.73 -34.64
N GLY B 491 36.40 71.73 -34.08
CA GLY B 491 35.87 70.38 -34.01
C GLY B 491 36.38 69.54 -35.17
N SER B 492 35.59 68.53 -35.53
CA SER B 492 35.96 67.60 -36.61
C SER B 492 34.84 67.63 -37.65
N PHE B 493 35.11 68.30 -38.76
CA PHE B 493 34.21 68.33 -39.90
C PHE B 493 34.56 67.22 -40.88
N SER B 494 33.59 66.87 -41.72
CA SER B 494 33.84 65.84 -42.71
C SER B 494 34.64 66.40 -43.89
N PRO B 495 34.21 67.49 -44.54
CA PRO B 495 34.99 68.00 -45.66
C PRO B 495 35.98 69.07 -45.24
N ARG B 496 37.02 69.22 -46.07
CA ARG B 496 38.01 70.27 -45.89
C ARG B 496 37.70 71.51 -46.71
N HIS B 497 36.59 71.51 -47.44
CA HIS B 497 36.17 72.67 -48.23
C HIS B 497 34.81 73.15 -47.74
N SER B 498 34.72 74.43 -47.41
CA SER B 498 33.47 75.02 -46.98
C SER B 498 33.46 76.48 -47.40
N LYS B 499 32.41 77.20 -46.98
CA LYS B 499 32.24 78.61 -47.29
C LYS B 499 31.62 79.31 -46.11
N CYS B 500 32.28 80.36 -45.63
CA CYS B 500 31.81 81.15 -44.50
C CYS B 500 31.14 82.42 -45.01
N MET B 501 30.08 82.84 -44.31
CA MET B 501 29.33 84.04 -44.67
C MET B 501 28.80 84.66 -43.38
N VAL B 502 29.22 85.89 -43.10
CA VAL B 502 28.78 86.61 -41.92
C VAL B 502 27.99 87.83 -42.37
N LYS B 503 27.10 88.30 -41.50
CA LYS B 503 26.24 89.43 -41.82
C LYS B 503 26.21 90.43 -40.67
N GLU B 510 28.70 91.47 -43.63
CA GLU B 510 28.30 90.50 -44.65
C GLU B 510 29.50 90.02 -45.43
N LEU B 511 30.52 89.54 -44.72
CA LEU B 511 31.78 89.13 -45.31
C LEU B 511 31.77 87.63 -45.57
N CYS B 512 32.20 87.24 -46.77
CA CYS B 512 32.18 85.84 -47.17
C CYS B 512 33.59 85.41 -47.60
N GLN B 513 33.87 84.13 -47.37
CA GLN B 513 35.15 83.54 -47.75
C GLN B 513 34.91 82.06 -48.06
N ASN B 514 35.92 81.43 -48.64
CA ASN B 514 35.79 80.05 -49.08
C ASN B 514 37.02 79.26 -48.68
N LYS B 515 37.05 78.01 -49.13
CA LYS B 515 38.15 77.11 -48.82
C LYS B 515 38.77 76.53 -50.10
N CYS B 522 37.85 75.32 -43.73
CA CYS B 522 39.07 76.01 -44.14
C CYS B 522 38.74 77.36 -44.77
N THR B 523 37.64 77.96 -44.32
CA THR B 523 37.17 79.24 -44.82
C THR B 523 37.43 80.31 -43.76
N CYS B 524 38.21 81.33 -44.12
CA CYS B 524 38.55 82.43 -43.24
C CYS B 524 39.13 81.95 -41.92
N ASN B 539 24.33 87.53 -38.69
CA ASN B 539 24.30 86.07 -38.62
C ASN B 539 25.58 85.47 -39.21
N VAL B 540 26.01 84.35 -38.63
CA VAL B 540 27.21 83.64 -39.08
C VAL B 540 26.78 82.31 -39.66
N MET B 541 27.43 81.91 -40.76
CA MET B 541 27.09 80.67 -41.42
C MET B 541 28.36 80.03 -41.98
N PHE B 542 28.50 78.73 -41.77
CA PHE B 542 29.56 77.92 -42.38
C PHE B 542 28.87 76.79 -43.14
N SER B 543 28.86 76.88 -44.46
CA SER B 543 28.17 75.89 -45.29
C SER B 543 29.18 74.94 -45.90
N PHE B 544 28.84 73.65 -45.90
CA PHE B 544 29.70 72.61 -46.44
C PHE B 544 29.06 71.99 -47.66
N GLY B 545 29.80 71.06 -48.28
CA GLY B 545 29.31 70.37 -49.45
C GLY B 545 28.15 69.43 -49.19
N SER B 546 27.95 69.04 -47.92
CA SER B 546 26.87 68.13 -47.57
C SER B 546 25.99 68.61 -46.43
N TRP B 547 26.46 69.56 -45.61
CA TRP B 547 25.66 70.08 -44.51
C TRP B 547 26.02 71.55 -44.32
N ASN B 548 25.63 72.09 -43.16
CA ASN B 548 25.80 73.51 -42.90
C ASN B 548 25.73 73.75 -41.40
N LEU B 549 26.05 74.97 -41.01
CA LEU B 549 25.95 75.41 -39.62
C LEU B 549 25.68 76.90 -39.61
N SER B 550 24.86 77.35 -38.66
CA SER B 550 24.52 78.76 -38.59
C SER B 550 24.27 79.17 -37.14
N ASP B 551 24.64 80.41 -36.83
CA ASP B 551 24.40 80.99 -35.51
C ASP B 551 24.62 82.50 -35.61
N ARG B 552 23.67 83.27 -35.09
CA ARG B 552 23.76 84.73 -35.13
C ARG B 552 24.67 85.25 -34.02
N LEU B 625 14.23 69.93 20.56
CA LEU B 625 13.52 69.59 19.33
C LEU B 625 12.24 68.82 19.63
N GLN B 626 11.14 69.30 19.08
CA GLN B 626 9.83 68.72 19.34
C GLN B 626 9.68 67.40 18.60
N VAL B 627 8.64 66.67 18.92
CA VAL B 627 8.35 65.42 18.24
C VAL B 627 7.76 65.71 16.87
N PHE B 628 7.84 64.72 15.99
CA PHE B 628 7.21 64.82 14.68
C PHE B 628 6.73 63.44 14.30
N TYR B 629 5.42 63.29 14.15
CA TYR B 629 4.80 62.00 13.91
C TYR B 629 4.18 61.98 12.52
N ILE B 630 4.35 60.86 11.82
CA ILE B 630 3.82 60.68 10.48
C ILE B 630 2.89 59.48 10.54
N LYS B 631 1.59 59.74 10.49
CA LYS B 631 0.63 58.64 10.46
C LYS B 631 0.80 57.82 9.20
N SER B 632 0.62 58.45 8.04
CA SER B 632 0.71 57.73 6.77
C SER B 632 0.78 58.74 5.64
N ILE B 633 0.78 58.21 4.42
CA ILE B 633 0.88 59.00 3.20
C ILE B 633 -0.03 58.39 2.16
N GLU B 634 -0.74 59.25 1.40
CA GLU B 634 -1.66 58.74 0.41
C GLU B 634 -1.68 59.67 -0.80
N PRO B 635 -1.80 59.13 -2.01
CA PRO B 635 -1.87 57.69 -2.26
C PRO B 635 -0.49 57.06 -2.20
N GLN B 636 -0.40 55.76 -2.46
CA GLN B 636 0.89 55.10 -2.56
C GLN B 636 1.16 54.58 -3.97
N LYS B 637 0.30 54.90 -4.93
CA LYS B 637 0.49 54.52 -6.33
C LYS B 637 0.29 55.78 -7.15
N VAL B 638 1.33 56.55 -7.30
CA VAL B 638 1.28 57.75 -8.12
C VAL B 638 1.62 57.37 -9.54
N SER B 639 0.84 57.87 -10.49
CA SER B 639 1.16 57.59 -11.88
C SER B 639 2.46 58.27 -12.27
N THR B 640 3.02 57.82 -13.39
CA THR B 640 4.34 58.30 -13.82
C THR B 640 4.37 59.80 -13.97
N LEU B 641 3.26 60.40 -14.39
CA LEU B 641 3.20 61.84 -14.59
C LEU B 641 3.27 62.62 -13.32
N GLY B 642 3.52 62.00 -12.18
CA GLY B 642 3.56 62.73 -10.94
C GLY B 642 2.19 62.90 -10.35
N LYS B 643 2.12 63.46 -9.15
CA LYS B 643 0.85 63.75 -8.48
C LYS B 643 0.95 65.14 -7.88
N SER B 644 -0.02 65.98 -8.17
CA SER B 644 -0.01 67.33 -7.65
C SER B 644 -0.27 67.39 -6.15
N ASN B 645 -0.83 66.34 -5.57
CA ASN B 645 -1.40 66.45 -4.23
C ASN B 645 -1.23 65.11 -3.52
N VAL B 646 -0.21 65.02 -2.68
CA VAL B 646 0.03 63.84 -1.86
C VAL B 646 -0.14 64.24 -0.42
N ILE B 647 -1.06 63.60 0.28
CA ILE B 647 -1.45 63.98 1.62
C ILE B 647 -0.69 63.13 2.61
N VAL B 648 0.07 63.77 3.47
CA VAL B 648 0.77 63.11 4.57
C VAL B 648 0.03 63.45 5.85
N THR B 649 -0.48 62.42 6.52
CA THR B 649 -1.17 62.58 7.78
C THR B 649 -0.22 62.22 8.92
N GLY B 650 -0.31 62.98 10.01
CA GLY B 650 0.52 62.77 11.17
C GLY B 650 0.14 63.71 12.29
N ALA B 651 1.14 64.32 12.94
CA ALA B 651 0.85 65.21 14.06
C ALA B 651 1.90 66.30 14.13
N ASN B 652 1.51 67.44 14.71
CA ASN B 652 2.42 68.56 14.95
C ASN B 652 3.03 69.06 13.64
N PHE B 653 2.28 68.96 12.55
CA PHE B 653 2.81 69.31 11.24
C PHE B 653 2.97 70.80 11.05
N THR B 654 2.79 71.60 12.09
CA THR B 654 2.97 73.03 12.00
C THR B 654 4.17 73.54 12.79
N ARG B 655 4.83 72.68 13.56
CA ARG B 655 5.97 73.11 14.35
C ARG B 655 7.27 73.03 13.55
N ALA B 656 7.28 73.55 12.33
CA ALA B 656 8.46 73.41 11.49
C ALA B 656 8.36 74.37 10.31
N SER B 657 9.51 74.92 9.91
CA SER B 657 9.54 75.87 8.80
C SER B 657 9.86 75.18 7.48
N ASN B 658 11.04 74.55 7.40
CA ASN B 658 11.52 73.93 6.17
C ASN B 658 11.35 72.43 6.28
N ILE B 659 10.24 71.90 5.77
CA ILE B 659 10.00 70.47 5.74
C ILE B 659 10.21 69.98 4.31
N THR B 660 10.95 68.89 4.17
CA THR B 660 11.35 68.37 2.89
C THR B 660 10.97 66.90 2.79
N MET B 661 10.69 66.47 1.58
CA MET B 661 10.49 65.07 1.26
C MET B 661 11.56 64.65 0.26
N ILE B 662 12.23 63.54 0.55
CA ILE B 662 13.28 63.02 -0.30
C ILE B 662 12.85 61.62 -0.73
N LEU B 663 12.67 61.45 -2.04
CA LEU B 663 12.42 60.14 -2.64
C LEU B 663 13.71 59.66 -3.29
N LYS B 664 14.03 58.39 -3.09
CA LYS B 664 15.13 57.74 -3.77
C LYS B 664 14.64 56.44 -4.38
N GLY B 665 14.71 56.34 -5.70
CA GLY B 665 14.35 55.10 -6.35
C GLY B 665 15.51 54.19 -6.68
N THR B 666 16.47 54.73 -7.41
CA THR B 666 17.59 53.96 -7.94
C THR B 666 18.87 54.43 -7.28
N SER B 667 19.64 53.49 -6.74
CA SER B 667 20.85 53.86 -6.01
C SER B 667 21.84 54.63 -6.86
N THR B 668 21.59 54.75 -8.16
CA THR B 668 22.46 55.53 -9.01
C THR B 668 21.84 56.86 -9.41
N CYS B 669 20.56 56.86 -9.74
CA CYS B 669 19.92 58.12 -10.07
C CYS B 669 19.76 58.98 -8.82
N ASP B 670 19.64 60.28 -9.03
CA ASP B 670 19.65 61.24 -7.94
C ASP B 670 18.35 61.14 -7.14
N LYS B 671 18.21 62.04 -6.17
CA LYS B 671 17.08 62.02 -5.26
C LYS B 671 16.11 63.15 -5.58
N ASP B 672 14.82 62.86 -5.46
CA ASP B 672 13.77 63.85 -5.62
C ASP B 672 13.54 64.53 -4.27
N VAL B 673 14.02 65.76 -4.14
CA VAL B 673 13.86 66.53 -2.90
C VAL B 673 12.88 67.66 -3.17
N ILE B 674 11.86 67.76 -2.34
CA ILE B 674 10.75 68.68 -2.55
C ILE B 674 10.34 69.32 -1.24
N GLN B 675 9.73 70.49 -1.34
CA GLN B 675 9.16 71.21 -0.20
C GLN B 675 7.65 71.01 -0.14
N VAL B 676 7.10 71.12 1.07
CA VAL B 676 5.66 70.94 1.25
C VAL B 676 4.92 71.99 0.45
N SER B 677 3.82 71.60 -0.17
CA SER B 677 3.07 72.53 -1.00
C SER B 677 2.40 73.61 -0.16
N HIS B 678 1.47 73.21 0.70
CA HIS B 678 0.78 74.16 1.55
C HIS B 678 0.43 73.46 2.86
N VAL B 679 1.11 73.86 3.93
CA VAL B 679 1.02 73.14 5.20
C VAL B 679 -0.39 73.32 5.73
N LEU B 680 -1.18 72.25 5.64
CA LEU B 680 -2.54 72.23 6.16
C LEU B 680 -2.50 71.99 7.66
N ASN B 681 -3.64 71.56 8.20
CA ASN B 681 -3.76 71.23 9.62
C ASN B 681 -2.52 70.54 10.15
N ASP B 682 -2.16 70.87 11.40
CA ASP B 682 -0.97 70.34 12.05
C ASP B 682 -0.94 68.82 12.04
N THR B 683 -2.01 68.20 11.56
CA THR B 683 -2.03 66.76 11.32
C THR B 683 -1.84 66.40 9.86
N HIS B 684 -2.07 67.31 8.93
CA HIS B 684 -2.03 67.01 7.50
C HIS B 684 -1.16 68.00 6.75
N MET B 685 -0.38 67.50 5.80
CA MET B 685 0.32 68.36 4.86
C MET B 685 0.19 67.76 3.47
N LYS B 686 0.57 68.55 2.46
CA LYS B 686 0.36 68.18 1.07
C LYS B 686 1.60 68.48 0.25
N PHE B 687 1.99 67.51 -0.59
CA PHE B 687 3.14 67.60 -1.48
C PHE B 687 2.71 67.52 -2.94
N SER B 688 3.67 67.75 -3.82
CA SER B 688 3.45 67.68 -5.26
C SER B 688 4.64 66.99 -5.90
N LEU B 689 4.44 65.76 -6.38
CA LEU B 689 5.53 64.97 -6.94
C LEU B 689 5.61 65.16 -8.45
N PRO B 690 6.82 65.25 -8.99
CA PRO B 690 7.00 65.49 -10.42
C PRO B 690 7.07 64.18 -11.19
N SER B 691 7.20 64.32 -12.50
CA SER B 691 7.30 63.15 -13.37
C SER B 691 8.59 62.39 -13.08
N SER B 692 8.59 61.10 -13.40
CA SER B 692 9.75 60.27 -13.19
C SER B 692 9.63 59.04 -14.08
N ARG B 693 10.44 58.03 -13.80
CA ARG B 693 10.38 56.75 -14.48
C ARG B 693 9.67 55.74 -13.59
N LYS B 694 9.02 54.78 -14.22
CA LYS B 694 8.35 53.72 -13.49
C LYS B 694 9.29 53.10 -12.49
N GLU B 695 8.89 53.13 -11.22
CA GLU B 695 9.80 52.71 -10.16
C GLU B 695 8.99 52.53 -8.89
N MET B 696 9.68 52.16 -7.83
CA MET B 696 9.12 52.07 -6.49
C MET B 696 10.09 52.82 -5.58
N LYS B 697 9.83 54.10 -5.39
CA LYS B 697 10.77 54.97 -4.69
C LYS B 697 10.53 54.92 -3.19
N ASP B 698 11.62 54.98 -2.43
CA ASP B 698 11.52 55.15 -0.99
C ASP B 698 11.30 56.62 -0.69
N VAL B 699 10.47 56.89 0.32
CA VAL B 699 10.12 58.26 0.70
C VAL B 699 10.51 58.47 2.15
N CYS B 700 11.53 59.29 2.37
CA CYS B 700 11.81 59.82 3.69
C CYS B 700 11.33 61.26 3.74
N ILE B 701 10.94 61.70 4.93
CA ILE B 701 10.55 63.09 5.16
C ILE B 701 11.45 63.63 6.25
N GLN B 702 12.18 64.70 5.93
CA GLN B 702 13.08 65.34 6.87
C GLN B 702 12.54 66.73 7.16
N PHE B 703 12.27 67.01 8.43
CA PHE B 703 11.72 68.28 8.84
C PHE B 703 12.81 69.35 8.89
N ASP B 704 12.55 70.44 9.61
CA ASP B 704 13.43 71.60 9.67
C ASP B 704 14.90 71.20 9.73
N GLY B 705 15.20 70.13 10.45
CA GLY B 705 16.52 69.56 10.45
C GLY B 705 16.54 68.22 11.15
N GLY B 706 17.28 67.26 10.62
CA GLY B 706 17.40 65.98 11.28
C GLY B 706 17.48 64.85 10.28
N ASN B 707 17.40 63.64 10.81
CA ASN B 707 17.43 62.46 9.96
C ASN B 707 16.12 62.33 9.20
N CYS B 708 16.17 61.59 8.09
CA CYS B 708 14.97 61.31 7.34
C CYS B 708 14.07 60.36 8.12
N SER B 709 12.78 60.60 8.06
CA SER B 709 11.77 59.73 8.64
C SER B 709 11.16 58.94 7.48
N SER B 710 11.52 57.67 7.38
CA SER B 710 11.07 56.85 6.26
C SER B 710 9.59 56.55 6.42
N VAL B 711 8.75 57.28 5.69
CA VAL B 711 7.31 57.07 5.84
C VAL B 711 6.90 55.76 5.19
N GLY B 712 7.60 55.34 4.15
CA GLY B 712 7.25 54.11 3.47
C GLY B 712 7.47 54.17 1.97
N SER B 713 7.31 53.03 1.32
CA SER B 713 7.53 52.96 -0.12
C SER B 713 6.44 53.72 -0.86
N LEU B 714 6.79 54.16 -2.07
CA LEU B 714 5.84 54.88 -2.90
C LEU B 714 6.21 54.59 -4.34
N SER B 715 5.30 53.96 -5.07
CA SER B 715 5.63 53.40 -6.37
C SER B 715 5.03 54.24 -7.48
N TYR B 716 5.88 54.83 -8.31
CA TYR B 716 5.40 55.30 -9.59
C TYR B 716 4.88 54.12 -10.38
N ILE B 717 4.01 54.40 -11.33
CA ILE B 717 3.29 53.35 -12.03
C ILE B 717 3.12 53.73 -13.48
N ALA B 718 3.15 52.74 -14.35
CA ALA B 718 2.95 52.98 -15.77
C ALA B 718 1.58 53.60 -16.01
N LEU B 719 1.48 54.36 -17.09
CA LEU B 719 0.22 54.96 -17.44
C LEU B 719 -0.84 53.88 -17.65
N PRO B 720 -2.09 54.17 -17.31
CA PRO B 720 -3.15 53.16 -17.48
C PRO B 720 -3.54 52.98 -18.93
N HIS B 721 -3.15 51.86 -19.53
CA HIS B 721 -3.64 51.49 -20.84
C HIS B 721 -4.93 50.70 -20.67
N CYS B 722 -5.84 50.88 -21.62
CA CYS B 722 -7.22 50.45 -21.48
C CYS B 722 -7.41 49.21 -22.33
N SER B 723 -7.59 48.07 -21.68
CA SER B 723 -7.69 46.83 -22.43
C SER B 723 -9.06 46.69 -23.08
N LEU B 724 -10.13 46.63 -22.29
CA LEU B 724 -11.42 46.28 -22.84
C LEU B 724 -12.54 46.92 -22.03
N ILE B 725 -13.71 46.97 -22.65
CA ILE B 725 -14.92 47.54 -22.08
C ILE B 725 -15.99 46.46 -22.10
N PHE B 726 -16.40 46.00 -20.92
CA PHE B 726 -17.18 44.76 -20.83
C PHE B 726 -18.50 44.85 -21.60
N PRO B 727 -19.42 45.75 -21.29
CA PRO B 727 -20.67 45.76 -22.06
C PRO B 727 -20.51 46.32 -23.46
N ALA B 728 -19.68 47.35 -23.60
CA ALA B 728 -19.27 47.90 -24.90
C ALA B 728 -20.42 48.55 -25.64
N THR B 729 -21.64 48.45 -25.11
CA THR B 729 -22.82 49.10 -25.68
C THR B 729 -23.93 49.06 -24.65
N THR B 730 -24.63 50.18 -24.48
CA THR B 730 -25.72 50.28 -23.54
C THR B 730 -26.77 51.22 -24.13
N TRP B 731 -27.96 51.17 -23.56
CA TRP B 731 -29.08 51.96 -24.05
C TRP B 731 -28.79 53.45 -23.85
N ILE B 732 -29.29 54.27 -24.77
CA ILE B 732 -29.06 55.70 -24.70
C ILE B 732 -29.48 56.25 -23.34
N SER B 733 -30.40 55.57 -22.66
CA SER B 733 -30.70 55.91 -21.29
C SER B 733 -29.52 55.70 -20.37
N GLY B 734 -28.69 54.69 -20.65
CA GLY B 734 -27.53 54.44 -19.82
C GLY B 734 -27.93 53.94 -18.44
N GLY B 735 -27.00 54.13 -17.51
CA GLY B 735 -27.17 53.68 -16.14
C GLY B 735 -26.61 52.31 -15.84
N GLN B 736 -26.09 51.62 -16.84
CA GLN B 736 -25.49 50.30 -16.67
C GLN B 736 -24.03 50.48 -16.32
N ASN B 737 -23.59 49.82 -15.25
CA ASN B 737 -22.21 50.03 -14.80
C ASN B 737 -21.28 49.34 -15.79
N ILE B 738 -20.89 50.11 -16.80
CA ILE B 738 -19.84 49.66 -17.72
C ILE B 738 -18.60 49.32 -16.92
N THR B 739 -18.06 48.14 -17.17
CA THR B 739 -16.84 47.68 -16.55
C THR B 739 -15.70 47.76 -17.55
N MET B 740 -14.60 48.39 -17.14
CA MET B 740 -13.41 48.50 -17.97
C MET B 740 -12.29 47.70 -17.32
N MET B 741 -11.72 46.77 -18.08
CA MET B 741 -10.57 46.01 -17.65
C MET B 741 -9.32 46.60 -18.30
N GLY B 742 -8.25 46.72 -17.52
CA GLY B 742 -7.02 47.29 -18.01
C GLY B 742 -5.91 46.99 -17.03
N ARG B 743 -4.89 47.84 -17.07
CA ARG B 743 -3.79 47.74 -16.13
C ARG B 743 -3.50 49.10 -15.52
N ASN B 744 -3.15 49.09 -14.23
CA ASN B 744 -2.77 50.30 -13.51
C ASN B 744 -3.92 51.31 -13.48
N PHE B 745 -5.09 50.84 -13.04
CA PHE B 745 -6.23 51.73 -12.92
C PHE B 745 -6.27 52.45 -11.59
N ASP B 746 -5.67 51.88 -10.56
CA ASP B 746 -5.66 52.50 -9.24
C ASP B 746 -5.10 53.91 -9.24
N VAL B 747 -4.24 54.25 -10.21
CA VAL B 747 -3.66 55.57 -10.25
C VAL B 747 -4.50 56.56 -11.02
N ILE B 748 -5.66 56.14 -11.52
CA ILE B 748 -6.49 57.03 -12.32
C ILE B 748 -7.01 58.18 -11.46
N ASP B 749 -6.78 59.40 -11.93
CA ASP B 749 -7.37 60.56 -11.26
C ASP B 749 -8.88 60.53 -11.39
N ASN B 750 -9.39 60.60 -12.61
CA ASN B 750 -10.83 60.44 -12.83
C ASN B 750 -11.05 60.21 -14.32
N LEU B 751 -12.31 60.29 -14.75
CA LEU B 751 -12.72 59.87 -16.07
C LEU B 751 -13.49 60.98 -16.78
N ILE B 752 -13.42 60.96 -18.10
CA ILE B 752 -14.13 61.90 -18.96
C ILE B 752 -14.91 61.10 -19.98
N ILE B 753 -16.09 61.58 -20.34
CA ILE B 753 -16.94 60.94 -21.35
C ILE B 753 -17.18 61.99 -22.42
N SER B 754 -16.37 61.97 -23.47
CA SER B 754 -16.43 62.98 -24.53
C SER B 754 -17.29 62.48 -25.68
N HIS B 755 -18.11 63.38 -26.21
CA HIS B 755 -18.96 63.10 -27.36
C HIS B 755 -19.03 64.33 -28.26
N GLY B 759 -19.81 66.77 -26.01
CA GLY B 759 -20.00 67.24 -24.66
C GLY B 759 -19.49 66.29 -23.61
N ASN B 760 -18.83 66.83 -22.58
CA ASN B 760 -18.28 66.00 -21.53
C ASN B 760 -19.31 65.76 -20.43
N ILE B 761 -19.17 64.62 -19.75
CA ILE B 761 -20.06 64.23 -18.66
C ILE B 761 -19.20 63.65 -17.55
N ASN B 762 -19.22 64.29 -16.39
CA ASN B 762 -18.55 63.73 -15.23
C ASN B 762 -19.36 62.55 -14.69
N VAL B 763 -18.66 61.46 -14.36
CA VAL B 763 -19.30 60.26 -13.84
C VAL B 763 -18.37 59.63 -12.81
N SER B 764 -18.98 59.00 -11.82
CA SER B 764 -18.23 58.42 -10.72
C SER B 764 -17.40 57.23 -11.20
N GLU B 765 -16.68 56.63 -10.25
CA GLU B 765 -15.81 55.49 -10.51
C GLU B 765 -15.64 54.72 -9.22
N TYR B 766 -15.65 53.39 -9.34
CA TYR B 766 -15.52 52.48 -8.20
C TYR B 766 -14.45 51.46 -8.60
N CYS B 767 -13.19 51.79 -8.38
CA CYS B 767 -12.10 50.99 -8.94
C CYS B 767 -10.96 50.63 -8.01
N VAL B 768 -10.30 49.55 -8.42
CA VAL B 768 -9.14 48.91 -7.82
C VAL B 768 -8.14 48.78 -8.95
N ALA B 769 -7.02 48.12 -8.70
CA ALA B 769 -5.88 48.04 -9.62
C ALA B 769 -6.24 47.72 -11.07
N THR B 770 -6.89 46.59 -11.31
CA THR B 770 -6.97 46.04 -12.66
C THR B 770 -8.24 46.41 -13.43
N TYR B 771 -9.35 46.66 -12.74
CA TYR B 771 -10.62 46.87 -13.43
C TYR B 771 -11.45 47.88 -12.65
N CYS B 772 -12.40 48.50 -13.34
CA CYS B 772 -13.24 49.41 -12.59
C CYS B 772 -14.50 49.74 -13.37
N GLY B 773 -15.58 49.96 -12.63
CA GLY B 773 -16.88 50.16 -13.23
C GLY B 773 -17.43 51.55 -13.02
N PHE B 774 -18.43 51.91 -13.81
CA PHE B 774 -19.05 53.23 -13.73
C PHE B 774 -20.34 53.21 -14.52
N LEU B 775 -21.38 53.83 -13.97
CA LEU B 775 -22.67 53.84 -14.61
C LEU B 775 -22.65 54.70 -15.87
N ALA B 776 -23.19 54.15 -16.96
CA ALA B 776 -23.22 54.86 -18.24
C ALA B 776 -24.17 56.04 -18.16
N PRO B 777 -23.66 57.28 -18.16
CA PRO B 777 -24.50 58.44 -17.84
C PRO B 777 -25.03 59.25 -19.02
N SER B 778 -24.86 58.80 -20.26
CA SER B 778 -25.11 59.68 -21.40
C SER B 778 -26.53 60.23 -21.42
N LEU B 779 -27.51 59.38 -21.12
CA LEU B 779 -28.91 59.77 -21.12
C LEU B 779 -29.33 60.37 -22.46
N THR B 786 -25.53 56.60 -30.11
CA THR B 786 -24.54 57.55 -29.63
C THR B 786 -23.23 56.86 -29.29
N ASN B 787 -22.20 57.13 -30.08
CA ASN B 787 -20.90 56.54 -29.89
C ASN B 787 -20.00 57.51 -29.11
N VAL B 788 -19.80 57.22 -27.82
CA VAL B 788 -19.07 58.11 -26.93
C VAL B 788 -17.69 57.52 -26.68
N THR B 789 -16.73 58.41 -26.44
CA THR B 789 -15.35 58.02 -26.16
C THR B 789 -14.98 58.43 -24.75
N VAL B 790 -14.63 57.45 -23.92
CA VAL B 790 -14.24 57.72 -22.55
C VAL B 790 -12.73 57.83 -22.50
N LYS B 791 -12.24 58.66 -21.60
CA LYS B 791 -10.82 58.99 -21.51
C LYS B 791 -10.45 59.12 -20.06
N LEU B 792 -9.44 58.36 -19.63
CA LEU B 792 -8.91 58.54 -18.29
C LEU B 792 -8.13 59.83 -18.24
N ARG B 793 -8.46 60.71 -17.30
CA ARG B 793 -7.67 61.90 -17.07
C ARG B 793 -6.89 61.70 -15.78
N VAL B 794 -5.59 61.97 -15.88
CA VAL B 794 -4.66 61.90 -14.75
C VAL B 794 -3.71 63.08 -14.91
N GLN B 795 -3.63 63.92 -13.88
CA GLN B 795 -2.71 65.05 -13.83
C GLN B 795 -2.68 65.80 -15.16
N ASP B 796 -3.85 66.30 -15.55
CA ASP B 796 -4.03 67.15 -16.72
C ASP B 796 -3.67 66.44 -18.02
N THR B 797 -3.75 65.13 -18.06
CA THR B 797 -3.54 64.37 -19.29
C THR B 797 -4.73 63.44 -19.50
N TYR B 798 -4.95 63.06 -20.75
CA TYR B 798 -6.11 62.27 -21.15
C TYR B 798 -5.67 61.14 -22.05
N LEU B 799 -5.95 59.91 -21.63
CA LEU B 799 -5.72 58.71 -22.43
C LEU B 799 -7.07 58.17 -22.86
N ASP B 800 -7.09 57.47 -23.99
CA ASP B 800 -8.35 57.02 -24.56
C ASP B 800 -8.73 55.64 -24.02
N CYS B 801 -10.01 55.29 -24.19
CA CYS B 801 -10.51 53.97 -23.85
C CYS B 801 -11.64 53.63 -24.81
N GLY B 802 -11.32 52.94 -25.89
CA GLY B 802 -12.29 52.45 -26.85
C GLY B 802 -13.42 53.41 -27.17
N THR B 803 -14.65 52.89 -27.23
CA THR B 803 -15.81 53.71 -27.47
C THR B 803 -17.05 52.97 -26.99
N LEU B 804 -17.84 53.65 -26.16
CA LEU B 804 -19.12 53.13 -25.71
C LEU B 804 -20.20 53.66 -26.63
N GLN B 805 -21.08 52.77 -27.10
CA GLN B 805 -22.15 53.14 -28.01
C GLN B 805 -23.49 53.10 -27.29
N TYR B 806 -24.30 54.12 -27.54
CA TYR B 806 -25.61 54.24 -26.93
C TYR B 806 -26.70 54.10 -27.99
N ARG B 807 -27.62 53.17 -27.76
CA ARG B 807 -28.75 52.95 -28.65
C ARG B 807 -30.05 53.13 -27.89
N GLU B 808 -31.16 53.03 -28.62
CA GLU B 808 -32.47 53.23 -28.02
C GLU B 808 -32.78 52.13 -27.01
N ASP B 809 -33.79 52.38 -26.19
CA ASP B 809 -34.22 51.38 -25.22
C ASP B 809 -34.96 50.26 -25.96
N PRO B 810 -34.84 49.03 -25.50
CA PRO B 810 -35.44 47.90 -26.21
C PRO B 810 -36.95 47.78 -25.97
N ARG B 811 -37.61 47.15 -26.92
CA ARG B 811 -39.05 46.91 -26.82
C ARG B 811 -39.33 45.63 -26.06
N PHE B 812 -40.53 45.54 -25.50
CA PHE B 812 -40.86 44.49 -24.55
C PHE B 812 -42.20 43.85 -24.87
N THR B 813 -42.37 42.62 -24.38
CA THR B 813 -43.65 41.93 -24.36
C THR B 813 -43.66 41.00 -23.17
N GLY B 814 -44.76 41.00 -22.43
CA GLY B 814 -44.79 40.34 -21.14
C GLY B 814 -45.80 39.21 -21.10
N TYR B 815 -45.50 38.20 -20.29
CA TYR B 815 -46.38 37.06 -20.13
C TYR B 815 -45.97 36.33 -18.86
N ARG B 816 -46.74 35.31 -18.51
CA ARG B 816 -46.47 34.52 -17.31
C ARG B 816 -46.74 33.04 -17.55
N THR B 823 -44.39 29.24 -9.89
CA THR B 823 -44.77 30.35 -10.76
C THR B 823 -43.75 30.53 -11.88
N GLU B 824 -44.08 31.40 -12.83
CA GLU B 824 -43.20 31.66 -13.96
C GLU B 824 -43.59 32.99 -14.60
N LEU B 825 -42.61 33.60 -15.27
CA LEU B 825 -42.82 34.85 -15.99
C LEU B 825 -41.94 34.83 -17.23
N GLU B 826 -42.53 35.10 -18.40
CA GLU B 826 -41.83 35.00 -19.67
C GLU B 826 -41.87 36.35 -20.38
N VAL B 827 -40.70 36.87 -20.74
CA VAL B 827 -40.62 38.17 -21.39
C VAL B 827 -39.90 38.01 -22.72
N LYS B 828 -40.31 38.83 -23.69
CA LYS B 828 -39.76 38.81 -25.03
C LYS B 828 -39.28 40.21 -25.39
N ILE B 829 -38.05 40.29 -25.89
CA ILE B 829 -37.41 41.55 -26.23
C ILE B 829 -36.75 41.40 -27.60
N GLN B 830 -36.96 42.39 -28.46
CA GLN B 830 -36.39 42.37 -29.79
C GLN B 830 -34.88 42.50 -29.74
N ASN B 835 -28.51 43.76 -29.04
CA ASN B 835 -27.14 44.25 -28.99
C ASN B 835 -26.65 44.31 -27.56
N PHE B 836 -27.39 45.04 -26.73
CA PHE B 836 -27.05 45.17 -25.32
C PHE B 836 -26.89 43.80 -24.68
N ASN B 837 -25.86 43.66 -23.84
CA ASN B 837 -25.55 42.38 -23.23
C ASN B 837 -26.10 42.33 -21.81
N ILE B 838 -27.43 42.28 -21.74
CA ILE B 838 -28.12 42.32 -20.46
C ILE B 838 -27.88 41.02 -19.71
N SER B 839 -27.73 41.13 -18.39
CA SER B 839 -27.48 39.96 -17.55
C SER B 839 -28.31 40.12 -16.28
N LYS B 840 -28.18 39.17 -15.36
CA LYS B 840 -29.08 39.10 -14.21
C LYS B 840 -28.97 40.34 -13.34
N LYS B 841 -27.76 40.64 -12.85
CA LYS B 841 -27.56 41.75 -11.94
C LYS B 841 -28.00 43.08 -12.53
N ASP B 842 -28.17 43.15 -13.85
CA ASP B 842 -28.68 44.37 -14.46
C ASP B 842 -30.18 44.53 -14.25
N ILE B 843 -30.92 43.43 -14.17
CA ILE B 843 -32.37 43.46 -14.10
C ILE B 843 -32.80 43.17 -12.68
N GLU B 844 -33.80 43.92 -12.21
CA GLU B 844 -34.38 43.71 -10.89
C GLU B 844 -35.87 43.45 -11.05
N ILE B 845 -36.29 42.21 -10.85
CA ILE B 845 -37.71 41.84 -10.91
C ILE B 845 -38.16 41.46 -9.52
N THR B 846 -39.12 42.20 -8.99
CA THR B 846 -39.78 41.91 -7.73
C THR B 846 -41.19 41.42 -8.02
N LEU B 847 -41.64 40.46 -7.23
CA LEU B 847 -42.96 39.87 -7.41
C LEU B 847 -43.96 40.46 -6.42
N GLN B 854 -33.89 35.06 -10.18
CA GLN B 854 -34.00 33.74 -10.77
C GLN B 854 -34.23 33.85 -12.28
N LEU B 855 -33.44 34.71 -12.93
CA LEU B 855 -33.60 34.99 -14.34
C LEU B 855 -32.78 34.01 -15.17
N ASN B 856 -33.28 33.70 -16.36
CA ASN B 856 -32.52 32.93 -17.33
C ASN B 856 -33.04 33.31 -18.70
N CYS B 857 -32.17 33.85 -19.55
CA CYS B 857 -32.57 34.37 -20.84
C CYS B 857 -31.79 33.72 -21.97
N SER B 858 -32.32 33.85 -23.18
CA SER B 858 -31.67 33.33 -24.38
C SER B 858 -32.33 33.94 -25.60
N PHE B 859 -31.56 34.11 -26.67
CA PHE B 859 -32.05 34.69 -27.91
C PHE B 859 -32.75 33.63 -28.75
N GLU B 860 -33.97 33.94 -29.21
CA GLU B 860 -34.71 33.03 -30.08
C GLU B 860 -35.50 33.88 -31.08
N ASN B 861 -34.90 34.11 -32.25
CA ASN B 861 -35.53 34.97 -33.26
C ASN B 861 -35.30 34.43 -34.67
N THR B 870 -37.72 36.60 -31.21
CA THR B 870 -37.11 37.69 -30.46
C THR B 870 -36.03 37.18 -29.53
N ILE B 871 -36.10 37.55 -28.25
CA ILE B 871 -35.21 37.04 -27.22
C ILE B 871 -36.04 36.87 -25.96
N LEU B 872 -36.06 35.66 -25.41
CA LEU B 872 -36.95 35.34 -24.30
C LEU B 872 -36.17 35.12 -23.01
N CYS B 873 -36.69 35.70 -21.94
CA CYS B 873 -36.09 35.59 -20.62
C CYS B 873 -37.17 35.18 -19.62
N LYS B 874 -36.85 34.25 -18.72
CA LYS B 874 -37.83 33.69 -17.81
C LYS B 874 -37.32 33.73 -16.38
N ILE B 875 -38.22 34.06 -15.46
CA ILE B 875 -37.92 34.08 -14.02
C ILE B 875 -39.00 33.25 -13.33
N LYS B 876 -38.58 32.49 -12.32
CA LYS B 876 -39.53 31.72 -11.53
C LYS B 876 -40.00 32.52 -10.32
N LYS B 890 -48.70 42.64 -10.09
CA LYS B 890 -47.96 43.72 -9.45
C LYS B 890 -46.46 43.42 -9.44
N VAL B 891 -45.92 43.08 -10.60
CA VAL B 891 -44.51 42.72 -10.74
C VAL B 891 -43.75 43.94 -11.25
N ARG B 892 -42.58 44.19 -10.66
CA ARG B 892 -41.77 45.35 -10.99
C ARG B 892 -40.46 44.91 -11.63
N VAL B 893 -40.03 45.62 -12.66
CA VAL B 893 -38.77 45.33 -13.34
C VAL B 893 -38.00 46.64 -13.53
N LYS B 894 -36.75 46.65 -13.09
CA LYS B 894 -35.85 47.78 -13.23
C LYS B 894 -34.67 47.38 -14.09
N LEU B 895 -34.42 48.19 -15.13
CA LEU B 895 -33.34 48.00 -16.09
C LEU B 895 -32.64 49.34 -16.23
N GLY B 896 -31.40 49.42 -15.78
CA GLY B 896 -30.69 50.69 -15.76
C GLY B 896 -31.42 51.74 -14.95
N ASN B 897 -31.92 52.77 -15.62
CA ASN B 897 -32.72 53.80 -14.95
C ASN B 897 -34.21 53.65 -15.22
N LEU B 898 -34.60 52.74 -16.10
CA LEU B 898 -35.99 52.57 -16.48
C LEU B 898 -36.66 51.53 -15.59
N GLU B 899 -37.68 51.96 -14.85
CA GLU B 899 -38.47 51.07 -14.00
C GLU B 899 -39.88 50.99 -14.57
N LEU B 900 -40.36 49.76 -14.80
CA LEU B 900 -41.64 49.54 -15.44
C LEU B 900 -42.12 48.13 -15.13
N TYR B 901 -43.07 47.65 -15.91
CA TYR B 901 -43.57 46.28 -15.79
C TYR B 901 -43.89 45.71 -17.17
N GLU C 1 41.95 -24.56 42.40
CA GLU C 1 42.08 -25.70 43.31
C GLU C 1 40.76 -25.97 44.00
N LEU C 2 40.44 -27.24 44.23
CA LEU C 2 39.15 -27.57 44.81
C LEU C 2 39.15 -28.99 45.38
N GLU C 3 38.82 -29.11 46.66
CA GLU C 3 38.70 -30.40 47.32
C GLU C 3 37.23 -30.64 47.60
N ILE C 4 36.67 -31.71 47.04
CA ILE C 4 35.26 -32.03 47.19
C ILE C 4 35.12 -33.35 47.92
N GLU C 5 34.28 -33.35 48.94
CA GLU C 5 33.92 -34.55 49.67
C GLU C 5 32.61 -35.11 49.13
N TRP C 6 32.53 -36.43 49.03
CA TRP C 6 31.53 -37.10 48.23
C TRP C 6 30.56 -37.89 49.09
N HIS C 7 29.31 -37.43 49.13
CA HIS C 7 28.20 -38.21 49.66
C HIS C 7 27.54 -38.90 48.47
N LYS C 8 27.89 -40.15 48.24
CA LYS C 8 27.45 -40.85 47.05
C LYS C 8 26.27 -41.75 47.38
N PHE C 9 25.50 -42.06 46.36
CA PHE C 9 24.40 -43.00 46.51
C PHE C 9 24.94 -44.42 46.53
N GLU C 10 24.02 -45.37 46.71
CA GLU C 10 24.42 -46.77 46.67
C GLU C 10 24.77 -47.21 45.26
N THR C 11 24.14 -46.60 44.26
CA THR C 11 24.41 -46.95 42.88
C THR C 11 24.45 -45.68 42.04
N SER C 12 24.92 -45.83 40.81
CA SER C 12 25.00 -44.72 39.86
C SER C 12 23.61 -44.50 39.29
N GLU C 13 22.88 -43.54 39.86
CA GLU C 13 21.49 -43.30 39.51
C GLU C 13 21.41 -42.10 38.60
N GLU C 14 20.86 -42.30 37.40
CA GLU C 14 20.84 -41.27 36.36
C GLU C 14 20.12 -40.00 36.80
N ILE C 15 20.86 -38.90 36.97
CA ILE C 15 20.27 -37.66 37.46
C ILE C 15 19.32 -37.08 36.42
N ILE C 16 18.23 -36.50 36.87
CA ILE C 16 17.23 -35.98 35.95
C ILE C 16 16.86 -34.54 36.30
N SER C 17 17.05 -34.14 37.55
CA SER C 17 16.82 -32.74 37.87
C SER C 17 17.44 -32.43 39.22
N THR C 18 17.79 -31.17 39.42
CA THR C 18 18.28 -30.73 40.72
C THR C 18 17.70 -29.36 41.02
N TYR C 19 17.20 -29.18 42.24
CA TYR C 19 16.57 -27.94 42.64
C TYR C 19 17.04 -27.55 44.03
N LEU C 20 17.05 -26.25 44.29
CA LEU C 20 17.32 -25.72 45.62
C LEU C 20 16.01 -25.20 46.18
N ILE C 21 15.54 -25.82 47.27
CA ILE C 21 14.36 -25.35 47.97
C ILE C 21 14.82 -24.98 49.37
N ASP C 22 14.93 -23.68 49.63
CA ASP C 22 15.32 -23.18 50.94
C ASP C 22 16.61 -23.84 51.43
N ASP C 23 17.63 -23.79 50.59
CA ASP C 23 18.96 -24.32 50.89
C ASP C 23 18.96 -25.82 51.07
N VAL C 24 17.87 -26.50 50.75
CA VAL C 24 17.86 -27.95 50.73
C VAL C 24 17.92 -28.41 49.28
N LEU C 25 18.85 -29.29 48.98
CA LEU C 25 18.99 -29.79 47.62
C LEU C 25 17.98 -30.90 47.41
N TYR C 26 17.24 -30.82 46.32
CA TYR C 26 16.30 -31.85 45.92
C TYR C 26 16.75 -32.38 44.58
N THR C 27 17.31 -33.58 44.58
CA THR C 27 17.86 -34.19 43.37
C THR C 27 16.88 -35.24 42.87
N GLY C 28 16.13 -34.89 41.84
CA GLY C 28 15.26 -35.84 41.22
C GLY C 28 16.04 -36.80 40.34
N VAL C 29 15.94 -38.07 40.63
CA VAL C 29 16.65 -39.10 39.90
C VAL C 29 15.63 -40.06 39.34
N ASN C 30 16.06 -41.12 38.67
CA ASN C 30 15.14 -42.15 38.25
C ASN C 30 14.72 -42.96 39.46
N GLY C 31 13.42 -43.08 39.70
CA GLY C 31 12.97 -43.77 40.87
C GLY C 31 12.73 -42.86 42.05
N ALA C 32 13.70 -42.74 42.93
CA ALA C 32 13.53 -41.98 44.16
C ALA C 32 13.90 -40.52 43.95
N VAL C 33 13.78 -39.74 45.01
CA VAL C 33 14.23 -38.36 45.07
C VAL C 33 15.21 -38.24 46.21
N TYR C 34 16.31 -37.55 46.00
CA TYR C 34 17.28 -37.38 47.05
C TYR C 34 17.15 -36.01 47.66
N THR C 35 17.48 -35.91 48.95
CA THR C 35 17.28 -34.69 49.71
C THR C 35 18.57 -34.44 50.47
N PHE C 36 19.29 -33.43 50.08
CA PHE C 36 20.57 -33.11 50.70
C PHE C 36 20.39 -31.90 51.61
N SER C 37 20.83 -32.04 52.85
CA SER C 37 20.88 -30.91 53.76
C SER C 37 21.72 -31.28 54.96
N ASN C 38 22.59 -30.36 55.38
CA ASN C 38 23.53 -30.60 56.49
C ASN C 38 24.38 -31.83 56.22
N ASN C 39 24.89 -31.95 55.00
CA ASN C 39 25.67 -33.11 54.59
C ASN C 39 24.91 -34.41 54.84
N GLU C 40 23.58 -34.33 54.83
CA GLU C 40 22.71 -35.47 55.05
C GLU C 40 21.97 -35.78 53.76
N LEU C 41 22.13 -37.00 53.25
CA LEU C 41 21.56 -37.43 51.98
C LEU C 41 20.42 -38.40 52.23
N ASN C 42 19.22 -37.87 52.43
CA ASN C 42 18.03 -38.68 52.67
C ASN C 42 17.39 -39.02 51.34
N LYS C 43 17.45 -40.29 50.96
CA LYS C 43 16.79 -40.77 49.76
C LYS C 43 15.37 -41.17 50.11
N THR C 44 14.42 -40.83 49.24
CA THR C 44 13.02 -41.21 49.44
C THR C 44 12.49 -41.80 48.16
N GLY C 45 12.18 -43.09 48.19
CA GLY C 45 11.64 -43.76 47.02
C GLY C 45 10.16 -43.44 46.84
N LEU C 46 9.76 -43.29 45.59
CA LEU C 46 8.36 -43.03 45.26
C LEU C 46 7.76 -44.14 44.41
N THR C 47 8.39 -44.47 43.29
CA THR C 47 7.99 -45.55 42.41
C THR C 47 9.18 -45.78 41.50
N ASN C 48 9.19 -46.89 40.76
CA ASN C 48 10.36 -47.20 39.96
C ASN C 48 10.05 -47.79 38.59
N ASN C 49 8.81 -47.70 38.11
CA ASN C 49 8.52 -48.21 36.78
C ASN C 49 9.31 -47.44 35.73
N ASN C 50 8.96 -46.18 35.51
CA ASN C 50 9.83 -45.24 34.80
C ASN C 50 10.16 -44.04 35.67
N ASN C 51 9.13 -43.32 36.13
CA ASN C 51 9.21 -42.34 37.20
C ASN C 51 10.52 -41.58 37.24
N TYR C 52 10.89 -40.93 36.14
CA TYR C 52 11.96 -39.96 36.18
C TYR C 52 11.43 -38.74 36.92
N ILE C 53 11.84 -38.59 38.18
CA ILE C 53 11.45 -37.39 38.90
C ILE C 53 12.08 -36.20 38.23
N THR C 54 11.28 -35.21 37.88
CA THR C 54 11.82 -34.01 37.26
C THR C 54 11.50 -32.73 37.99
N THR C 55 10.42 -32.65 38.74
CA THR C 55 10.03 -31.40 39.36
C THR C 55 10.08 -31.54 40.88
N SER C 56 10.64 -30.55 41.54
CA SER C 56 10.61 -30.49 42.99
C SER C 56 10.32 -29.07 43.45
N ILE C 57 9.29 -28.46 42.89
CA ILE C 57 8.91 -27.10 43.23
C ILE C 57 8.31 -27.04 44.63
N LYS C 58 8.10 -25.83 45.12
CA LYS C 58 7.49 -25.57 46.41
C LYS C 58 6.34 -24.60 46.23
N VAL C 59 5.13 -25.05 46.56
CA VAL C 59 3.95 -24.19 46.57
C VAL C 59 3.47 -23.93 48.00
N GLU C 60 2.99 -24.97 48.67
CA GLU C 60 2.76 -24.92 50.11
C GLU C 60 3.62 -25.93 50.84
N ASP C 61 3.58 -27.18 50.40
CA ASP C 61 4.61 -28.15 50.70
C ASP C 61 5.45 -28.35 49.45
N THR C 62 6.70 -28.74 49.65
CA THR C 62 7.55 -28.95 48.49
C THR C 62 7.11 -30.23 47.80
N LEU C 63 6.11 -30.14 46.94
CA LEU C 63 5.65 -31.32 46.23
C LEU C 63 6.67 -31.69 45.17
N VAL C 64 6.68 -32.97 44.80
CA VAL C 64 7.68 -33.52 43.90
C VAL C 64 6.96 -34.34 42.86
N CYS C 65 7.14 -33.99 41.60
CA CYS C 65 6.40 -34.59 40.52
C CYS C 65 7.33 -35.33 39.59
N GLY C 66 6.89 -36.49 39.13
CA GLY C 66 7.64 -37.31 38.21
C GLY C 66 6.74 -37.82 37.11
N THR C 67 7.31 -38.70 36.30
CA THR C 67 6.61 -39.25 35.15
C THR C 67 6.54 -40.76 35.30
N ASN C 68 5.54 -41.24 36.04
CA ASN C 68 5.42 -42.68 36.20
C ASN C 68 4.92 -43.28 34.90
N ASN C 69 5.86 -43.78 34.10
CA ASN C 69 5.56 -44.59 32.93
C ASN C 69 4.59 -43.89 32.00
N GLY C 70 5.03 -42.77 31.45
CA GLY C 70 4.20 -42.04 30.54
C GLY C 70 2.96 -41.44 31.16
N ASN C 71 2.88 -41.39 32.49
CA ASN C 71 1.78 -40.71 33.16
C ASN C 71 2.37 -39.76 34.18
N PRO C 72 2.21 -38.44 34.02
CA PRO C 72 2.83 -37.51 34.95
C PRO C 72 1.99 -37.34 36.20
N LYS C 73 2.65 -37.38 37.35
CA LYS C 73 1.93 -37.39 38.61
C LYS C 73 2.82 -36.85 39.71
N CYS C 74 2.22 -36.10 40.62
CA CYS C 74 2.94 -35.48 41.71
C CYS C 74 2.79 -36.28 42.99
N TRP C 75 3.51 -35.84 44.01
CA TRP C 75 3.47 -36.43 45.33
C TRP C 75 3.80 -35.36 46.34
N LYS C 76 3.43 -35.62 47.58
CA LYS C 76 4.03 -34.83 48.63
C LYS C 76 5.49 -35.24 48.76
N ILE C 77 6.22 -34.51 49.59
CA ILE C 77 7.67 -34.73 49.65
C ILE C 77 7.99 -36.16 50.03
N ASP C 78 7.31 -36.69 51.05
CA ASP C 78 7.60 -38.03 51.55
C ASP C 78 6.70 -39.08 50.93
N GLY C 79 6.68 -39.15 49.61
CA GLY C 79 6.00 -40.22 48.91
C GLY C 79 4.50 -40.22 49.03
N SER C 80 3.98 -39.37 49.90
CA SER C 80 2.54 -39.29 50.09
C SER C 80 1.87 -38.80 48.80
N GLU C 81 0.56 -38.90 48.76
CA GLU C 81 -0.19 -38.54 47.57
C GLU C 81 -0.58 -37.08 47.65
N ASP C 82 -0.70 -36.46 46.48
CA ASP C 82 -1.05 -35.07 46.43
C ASP C 82 -2.53 -34.92 46.70
N PRO C 83 -2.94 -34.07 47.65
CA PRO C 83 -4.38 -33.82 47.84
C PRO C 83 -5.04 -33.30 46.57
N LYS C 84 -4.45 -32.30 45.94
CA LYS C 84 -5.10 -31.70 44.77
C LYS C 84 -4.84 -32.48 43.49
N TYR C 85 -4.10 -33.58 43.56
CA TYR C 85 -3.87 -34.45 42.40
C TYR C 85 -3.20 -33.70 41.26
N ARG C 86 -2.33 -32.76 41.60
CA ARG C 86 -1.57 -32.07 40.58
C ARG C 86 -0.65 -33.06 39.87
N GLY C 87 -0.18 -32.68 38.70
CA GLY C 87 0.66 -33.60 37.97
C GLY C 87 0.56 -33.56 36.47
N ARG C 88 -0.34 -32.77 35.88
CA ARG C 88 -0.39 -32.74 34.43
C ARG C 88 0.74 -31.89 33.86
N GLY C 89 0.72 -30.60 34.17
CA GLY C 89 1.73 -29.74 33.59
C GLY C 89 2.93 -29.62 34.50
N TYR C 90 3.06 -30.53 35.44
CA TYR C 90 4.11 -30.47 36.43
C TYR C 90 5.27 -31.40 36.13
N ALA C 91 5.06 -32.40 35.29
CA ALA C 91 6.10 -33.34 34.94
C ALA C 91 5.89 -33.73 33.49
N PRO C 92 6.95 -33.94 32.74
CA PRO C 92 6.80 -34.26 31.32
C PRO C 92 6.30 -35.68 31.13
N TYR C 93 5.82 -35.96 29.92
CA TYR C 93 5.38 -37.31 29.61
C TYR C 93 6.54 -38.26 29.40
N GLN C 94 7.72 -37.75 29.12
CA GLN C 94 8.91 -38.57 28.98
C GLN C 94 10.09 -37.77 29.47
N ASN C 95 11.21 -38.45 29.66
CA ASN C 95 12.39 -37.80 30.22
C ASN C 95 12.81 -36.66 29.32
N SER C 96 12.80 -35.45 29.86
CA SER C 96 13.21 -34.28 29.11
C SER C 96 13.79 -33.26 30.06
N LYS C 97 14.35 -32.20 29.49
CA LYS C 97 14.78 -31.04 30.26
C LYS C 97 13.58 -30.13 30.40
N VAL C 98 13.31 -29.69 31.63
CA VAL C 98 12.15 -28.86 31.92
C VAL C 98 12.62 -27.51 32.43
N THR C 99 11.67 -26.59 32.51
CA THR C 99 11.90 -25.30 33.14
C THR C 99 10.63 -24.95 33.89
N ILE C 100 10.66 -25.09 35.22
CA ILE C 100 9.48 -24.89 36.03
C ILE C 100 9.89 -24.12 37.27
N ILE C 101 9.35 -22.92 37.42
CA ILE C 101 9.62 -22.08 38.55
C ILE C 101 8.36 -21.97 39.38
N SER C 102 8.54 -21.61 40.63
CA SER C 102 7.41 -21.40 41.53
C SER C 102 7.62 -20.12 42.29
N HIS C 103 6.79 -19.13 42.04
CA HIS C 103 6.74 -17.95 42.89
C HIS C 103 5.98 -18.32 44.14
N ASN C 104 5.40 -17.34 44.83
CA ASN C 104 4.74 -17.58 46.10
C ASN C 104 3.95 -18.88 46.11
N GLU C 105 2.91 -18.96 45.30
CA GLU C 105 2.16 -20.20 45.20
C GLU C 105 1.72 -20.44 43.76
N CYS C 106 2.50 -19.97 42.81
CA CYS C 106 2.05 -19.78 41.44
C CYS C 106 3.04 -20.46 40.52
N VAL C 107 2.74 -21.68 40.11
CA VAL C 107 3.68 -22.48 39.34
C VAL C 107 3.64 -22.05 37.89
N LEU C 108 4.79 -21.70 37.34
CA LEU C 108 4.92 -21.42 35.93
C LEU C 108 5.87 -22.43 35.33
N SER C 109 5.55 -22.94 34.15
CA SER C 109 6.38 -23.99 33.59
C SER C 109 6.14 -24.09 32.10
N ASP C 110 7.13 -24.63 31.41
CA ASP C 110 7.03 -24.94 29.99
C ASP C 110 6.78 -26.40 29.73
N ILE C 111 6.50 -27.17 30.77
CA ILE C 111 6.39 -28.61 30.61
C ILE C 111 5.22 -28.94 29.70
N ASN C 112 5.38 -29.98 28.89
CA ASN C 112 4.34 -30.39 27.98
C ASN C 112 3.10 -30.80 28.74
N ILE C 113 1.95 -30.36 28.26
CA ILE C 113 0.71 -30.61 28.98
C ILE C 113 -0.03 -31.81 28.43
N SER C 114 0.28 -32.23 27.21
CA SER C 114 -0.38 -33.35 26.57
C SER C 114 0.68 -34.26 26.00
N LYS C 115 0.26 -35.27 25.26
CA LYS C 115 1.21 -36.22 24.73
C LYS C 115 1.91 -35.72 23.49
N GLU C 116 1.18 -35.01 22.61
CA GLU C 116 1.75 -34.61 21.33
C GLU C 116 2.93 -33.68 21.52
N GLY C 117 2.76 -32.62 22.30
CA GLY C 117 3.89 -31.80 22.66
C GLY C 117 4.11 -30.52 21.88
N ILE C 118 3.10 -29.67 21.77
CA ILE C 118 3.31 -28.31 21.32
C ILE C 118 3.86 -27.50 22.48
N LYS C 119 4.99 -26.83 22.25
CA LYS C 119 5.71 -26.14 23.31
C LYS C 119 5.04 -24.82 23.63
N ARG C 120 4.74 -24.62 24.90
CA ARG C 120 4.15 -23.37 25.36
C ARG C 120 4.69 -23.06 26.74
N TRP C 121 4.47 -21.83 27.17
CA TRP C 121 4.89 -21.38 28.49
C TRP C 121 3.64 -21.08 29.27
N ARG C 122 3.44 -21.77 30.38
CA ARG C 122 2.17 -21.73 31.06
C ARG C 122 2.35 -21.32 32.51
N ARG C 123 1.34 -20.62 33.01
CA ARG C 123 1.14 -20.45 34.44
C ARG C 123 -0.07 -21.27 34.85
N PHE C 124 0.07 -22.05 35.89
CA PHE C 124 -0.99 -22.96 36.28
C PHE C 124 -1.88 -22.33 37.33
N ASP C 125 -3.00 -23.00 37.60
CA ASP C 125 -4.04 -22.41 38.43
C ASP C 125 -3.55 -22.21 39.85
N GLY C 126 -3.91 -21.07 40.42
CA GLY C 126 -3.50 -20.73 41.76
C GLY C 126 -3.77 -19.28 42.04
N PRO C 127 -3.09 -18.75 43.05
CA PRO C 127 -3.41 -17.40 43.53
C PRO C 127 -3.31 -16.32 42.48
N CYS C 128 -2.55 -16.53 41.41
CA CYS C 128 -2.41 -15.47 40.42
C CYS C 128 -3.65 -15.34 39.56
N GLY C 129 -4.32 -16.44 39.31
CA GLY C 129 -5.44 -16.46 38.40
C GLY C 129 -5.55 -17.84 37.79
N TYR C 130 -6.33 -17.95 36.74
CA TYR C 130 -6.50 -19.24 36.09
C TYR C 130 -5.30 -19.48 35.19
N ASP C 131 -5.25 -20.65 34.54
CA ASP C 131 -4.11 -21.00 33.73
C ASP C 131 -3.93 -20.01 32.59
N LEU C 132 -2.71 -19.97 32.07
CA LEU C 132 -2.39 -19.14 30.93
C LEU C 132 -1.41 -19.89 30.06
N TYR C 133 -1.37 -19.53 28.78
CA TYR C 133 -0.46 -20.19 27.87
C TYR C 133 -0.09 -19.23 26.77
N THR C 134 1.12 -19.34 26.27
CA THR C 134 1.55 -18.48 25.19
C THR C 134 1.01 -18.99 23.87
N ALA C 135 0.79 -18.06 22.95
CA ALA C 135 0.35 -18.45 21.62
C ALA C 135 1.37 -19.39 20.99
N ASP C 136 0.93 -20.13 19.98
CA ASP C 136 1.76 -21.19 19.44
C ASP C 136 2.90 -20.60 18.61
N ASN C 137 3.97 -21.38 18.50
CA ASN C 137 5.18 -21.02 17.79
C ASN C 137 5.91 -19.86 18.41
N VAL C 138 5.43 -19.34 19.54
CA VAL C 138 6.18 -18.30 20.23
C VAL C 138 7.38 -18.89 20.93
N ILE C 139 7.16 -19.93 21.73
CA ILE C 139 8.26 -20.62 22.40
C ILE C 139 8.86 -21.62 21.41
N PRO C 140 10.18 -21.66 21.26
CA PRO C 140 10.78 -22.59 20.32
C PRO C 140 10.69 -24.01 20.82
N LYS C 141 10.74 -24.95 19.87
CA LYS C 141 10.66 -26.36 20.20
C LYS C 141 11.74 -26.77 21.18
N ASP C 142 12.84 -26.02 21.25
CA ASP C 142 13.91 -26.33 22.19
C ASP C 142 13.46 -26.11 23.62
N GLY C 143 12.53 -25.20 23.84
CA GLY C 143 12.03 -24.93 25.17
C GLY C 143 12.51 -23.59 25.70
N VAL C 144 12.12 -23.30 26.92
CA VAL C 144 12.52 -22.09 27.62
C VAL C 144 13.71 -22.45 28.49
N ARG C 145 14.79 -21.69 28.39
CA ARG C 145 16.02 -22.10 29.04
C ARG C 145 16.20 -21.51 30.42
N GLY C 146 15.66 -20.34 30.69
CA GLY C 146 15.77 -19.78 32.02
C GLY C 146 14.50 -19.05 32.38
N ALA C 147 14.21 -18.98 33.66
CA ALA C 147 12.99 -18.29 34.08
C ALA C 147 13.15 -17.82 35.51
N PHE C 148 12.72 -16.59 35.78
CA PHE C 148 12.84 -16.03 37.11
C PHE C 148 11.85 -14.90 37.24
N VAL C 149 11.47 -14.59 38.48
CA VAL C 149 10.47 -13.58 38.78
C VAL C 149 11.12 -12.41 39.46
N ASP C 150 10.78 -11.21 39.02
CA ASP C 150 11.40 -10.00 39.51
C ASP C 150 10.36 -8.90 39.62
N LYS C 151 10.46 -8.08 40.63
CA LYS C 151 9.55 -6.95 40.76
C LYS C 151 9.74 -6.01 39.58
N ASP C 152 8.68 -5.31 39.22
CA ASP C 152 8.79 -4.23 38.27
C ASP C 152 8.49 -2.94 38.99
N GLY C 153 9.04 -2.82 40.20
CA GLY C 153 8.66 -1.73 41.07
C GLY C 153 7.48 -2.13 41.92
N THR C 154 6.32 -2.26 41.28
CA THR C 154 5.09 -2.59 42.01
C THR C 154 4.49 -3.93 41.63
N TYR C 155 4.58 -4.36 40.38
CA TYR C 155 4.01 -5.63 39.94
C TYR C 155 5.12 -6.65 39.75
N ASP C 156 4.88 -7.86 40.19
CA ASP C 156 5.77 -8.96 39.85
C ASP C 156 5.71 -9.19 38.35
N LYS C 157 6.86 -9.48 37.76
CA LYS C 157 6.92 -9.88 36.37
C LYS C 157 7.75 -11.13 36.27
N VAL C 158 7.45 -11.94 35.27
CA VAL C 158 8.15 -13.18 35.00
C VAL C 158 8.99 -12.96 33.76
N TYR C 159 10.24 -13.38 33.82
CA TYR C 159 11.17 -13.26 32.72
C TYR C 159 11.63 -14.65 32.33
N ILE C 160 11.69 -14.91 31.03
CA ILE C 160 12.11 -16.19 30.51
C ILE C 160 13.08 -15.97 29.37
N LEU C 161 14.13 -16.76 29.32
CA LEU C 161 15.12 -16.69 28.27
C LEU C 161 15.05 -17.96 27.46
N PHE C 162 14.97 -17.80 26.14
CA PHE C 162 14.97 -18.92 25.22
C PHE C 162 15.81 -18.56 24.00
N THR C 163 15.88 -19.48 23.05
CA THR C 163 16.67 -19.26 21.84
C THR C 163 15.83 -19.66 20.65
N ASP C 164 15.34 -18.68 19.92
CA ASP C 164 14.52 -18.95 18.75
C ASP C 164 15.40 -19.41 17.61
N THR C 165 14.81 -20.14 16.68
CA THR C 165 15.52 -20.64 15.50
C THR C 165 14.78 -20.13 14.27
N ILE C 166 15.11 -18.94 13.83
CA ILE C 166 14.47 -18.33 12.69
C ILE C 166 15.01 -18.97 11.43
N ASP C 167 14.17 -19.11 10.42
CA ASP C 167 14.56 -19.79 9.19
C ASP C 167 13.86 -19.10 8.03
N THR C 168 14.56 -18.18 7.37
CA THR C 168 14.03 -17.51 6.18
C THR C 168 14.83 -17.88 4.95
N LYS C 169 16.11 -17.58 4.93
CA LYS C 169 17.01 -18.01 3.87
C LYS C 169 18.10 -18.93 4.38
N ARG C 170 18.56 -18.68 5.60
CA ARG C 170 19.36 -19.66 6.30
C ARG C 170 18.95 -19.67 7.76
N ILE C 171 19.24 -20.77 8.43
CA ILE C 171 18.83 -20.93 9.82
C ILE C 171 19.72 -20.07 10.72
N VAL C 172 19.09 -19.19 11.49
CA VAL C 172 19.80 -18.34 12.43
C VAL C 172 19.17 -18.52 13.80
N LYS C 173 20.00 -18.77 14.80
CA LYS C 173 19.54 -18.80 16.17
C LYS C 173 19.63 -17.41 16.76
N ILE C 174 18.65 -17.05 17.59
CA ILE C 174 18.56 -15.73 18.18
C ILE C 174 18.19 -15.87 19.65
N PRO C 175 19.00 -15.38 20.58
CA PRO C 175 18.63 -15.47 21.99
C PRO C 175 17.63 -14.39 22.33
N TYR C 176 16.64 -14.72 23.13
CA TYR C 176 15.58 -13.80 23.51
C TYR C 176 15.35 -13.84 25.00
N ILE C 177 15.00 -12.68 25.55
CA ILE C 177 14.40 -12.59 26.86
C ILE C 177 12.98 -12.08 26.68
N ALA C 178 12.09 -12.56 27.52
CA ALA C 178 10.67 -12.27 27.36
C ALA C 178 10.06 -12.00 28.71
N GLN C 179 9.26 -10.95 28.77
CA GLN C 179 8.64 -10.50 29.99
C GLN C 179 7.14 -10.71 29.91
N MET C 180 6.56 -11.08 31.05
CA MET C 180 5.12 -11.22 31.17
C MET C 180 4.74 -10.76 32.57
N CYS C 181 3.48 -10.37 32.73
CA CYS C 181 3.00 -9.92 34.02
C CYS C 181 2.49 -11.11 34.81
N LEU C 182 3.08 -11.34 35.98
CA LEU C 182 2.78 -12.55 36.73
C LEU C 182 1.31 -12.68 37.00
N ASN C 183 0.64 -11.57 37.30
CA ASN C 183 -0.80 -11.57 37.56
C ASN C 183 -1.60 -11.16 36.35
N ASP C 184 -1.18 -11.57 35.17
CA ASP C 184 -1.96 -11.30 33.98
C ASP C 184 -3.32 -11.97 34.11
N GLU C 185 -4.32 -11.36 33.48
CA GLU C 185 -5.68 -11.87 33.55
C GLU C 185 -6.08 -12.62 32.31
N GLY C 186 -5.23 -12.67 31.30
CA GLY C 186 -5.60 -13.22 30.03
C GLY C 186 -6.08 -12.15 29.09
N GLY C 187 -6.24 -12.54 27.84
CA GLY C 187 -6.66 -11.60 26.84
C GLY C 187 -8.13 -11.27 26.96
N PRO C 188 -8.60 -10.46 26.08
CA PRO C 188 -9.97 -9.96 26.20
C PRO C 188 -11.02 -10.91 25.69
N SER C 189 -10.71 -11.66 24.64
CA SER C 189 -11.72 -12.44 23.95
C SER C 189 -11.97 -13.74 24.67
N SER C 190 -12.81 -14.57 24.07
CA SER C 190 -13.09 -15.88 24.67
C SER C 190 -12.08 -16.91 24.23
N LEU C 191 -11.67 -16.85 22.97
CA LEU C 191 -10.61 -17.74 22.51
C LEU C 191 -9.29 -17.36 23.16
N SER C 192 -8.97 -16.07 23.15
CA SER C 192 -7.74 -15.58 23.75
C SER C 192 -7.96 -15.17 25.17
N SER C 193 -8.57 -16.03 25.96
CA SER C 193 -8.85 -15.68 27.34
C SER C 193 -7.88 -16.33 28.30
N HIS C 194 -7.21 -17.39 27.88
CA HIS C 194 -6.18 -18.02 28.67
C HIS C 194 -4.81 -17.81 28.06
N ARG C 195 -4.64 -16.75 27.28
CA ARG C 195 -3.36 -16.44 26.68
C ARG C 195 -2.76 -15.24 27.39
N TRP C 196 -1.45 -15.27 27.57
CA TRP C 196 -0.76 -14.13 28.14
C TRP C 196 -1.06 -12.90 27.31
N SER C 197 -1.36 -11.80 27.98
CA SER C 197 -1.60 -10.55 27.29
C SER C 197 -0.46 -9.57 27.44
N THR C 198 0.54 -9.89 28.25
CA THR C 198 1.66 -9.00 28.50
C THR C 198 2.98 -9.62 28.08
N PHE C 199 2.98 -10.46 27.06
CA PHE C 199 4.20 -11.14 26.65
C PHE C 199 4.94 -10.28 25.65
N LEU C 200 6.19 -9.96 25.96
CA LEU C 200 7.04 -9.24 25.02
C LEU C 200 8.41 -9.88 25.04
N LYS C 201 9.22 -9.60 24.01
CA LYS C 201 10.53 -10.20 23.98
C LYS C 201 11.50 -9.33 23.19
N VAL C 202 12.75 -9.31 23.66
CA VAL C 202 13.84 -8.63 22.97
C VAL C 202 14.94 -9.63 22.72
N GLU C 203 15.78 -9.33 21.73
CA GLU C 203 16.97 -10.10 21.50
C GLU C 203 18.00 -9.70 22.52
N LEU C 204 18.75 -10.66 23.02
CA LEU C 204 19.95 -10.35 23.75
C LEU C 204 21.07 -10.18 22.73
N GLU C 205 22.30 -10.04 23.20
CA GLU C 205 23.43 -9.94 22.31
C GLU C 205 24.68 -10.20 23.12
N CYS C 206 25.46 -11.20 22.73
CA CYS C 206 26.72 -11.49 23.41
C CYS C 206 27.78 -11.64 22.34
N ASP C 207 28.35 -10.51 21.91
CA ASP C 207 29.40 -10.47 20.91
C ASP C 207 30.72 -10.13 21.60
N ILE C 208 31.80 -10.69 21.10
CA ILE C 208 33.07 -10.48 21.77
C ILE C 208 34.13 -9.95 20.81
N ASP C 209 34.37 -10.66 19.72
CA ASP C 209 35.32 -10.21 18.72
C ASP C 209 34.72 -10.37 17.34
N GLY C 210 33.49 -9.91 17.18
CA GLY C 210 32.76 -10.21 15.98
C GLY C 210 32.13 -11.58 15.96
N ARG C 211 32.41 -12.40 16.97
CA ARG C 211 31.73 -13.68 17.12
C ARG C 211 30.55 -13.48 18.05
N SER C 212 29.35 -13.59 17.51
CA SER C 212 28.15 -13.42 18.29
C SER C 212 27.65 -14.79 18.73
N TYR C 213 27.36 -14.94 20.01
CA TYR C 213 26.85 -16.18 20.56
C TYR C 213 25.34 -16.12 20.60
N ARG C 214 24.69 -17.25 20.36
CA ARG C 214 23.25 -17.20 20.21
C ARG C 214 22.50 -18.36 20.85
N GLN C 215 23.16 -19.32 21.46
CA GLN C 215 22.48 -20.47 22.03
C GLN C 215 22.59 -20.39 23.54
N ILE C 216 21.47 -20.14 24.20
CA ILE C 216 21.45 -20.02 25.65
C ILE C 216 21.58 -21.41 26.26
N ILE C 217 22.42 -21.52 27.28
CA ILE C 217 22.53 -22.75 28.05
C ILE C 217 21.76 -22.65 29.35
N HIS C 218 21.96 -21.56 30.07
CA HIS C 218 21.49 -21.48 31.44
C HIS C 218 21.60 -20.04 31.90
N SER C 219 20.69 -19.65 32.77
CA SER C 219 20.61 -18.28 33.24
C SER C 219 20.44 -18.23 34.73
N LYS C 220 20.83 -17.10 35.32
CA LYS C 220 20.59 -16.89 36.73
C LYS C 220 20.64 -15.41 37.03
N ALA C 221 19.63 -14.92 37.75
CA ALA C 221 19.50 -13.49 38.02
C ALA C 221 19.83 -13.24 39.49
N ILE C 222 20.96 -12.62 39.74
CA ILE C 222 21.36 -12.25 41.09
C ILE C 222 20.69 -10.95 41.46
N LYS C 223 20.25 -10.83 42.71
CA LYS C 223 19.59 -9.62 43.16
C LYS C 223 20.55 -8.78 43.98
N THR C 224 20.78 -7.56 43.51
CA THR C 224 21.72 -6.65 44.18
C THR C 224 20.96 -5.42 44.66
N ASP C 225 21.73 -4.44 45.14
CA ASP C 225 21.14 -3.29 45.81
C ASP C 225 20.24 -2.49 44.87
N ASN C 226 20.83 -1.88 43.85
CA ASN C 226 20.07 -0.97 43.00
C ASN C 226 19.18 -1.73 42.05
N ASP C 227 19.61 -2.92 41.63
CA ASP C 227 18.82 -3.73 40.72
C ASP C 227 19.38 -5.15 40.73
N THR C 228 18.82 -5.98 39.87
CA THR C 228 19.29 -7.34 39.71
C THR C 228 20.01 -7.48 38.38
N ILE C 229 20.99 -8.38 38.36
CA ILE C 229 21.89 -8.57 37.24
C ILE C 229 21.74 -9.98 36.74
N LEU C 230 21.60 -10.13 35.44
CA LEU C 230 21.20 -11.39 34.81
C LEU C 230 22.43 -11.99 34.14
N TYR C 231 22.80 -13.20 34.55
CA TYR C 231 23.96 -13.88 34.02
C TYR C 231 23.49 -14.97 33.07
N VAL C 232 23.86 -14.86 31.79
CA VAL C 232 23.47 -15.81 30.78
C VAL C 232 24.71 -16.53 30.27
N PHE C 233 24.57 -17.81 29.95
CA PHE C 233 25.68 -18.59 29.43
C PHE C 233 25.31 -19.09 28.05
N PHE C 234 26.04 -18.65 27.03
CA PHE C 234 25.78 -19.01 25.65
C PHE C 234 26.75 -20.07 25.19
N ASP C 235 26.25 -21.01 24.39
CA ASP C 235 27.09 -21.96 23.70
C ASP C 235 27.10 -21.65 22.22
N SER C 236 28.06 -22.23 21.52
CA SER C 236 28.19 -21.99 20.09
C SER C 236 28.52 -23.30 19.39
N PRO C 237 28.09 -23.46 18.14
CA PRO C 237 28.46 -24.66 17.40
C PRO C 237 29.94 -24.72 17.12
N TYR C 238 30.65 -23.63 17.32
CA TYR C 238 32.10 -23.63 17.27
C TYR C 238 32.59 -24.14 18.61
N SER C 239 33.86 -23.95 18.90
CA SER C 239 34.46 -24.54 20.09
C SER C 239 34.51 -23.59 21.26
N LYS C 240 33.47 -22.78 21.47
CA LYS C 240 33.54 -21.79 22.52
C LYS C 240 32.19 -21.59 23.16
N SER C 241 32.21 -21.12 24.39
CA SER C 241 31.03 -20.64 25.09
C SER C 241 31.36 -19.32 25.75
N ALA C 242 30.34 -18.54 26.05
CA ALA C 242 30.57 -17.20 26.57
C ALA C 242 29.54 -16.85 27.63
N LEU C 243 30.00 -16.41 28.78
CA LEU C 243 29.12 -15.86 29.80
C LEU C 243 29.00 -14.37 29.58
N CYS C 244 27.77 -13.87 29.55
CA CYS C 244 27.49 -12.45 29.47
C CYS C 244 26.65 -12.06 30.67
N THR C 245 26.60 -10.76 30.94
CA THR C 245 25.77 -10.20 32.00
C THR C 245 24.96 -9.04 31.46
N TYR C 246 23.74 -8.91 31.95
CA TYR C 246 22.84 -7.88 31.51
C TYR C 246 22.22 -7.22 32.72
N SER C 247 21.95 -5.94 32.63
CA SER C 247 21.41 -5.18 33.74
C SER C 247 19.89 -5.18 33.62
N MET C 248 19.23 -5.91 34.51
CA MET C 248 17.78 -6.00 34.46
C MET C 248 17.13 -4.63 34.44
N ASN C 249 17.77 -3.62 35.01
CA ASN C 249 17.22 -2.28 34.91
C ASN C 249 17.21 -1.79 33.48
N ALA C 250 18.31 -2.01 32.76
CA ALA C 250 18.33 -1.66 31.35
C ALA C 250 17.28 -2.42 30.57
N ILE C 251 17.09 -3.70 30.90
CA ILE C 251 16.11 -4.50 30.21
C ILE C 251 14.71 -3.98 30.47
N LYS C 252 14.40 -3.69 31.73
CA LYS C 252 13.08 -3.17 32.07
C LYS C 252 12.83 -1.84 31.38
N HIS C 253 13.81 -0.95 31.42
CA HIS C 253 13.66 0.32 30.74
C HIS C 253 13.42 0.10 29.25
N SER C 254 14.13 -0.85 28.65
CA SER C 254 13.95 -1.11 27.23
C SER C 254 12.55 -1.63 26.95
N PHE C 255 12.05 -2.50 27.83
CA PHE C 255 10.72 -3.02 27.65
C PHE C 255 9.68 -1.92 27.75
N SER C 256 9.87 -0.99 28.67
CA SER C 256 8.86 0.03 28.88
C SER C 256 8.91 1.11 27.82
N THR C 257 10.09 1.39 27.26
CA THR C 257 10.23 2.52 26.35
C THR C 257 10.36 2.15 24.88
N SER C 258 10.98 1.02 24.56
CA SER C 258 11.26 0.74 23.16
C SER C 258 9.97 0.49 22.39
N LYS C 259 10.08 0.50 21.07
CA LYS C 259 8.94 0.38 20.19
C LYS C 259 8.87 -1.01 19.59
N LEU C 260 7.66 -1.44 19.27
CA LEU C 260 7.45 -2.78 18.78
C LEU C 260 8.03 -2.94 17.39
N GLY C 261 8.88 -3.94 17.22
CA GLY C 261 9.48 -4.20 15.93
C GLY C 261 8.44 -4.46 14.87
N GLY C 262 8.47 -3.68 13.80
CA GLY C 262 7.56 -3.83 12.70
C GLY C 262 6.29 -3.03 12.84
N TYR C 263 5.98 -2.53 14.02
CA TYR C 263 4.80 -1.72 14.25
C TYR C 263 5.21 -0.26 14.30
N THR C 264 4.76 0.52 13.33
CA THR C 264 5.22 1.88 13.15
C THR C 264 4.28 2.92 13.76
N LYS C 265 3.05 2.55 14.08
CA LYS C 265 2.06 3.52 14.51
C LYS C 265 2.23 3.82 15.99
N GLN C 266 1.24 4.50 16.56
CA GLN C 266 1.30 4.93 17.94
C GLN C 266 0.80 3.81 18.85
N LEU C 267 1.57 3.50 19.89
CA LEU C 267 1.17 2.45 20.81
C LEU C 267 0.00 2.92 21.67
N PRO C 268 -0.96 2.03 21.94
CA PRO C 268 -2.15 2.43 22.69
C PRO C 268 -1.86 2.87 24.11
N SER C 269 -2.88 3.39 24.78
CA SER C 269 -2.69 3.99 26.10
C SER C 269 -2.21 2.99 27.15
N PRO C 270 -2.81 1.81 27.30
CA PRO C 270 -2.20 0.82 28.19
C PRO C 270 -1.10 0.09 27.45
N ALA C 271 0.10 0.70 27.41
CA ALA C 271 1.20 0.24 26.59
C ALA C 271 1.35 -1.26 26.67
N PRO C 272 1.67 -1.93 25.57
CA PRO C 272 1.57 -3.38 25.50
C PRO C 272 2.14 -4.17 26.65
N GLY C 273 3.41 -4.01 26.97
CA GLY C 273 3.91 -4.87 28.02
C GLY C 273 3.53 -4.51 29.42
N ILE C 274 2.76 -3.43 29.60
CA ILE C 274 2.58 -2.84 30.91
C ILE C 274 1.59 -3.66 31.73
N CYS C 275 1.96 -3.95 32.98
CA CYS C 275 1.04 -4.60 33.90
C CYS C 275 -0.14 -3.68 34.19
N LEU C 276 -1.23 -4.30 34.61
CA LEU C 276 -2.44 -3.56 34.87
C LEU C 276 -2.88 -3.74 36.32
N PRO C 277 -3.61 -2.78 36.87
CA PRO C 277 -4.10 -2.94 38.25
C PRO C 277 -4.98 -4.18 38.36
N ALA C 278 -5.00 -4.74 39.57
CA ALA C 278 -5.67 -6.01 39.79
C ALA C 278 -7.10 -5.99 39.25
N GLY C 279 -7.47 -7.03 38.55
CA GLY C 279 -8.79 -7.15 37.97
C GLY C 279 -8.94 -6.53 36.60
N LYS C 280 -8.04 -5.63 36.20
CA LYS C 280 -8.14 -5.03 34.89
C LYS C 280 -7.79 -6.05 33.81
N VAL C 281 -8.35 -5.85 32.63
CA VAL C 281 -8.14 -6.73 31.50
C VAL C 281 -7.68 -5.90 30.31
N VAL C 282 -6.69 -6.39 29.61
CA VAL C 282 -6.12 -5.66 28.46
C VAL C 282 -7.21 -5.41 27.44
N PRO C 283 -7.30 -4.22 26.87
CA PRO C 283 -8.28 -3.97 25.81
C PRO C 283 -8.03 -4.82 24.60
N HIS C 284 -8.88 -4.70 23.59
CA HIS C 284 -8.73 -5.55 22.42
C HIS C 284 -7.68 -5.04 21.46
N THR C 285 -7.58 -3.72 21.30
CA THR C 285 -6.60 -3.18 20.37
C THR C 285 -5.18 -3.46 20.86
N THR C 286 -4.92 -3.16 22.13
CA THR C 286 -3.64 -3.48 22.72
C THR C 286 -3.32 -4.95 22.56
N PHE C 287 -4.32 -5.82 22.70
CA PHE C 287 -4.02 -7.24 22.62
C PHE C 287 -3.74 -7.68 21.21
N ASP C 288 -4.49 -7.17 20.23
CA ASP C 288 -4.19 -7.50 18.85
C ASP C 288 -2.77 -7.10 18.50
N ILE C 289 -2.37 -5.90 18.92
CA ILE C 289 -1.01 -5.48 18.64
C ILE C 289 -0.01 -6.36 19.37
N ILE C 290 -0.22 -6.60 20.66
CA ILE C 290 0.74 -7.35 21.44
C ILE C 290 0.86 -8.78 20.96
N GLU C 291 -0.14 -9.30 20.26
CA GLU C 291 0.00 -10.65 19.75
C GLU C 291 0.62 -10.67 18.37
N GLN C 292 0.34 -9.65 17.56
CA GLN C 292 0.93 -9.62 16.22
C GLN C 292 2.42 -9.29 16.29
N TYR C 293 2.76 -8.17 16.90
CA TYR C 293 4.14 -7.71 17.02
C TYR C 293 4.53 -7.78 18.48
N ASN C 294 5.09 -8.90 18.90
CA ASN C 294 5.43 -9.10 20.29
C ASN C 294 6.91 -8.93 20.56
N GLU C 295 7.65 -8.32 19.65
CA GLU C 295 9.09 -8.18 19.80
C GLU C 295 9.47 -6.71 19.66
N LEU C 296 10.26 -6.22 20.61
CA LEU C 296 10.66 -4.82 20.57
C LEU C 296 11.72 -4.60 19.50
N ASP C 297 11.69 -3.42 18.90
CA ASP C 297 12.72 -3.01 17.96
C ASP C 297 13.91 -2.48 18.74
N ASP C 298 14.70 -3.41 19.26
CA ASP C 298 15.82 -3.08 20.11
C ASP C 298 16.68 -4.32 20.24
N ILE C 299 17.80 -4.19 20.95
CA ILE C 299 18.66 -5.31 21.26
C ILE C 299 19.43 -4.96 22.52
N ILE C 300 19.40 -5.86 23.49
CA ILE C 300 19.95 -5.57 24.80
C ILE C 300 21.46 -5.77 24.77
N LYS C 301 22.15 -4.76 24.99
CA LYS C 301 23.56 -5.03 24.95
C LYS C 301 24.08 -5.34 26.35
N PRO C 302 25.02 -6.27 26.47
CA PRO C 302 25.45 -6.72 27.79
C PRO C 302 26.11 -5.60 28.57
N LEU C 303 26.39 -5.90 29.83
CA LEU C 303 27.20 -4.99 30.61
C LEU C 303 28.63 -5.04 30.14
N SER C 304 29.47 -4.20 30.75
CA SER C 304 30.89 -4.19 30.39
C SER C 304 31.56 -5.48 30.80
N GLN C 305 31.29 -5.95 32.02
CA GLN C 305 31.96 -7.12 32.56
C GLN C 305 31.07 -7.74 33.62
N PRO C 306 31.22 -9.04 33.88
CA PRO C 306 32.15 -9.97 33.24
C PRO C 306 31.61 -10.67 32.01
N ILE C 307 32.13 -10.31 30.85
CA ILE C 307 32.01 -11.13 29.65
C ILE C 307 33.22 -12.02 29.62
N PHE C 308 33.02 -13.32 29.44
CA PHE C 308 34.21 -14.13 29.26
C PHE C 308 33.85 -15.35 28.44
N GLU C 309 34.88 -16.05 27.97
CA GLU C 309 34.71 -17.19 27.08
C GLU C 309 35.38 -18.39 27.69
N GLY C 310 34.63 -19.46 27.85
CA GLY C 310 35.15 -20.72 28.30
C GLY C 310 34.93 -21.79 27.26
N PRO C 311 35.15 -23.04 27.64
CA PRO C 311 35.08 -24.13 26.68
C PRO C 311 33.68 -24.30 26.12
N SER C 312 33.57 -25.16 25.12
CA SER C 312 32.29 -25.46 24.49
C SER C 312 31.77 -26.77 25.04
N GLY C 313 30.51 -26.76 25.48
CA GLY C 313 29.92 -27.92 26.09
C GLY C 313 29.70 -27.80 27.58
N VAL C 314 29.89 -26.62 28.16
CA VAL C 314 29.55 -26.44 29.57
C VAL C 314 28.08 -26.78 29.73
N LYS C 315 27.74 -27.32 30.89
CA LYS C 315 26.36 -27.73 31.12
C LYS C 315 25.68 -26.93 32.20
N TRP C 316 26.39 -26.57 33.26
CA TRP C 316 25.72 -25.81 34.32
C TRP C 316 26.61 -24.64 34.71
N PHE C 317 26.03 -23.72 35.47
CA PHE C 317 26.81 -22.64 36.05
C PHE C 317 26.02 -22.03 37.19
N ASP C 318 26.71 -21.79 38.30
CA ASP C 318 26.08 -21.15 39.43
C ASP C 318 27.05 -20.18 40.05
N ILE C 319 26.50 -19.13 40.67
CA ILE C 319 27.27 -17.99 41.16
C ILE C 319 27.36 -18.08 42.67
N LYS C 320 28.43 -17.56 43.23
CA LYS C 320 28.57 -17.44 44.69
C LYS C 320 29.37 -16.20 45.00
N GLU C 321 28.74 -15.21 45.61
CA GLU C 321 29.43 -13.97 45.90
C GLU C 321 30.52 -14.19 46.92
N LYS C 322 31.69 -13.61 46.70
CA LYS C 322 32.80 -13.79 47.61
C LYS C 322 32.53 -13.09 48.93
N GLU C 323 32.81 -13.78 50.03
CA GLU C 323 32.48 -13.26 51.35
C GLU C 323 33.33 -12.05 51.71
N ASN C 324 34.56 -12.00 51.19
CA ASN C 324 35.46 -10.90 51.54
C ASN C 324 35.02 -9.62 50.85
N GLU C 325 35.05 -9.61 49.52
CA GLU C 325 34.68 -8.43 48.75
C GLU C 325 33.17 -8.43 48.51
N HIS C 326 32.72 -7.55 47.64
CA HIS C 326 31.29 -7.45 47.34
C HIS C 326 31.12 -7.00 45.92
N ARG C 327 30.10 -7.54 45.25
CA ARG C 327 29.91 -7.47 43.81
C ARG C 327 30.99 -8.21 43.05
N GLU C 328 31.81 -8.99 43.73
CA GLU C 328 32.81 -9.84 43.12
C GLU C 328 32.45 -11.29 43.41
N TYR C 329 32.21 -12.06 42.37
CA TYR C 329 31.66 -13.39 42.50
C TYR C 329 32.66 -14.45 42.06
N ARG C 330 32.38 -15.68 42.45
CA ARG C 330 33.00 -16.85 41.88
C ARG C 330 31.93 -17.60 41.12
N ILE C 331 32.10 -17.70 39.82
CA ILE C 331 31.15 -18.36 38.93
C ILE C 331 31.68 -19.77 38.69
N TYR C 332 31.02 -20.76 39.26
CA TYR C 332 31.41 -22.14 39.06
C TYR C 332 30.59 -22.65 37.89
N PHE C 333 31.24 -22.90 36.76
CA PHE C 333 30.55 -23.51 35.64
C PHE C 333 31.13 -24.87 35.38
N ILE C 334 30.26 -25.79 35.01
CA ILE C 334 30.57 -27.20 35.07
C ILE C 334 30.35 -27.80 33.70
N LYS C 335 31.30 -28.64 33.30
CA LYS C 335 31.29 -29.41 32.08
C LYS C 335 31.02 -30.86 32.43
N GLU C 336 30.92 -31.70 31.41
CA GLU C 336 30.54 -33.09 31.65
C GLU C 336 31.48 -33.78 32.62
N ASN C 337 32.75 -33.43 32.61
CA ASN C 337 33.73 -34.07 33.47
C ASN C 337 34.55 -33.11 34.30
N THR C 338 34.60 -31.83 33.94
CA THR C 338 35.58 -30.91 34.50
C THR C 338 34.88 -29.72 35.12
N ILE C 339 35.23 -29.43 36.34
CA ILE C 339 34.77 -28.24 37.03
C ILE C 339 35.59 -27.07 36.53
N TYR C 340 34.99 -25.89 36.47
CA TYR C 340 35.74 -24.67 36.25
C TYR C 340 35.19 -23.61 37.19
N SER C 341 36.09 -22.83 37.79
CA SER C 341 35.68 -21.65 38.51
C SER C 341 36.21 -20.44 37.77
N PHE C 342 35.55 -19.31 37.97
CA PHE C 342 35.98 -18.07 37.34
C PHE C 342 35.77 -16.96 38.34
N ASP C 343 36.79 -16.16 38.60
CA ASP C 343 36.65 -15.08 39.55
C ASP C 343 36.45 -13.77 38.80
N THR C 344 35.33 -13.09 39.09
CA THR C 344 35.03 -11.86 38.38
C THR C 344 36.08 -10.80 38.63
N LYS C 345 36.69 -10.80 39.82
CA LYS C 345 37.71 -9.81 40.13
C LYS C 345 39.01 -10.10 39.39
N SER C 346 39.63 -11.25 39.67
CA SER C 346 40.91 -11.57 39.06
C SER C 346 40.76 -11.94 37.60
N LYS C 347 39.55 -12.26 37.15
CA LYS C 347 39.28 -12.62 35.75
C LYS C 347 40.12 -13.81 35.31
N GLN C 348 40.63 -14.58 36.25
CA GLN C 348 41.32 -15.81 35.96
C GLN C 348 40.34 -16.98 36.09
N THR C 349 40.53 -18.00 35.27
CA THR C 349 39.70 -19.18 35.32
C THR C 349 40.53 -20.33 35.87
N ARG C 350 40.05 -20.95 36.93
CA ARG C 350 40.62 -22.18 37.41
C ARG C 350 39.83 -23.35 36.86
N SER C 351 40.48 -24.49 36.79
CA SER C 351 39.84 -25.70 36.32
C SER C 351 40.13 -26.81 37.30
N ALA C 352 39.49 -27.95 37.08
CA ALA C 352 39.76 -29.15 37.85
C ALA C 352 39.07 -30.33 37.20
N GLN C 353 39.74 -31.47 37.21
CA GLN C 353 39.18 -32.70 36.65
C GLN C 353 38.46 -33.46 37.75
N VAL C 354 37.35 -34.08 37.39
CA VAL C 354 36.61 -34.97 38.29
C VAL C 354 36.10 -36.13 37.47
N ASP C 355 36.38 -37.35 37.94
CA ASP C 355 35.96 -38.54 37.20
C ASP C 355 34.52 -38.88 37.59
N ALA C 356 33.59 -38.16 36.97
CA ALA C 356 32.16 -38.43 37.10
C ALA C 356 31.44 -37.81 35.92
N ARG C 357 30.18 -38.18 35.75
CA ARG C 357 29.34 -37.62 34.70
C ARG C 357 28.50 -36.53 35.36
N LEU C 358 29.10 -35.35 35.49
CA LEU C 358 28.47 -34.28 36.23
C LEU C 358 27.14 -33.87 35.61
N PHE C 359 26.26 -33.37 36.45
CA PHE C 359 24.98 -32.88 35.98
C PHE C 359 24.72 -31.44 36.35
N SER C 360 25.11 -31.01 37.54
CA SER C 360 24.82 -29.62 37.84
C SER C 360 25.67 -29.14 39.00
N VAL C 361 25.71 -27.84 39.17
CA VAL C 361 26.33 -27.21 40.33
C VAL C 361 25.27 -26.38 41.02
N MET C 362 25.08 -26.61 42.30
CA MET C 362 24.24 -25.75 43.11
C MET C 362 25.12 -25.09 44.15
N VAL C 363 24.69 -23.92 44.61
CA VAL C 363 25.46 -23.15 45.57
C VAL C 363 24.50 -22.63 46.61
N THR C 364 24.68 -23.07 47.84
CA THR C 364 23.89 -22.59 48.97
C THR C 364 24.75 -21.73 49.88
N SER C 365 25.80 -22.32 50.43
CA SER C 365 26.86 -21.59 51.08
C SER C 365 28.23 -22.11 50.70
N LYS C 366 28.29 -23.25 50.01
CA LYS C 366 29.48 -23.87 49.52
C LYS C 366 29.02 -24.64 48.29
N PRO C 367 29.76 -24.55 47.18
CA PRO C 367 29.31 -25.20 45.94
C PRO C 367 29.23 -26.71 46.12
N LEU C 368 28.03 -27.25 45.94
CA LEU C 368 27.82 -28.68 45.91
C LEU C 368 27.52 -29.11 44.49
N PHE C 369 28.22 -30.14 44.03
CA PHE C 369 28.22 -30.58 42.66
C PHE C 369 27.46 -31.89 42.57
N ILE C 370 26.44 -31.91 41.75
CA ILE C 370 25.55 -33.05 41.61
C ILE C 370 25.98 -33.85 40.40
N ALA C 371 26.58 -35.01 40.65
CA ALA C 371 27.02 -35.90 39.59
C ALA C 371 26.35 -37.24 39.80
N ASP C 372 26.41 -38.10 38.79
CA ASP C 372 25.75 -39.40 38.89
C ASP C 372 26.30 -40.23 40.03
N ILE C 373 27.56 -40.03 40.38
CA ILE C 373 28.13 -40.72 41.54
C ILE C 373 27.33 -40.39 42.80
N GLY C 374 26.93 -39.15 42.93
CA GLY C 374 26.27 -38.66 44.11
C GLY C 374 26.46 -37.16 44.19
N ILE C 375 26.28 -36.63 45.39
CA ILE C 375 26.57 -35.22 45.58
C ILE C 375 27.98 -35.08 46.10
N GLY C 376 28.60 -33.96 45.80
CA GLY C 376 29.86 -33.58 46.40
C GLY C 376 29.74 -32.18 46.92
N VAL C 377 30.58 -31.83 47.88
CA VAL C 377 30.62 -30.48 48.42
C VAL C 377 32.06 -30.00 48.36
N GLY C 378 32.26 -28.76 47.96
CA GLY C 378 33.58 -28.25 47.61
C GLY C 378 34.10 -27.23 48.60
N ILE C 379 35.41 -27.30 48.86
CA ILE C 379 36.15 -26.33 49.66
C ILE C 379 37.50 -26.14 49.00
N PRO C 380 37.90 -24.89 48.70
CA PRO C 380 39.22 -24.61 48.10
C PRO C 380 40.30 -24.35 49.14
N GLU D 3 -54.81 -19.68 13.77
CA GLU D 3 -53.65 -19.47 12.92
C GLU D 3 -52.95 -18.15 13.24
N PRO D 4 -52.31 -18.08 14.41
CA PRO D 4 -51.68 -16.83 14.82
C PRO D 4 -50.27 -16.69 14.25
N VAL D 5 -50.01 -15.58 13.57
CA VAL D 5 -48.74 -15.34 12.90
C VAL D 5 -48.04 -14.19 13.59
N TRP D 6 -46.71 -14.22 13.56
CA TRP D 6 -45.89 -13.11 14.01
C TRP D 6 -44.92 -12.78 12.89
N ARG D 7 -45.09 -11.63 12.27
CA ARG D 7 -44.24 -11.21 11.17
C ARG D 7 -43.14 -10.32 11.72
N SER D 8 -41.90 -10.70 11.49
CA SER D 8 -40.79 -9.80 11.75
C SER D 8 -40.66 -8.83 10.59
N GLU D 9 -39.63 -8.00 10.65
CA GLU D 9 -39.33 -7.09 9.57
C GLU D 9 -38.18 -7.56 8.70
N GLN D 10 -37.17 -8.18 9.31
CA GLN D 10 -36.07 -8.79 8.58
C GLN D 10 -36.18 -10.29 8.75
N ALA D 11 -35.61 -11.02 7.80
CA ALA D 11 -35.74 -12.47 7.78
C ALA D 11 -35.22 -13.06 9.09
N ILE D 12 -35.92 -14.09 9.58
CA ILE D 12 -35.58 -14.68 10.86
C ILE D 12 -34.17 -15.26 10.80
N GLY D 13 -33.40 -15.00 11.84
CA GLY D 13 -32.07 -15.54 11.92
C GLY D 13 -32.00 -16.71 12.86
N ALA D 14 -32.84 -16.71 13.89
CA ALA D 14 -32.85 -17.84 14.81
C ALA D 14 -34.13 -17.81 15.62
N ILE D 15 -34.42 -18.93 16.27
CA ILE D 15 -35.61 -19.02 17.10
C ILE D 15 -35.41 -20.13 18.12
N ALA D 16 -35.80 -19.86 19.35
CA ALA D 16 -35.82 -20.87 20.40
C ALA D 16 -37.11 -20.71 21.19
N ALA D 17 -37.47 -21.75 21.92
CA ALA D 17 -38.70 -21.74 22.69
C ALA D 17 -38.39 -22.16 24.11
N SER D 18 -38.53 -21.23 25.04
CA SER D 18 -38.22 -21.51 26.42
C SER D 18 -39.28 -22.41 27.03
N GLN D 19 -38.96 -22.98 28.18
CA GLN D 19 -39.88 -23.91 28.82
C GLN D 19 -41.10 -23.20 29.36
N GLU D 20 -40.93 -22.02 29.94
CA GLU D 20 -42.09 -21.29 30.45
C GLU D 20 -41.98 -19.79 30.25
N ASP D 21 -41.06 -19.30 29.43
CA ASP D 21 -40.84 -17.87 29.29
C ASP D 21 -41.09 -17.37 27.87
N GLY D 22 -41.84 -18.10 27.08
CA GLY D 22 -42.17 -17.63 25.75
C GLY D 22 -41.20 -18.10 24.71
N VAL D 23 -41.32 -17.47 23.55
CA VAL D 23 -40.62 -17.87 22.34
C VAL D 23 -39.71 -16.72 21.93
N PHE D 24 -38.41 -16.98 21.86
CA PHE D 24 -37.45 -15.95 21.50
C PHE D 24 -37.15 -16.07 20.02
N VAL D 25 -37.16 -14.94 19.33
CA VAL D 25 -36.99 -14.91 17.88
C VAL D 25 -35.98 -13.84 17.55
N ALA D 26 -34.85 -14.22 16.96
CA ALA D 26 -33.80 -13.29 16.60
C ALA D 26 -33.92 -12.98 15.12
N SER D 27 -34.41 -11.78 14.81
CA SER D 27 -34.76 -11.45 13.44
C SER D 27 -33.67 -10.70 12.70
N GLY D 28 -33.35 -9.49 13.14
CA GLY D 28 -32.38 -8.70 12.43
C GLY D 28 -31.22 -8.33 13.31
N SER D 29 -31.16 -7.06 13.70
CA SER D 29 -30.29 -6.62 14.77
C SER D 29 -30.95 -6.78 16.12
N CYS D 30 -32.25 -7.00 16.17
CA CYS D 30 -32.99 -7.07 17.42
C CYS D 30 -33.49 -8.49 17.67
N LEU D 31 -33.62 -8.82 18.95
CA LEU D 31 -34.07 -10.13 19.37
C LEU D 31 -35.31 -9.94 20.22
N ASP D 32 -36.43 -10.52 19.80
CA ASP D 32 -37.69 -10.33 20.47
C ASP D 32 -38.02 -11.55 21.31
N GLN D 33 -38.87 -11.35 22.32
CA GLN D 33 -39.47 -12.47 23.01
C GLN D 33 -40.97 -12.32 22.89
N LEU D 34 -41.66 -13.42 22.71
CA LEU D 34 -43.09 -13.40 22.46
C LEU D 34 -43.77 -14.40 23.36
N ASP D 35 -45.08 -14.26 23.49
CA ASP D 35 -45.86 -15.28 24.16
C ASP D 35 -46.06 -16.47 23.22
N TYR D 36 -46.20 -17.65 23.82
CA TYR D 36 -46.34 -18.87 23.03
C TYR D 36 -47.44 -18.78 21.99
N SER D 37 -48.32 -17.80 22.10
CA SER D 37 -49.33 -17.55 21.09
C SER D 37 -48.84 -16.63 19.99
N LEU D 38 -47.58 -16.18 20.07
CA LEU D 38 -46.98 -15.33 19.04
C LEU D 38 -47.79 -14.07 18.79
N GLU D 39 -48.35 -13.48 19.84
CA GLU D 39 -49.16 -12.29 19.66
C GLU D 39 -48.43 -11.01 20.01
N HIS D 40 -47.88 -10.91 21.21
CA HIS D 40 -47.30 -9.67 21.69
C HIS D 40 -45.85 -9.89 22.05
N SER D 41 -44.99 -9.02 21.54
CA SER D 41 -43.59 -9.05 21.93
C SER D 41 -43.47 -8.60 23.37
N LEU D 42 -43.48 -9.55 24.29
CA LEU D 42 -43.37 -9.22 25.71
C LEU D 42 -42.19 -8.31 25.98
N SER D 43 -41.06 -8.55 25.32
CA SER D 43 -39.87 -7.75 25.51
C SER D 43 -39.02 -7.83 24.27
N ARG D 44 -38.03 -6.96 24.20
CA ARG D 44 -37.17 -6.93 23.03
C ARG D 44 -35.81 -6.35 23.40
N LEU D 45 -34.76 -6.93 22.85
CA LEU D 45 -33.40 -6.45 23.01
C LEU D 45 -32.88 -5.94 21.67
N TYR D 46 -32.12 -4.86 21.72
CA TYR D 46 -31.43 -4.35 20.54
C TYR D 46 -29.95 -4.54 20.75
N ARG D 47 -29.31 -5.21 19.81
CA ARG D 47 -27.91 -5.58 19.98
C ARG D 47 -26.97 -4.61 19.31
N ASP D 48 -27.33 -4.12 18.13
CA ASP D 48 -26.44 -3.21 17.41
C ASP D 48 -26.64 -1.77 17.86
N GLN D 49 -27.83 -1.22 17.63
CA GLN D 49 -28.16 0.14 18.00
C GLN D 49 -29.55 0.16 18.59
N ALA D 50 -29.77 1.05 19.55
CA ALA D 50 -31.07 1.12 20.19
C ALA D 50 -32.15 1.44 19.17
N GLY D 51 -33.32 0.84 19.37
CA GLY D 51 -34.48 1.16 18.56
C GLY D 51 -34.40 0.67 17.14
N ASN D 52 -33.40 1.12 16.40
CA ASN D 52 -33.26 0.76 14.99
C ASN D 52 -32.59 -0.60 14.90
N CYS D 53 -33.37 -1.61 14.55
CA CYS D 53 -32.84 -2.97 14.44
C CYS D 53 -32.92 -3.46 13.00
N THR D 54 -32.51 -2.61 12.08
CA THR D 54 -32.29 -3.03 10.71
C THR D 54 -30.91 -3.68 10.59
N GLU D 55 -30.80 -4.64 9.70
CA GLU D 55 -29.53 -5.32 9.48
C GLU D 55 -28.45 -4.30 9.12
N PRO D 56 -27.36 -4.24 9.88
CA PRO D 56 -26.29 -3.28 9.54
C PRO D 56 -25.82 -3.37 8.10
N VAL D 57 -25.63 -4.59 7.59
CA VAL D 57 -25.28 -4.77 6.18
C VAL D 57 -26.40 -5.53 5.51
N SER D 58 -26.29 -5.74 4.21
CA SER D 58 -27.28 -6.49 3.45
C SER D 58 -26.83 -7.93 3.30
N LEU D 59 -27.72 -8.86 3.59
CA LEU D 59 -27.46 -10.29 3.46
C LEU D 59 -28.21 -10.82 2.26
N ALA D 60 -27.49 -11.46 1.36
CA ALA D 60 -28.12 -12.04 0.18
C ALA D 60 -28.71 -13.40 0.55
N PRO D 61 -30.03 -13.58 0.46
CA PRO D 61 -30.61 -14.89 0.67
C PRO D 61 -30.26 -15.80 -0.51
N PRO D 62 -29.33 -16.72 -0.32
CA PRO D 62 -28.71 -17.41 -1.45
C PRO D 62 -29.57 -18.57 -1.91
N ALA D 63 -29.00 -19.37 -2.81
CA ALA D 63 -29.67 -20.56 -3.29
C ALA D 63 -30.09 -21.43 -2.13
N ARG D 64 -31.36 -21.83 -2.16
CA ARG D 64 -31.92 -22.66 -1.11
C ARG D 64 -31.03 -23.82 -0.66
N PRO D 65 -30.22 -24.46 -1.51
CA PRO D 65 -29.28 -25.44 -0.96
C PRO D 65 -28.12 -24.78 -0.25
N ARG D 66 -27.67 -23.64 -0.73
CA ARG D 66 -26.54 -22.99 -0.10
C ARG D 66 -26.92 -22.56 1.31
N PRO D 67 -25.98 -22.55 2.24
CA PRO D 67 -26.30 -22.12 3.60
C PRO D 67 -26.67 -20.66 3.63
N GLY D 68 -27.67 -20.34 4.46
CA GLY D 68 -28.11 -18.97 4.61
C GLY D 68 -27.08 -18.10 5.28
N SER D 69 -27.55 -16.98 5.78
CA SER D 69 -26.71 -16.06 6.53
C SER D 69 -27.59 -15.25 7.47
N SER D 70 -27.05 -14.97 8.64
CA SER D 70 -27.78 -14.19 9.63
C SER D 70 -26.79 -13.48 10.52
N PHE D 71 -27.34 -12.76 11.49
CA PHE D 71 -26.51 -12.06 12.46
C PHE D 71 -26.57 -12.68 13.84
N SER D 72 -27.61 -13.43 14.15
CA SER D 72 -27.73 -14.07 15.44
C SER D 72 -27.26 -15.51 15.31
N LYS D 73 -25.99 -15.75 15.59
CA LYS D 73 -25.45 -17.09 15.46
C LYS D 73 -26.06 -18.02 16.50
N LEU D 74 -25.86 -17.73 17.78
CA LEU D 74 -26.31 -18.60 18.85
C LEU D 74 -27.52 -18.00 19.55
N LEU D 75 -28.47 -18.85 19.88
CA LEU D 75 -29.58 -18.42 20.72
C LEU D 75 -30.13 -19.66 21.40
N LEU D 76 -29.72 -19.90 22.65
CA LEU D 76 -30.24 -21.10 23.28
C LEU D 76 -30.50 -20.91 24.76
N PRO D 77 -31.66 -21.34 25.25
CA PRO D 77 -31.97 -21.27 26.66
C PRO D 77 -31.51 -22.52 27.38
N TYR D 78 -31.18 -22.36 28.65
CA TYR D 78 -30.74 -23.48 29.44
C TYR D 78 -30.94 -23.16 30.90
N ARG D 79 -30.67 -24.17 31.73
CA ARG D 79 -30.83 -24.08 33.18
C ARG D 79 -32.27 -23.86 33.58
N GLU D 80 -33.18 -23.83 32.62
CA GLU D 80 -34.58 -23.57 32.91
C GLU D 80 -35.19 -24.78 33.60
N GLY D 81 -36.32 -24.55 34.26
CA GLY D 81 -36.90 -25.59 35.08
C GLY D 81 -36.05 -25.96 36.26
N ALA D 82 -35.17 -25.07 36.71
CA ALA D 82 -34.36 -25.32 37.88
C ALA D 82 -35.21 -25.23 39.13
N ALA D 83 -34.59 -25.46 40.29
CA ALA D 83 -35.30 -25.38 41.55
C ALA D 83 -35.83 -23.98 41.80
N GLY D 84 -34.92 -23.03 42.00
CA GLY D 84 -35.33 -21.65 42.23
C GLY D 84 -34.67 -20.71 41.26
N LEU D 85 -33.54 -21.14 40.71
CA LEU D 85 -32.80 -20.31 39.76
C LEU D 85 -33.59 -20.15 38.48
N GLY D 86 -33.94 -18.92 38.15
CA GLY D 86 -34.57 -18.67 36.87
C GLY D 86 -33.67 -19.09 35.73
N GLY D 87 -34.29 -19.58 34.66
CA GLY D 87 -33.51 -20.03 33.53
C GLY D 87 -32.65 -18.93 32.95
N LEU D 88 -31.65 -19.34 32.18
CA LEU D 88 -30.77 -18.42 31.51
C LEU D 88 -30.95 -18.55 30.01
N LEU D 89 -30.60 -17.50 29.29
CA LEU D 89 -30.58 -17.50 27.84
C LEU D 89 -29.21 -17.05 27.38
N LEU D 90 -28.59 -17.83 26.53
CA LEU D 90 -27.25 -17.54 26.03
C LEU D 90 -27.41 -17.12 24.58
N THR D 91 -27.08 -15.86 24.27
CA THR D 91 -27.30 -15.34 22.93
C THR D 91 -25.98 -14.80 22.40
N GLY D 92 -25.58 -15.27 21.23
CA GLY D 92 -24.34 -14.83 20.61
C GLY D 92 -24.63 -14.28 19.23
N TRP D 93 -24.05 -13.12 18.94
CA TRP D 93 -24.34 -12.37 17.74
C TRP D 93 -23.08 -12.23 16.91
N THR D 94 -23.27 -11.83 15.65
CA THR D 94 -22.13 -11.53 14.81
C THR D 94 -21.41 -10.27 15.26
N PHE D 95 -22.17 -9.28 15.72
CA PHE D 95 -21.58 -8.00 16.08
C PHE D 95 -20.54 -8.16 17.19
N ASP D 96 -19.66 -7.18 17.28
CA ASP D 96 -18.62 -7.14 18.32
C ASP D 96 -17.75 -8.37 18.27
N ARG D 97 -17.19 -8.64 17.09
CA ARG D 97 -16.26 -9.75 16.92
C ARG D 97 -16.89 -11.08 17.35
N GLY D 98 -18.17 -11.25 17.03
CA GLY D 98 -18.84 -12.45 17.45
C GLY D 98 -18.98 -12.52 18.94
N ALA D 99 -19.72 -11.58 19.51
CA ALA D 99 -19.88 -11.51 20.95
C ALA D 99 -21.01 -12.41 21.39
N CYS D 100 -20.97 -12.80 22.65
CA CYS D 100 -21.99 -13.65 23.23
C CYS D 100 -22.22 -13.25 24.67
N GLU D 101 -23.48 -13.07 25.03
CA GLU D 101 -23.84 -12.69 26.39
C GLU D 101 -24.78 -13.71 26.97
N VAL D 102 -24.50 -14.11 28.19
CA VAL D 102 -25.51 -14.77 29.01
C VAL D 102 -26.46 -13.71 29.50
N ARG D 103 -27.71 -14.08 29.74
CA ARG D 103 -28.67 -13.13 30.27
C ARG D 103 -29.77 -13.92 30.96
N PRO D 104 -30.58 -13.25 31.78
CA PRO D 104 -31.68 -13.97 32.43
C PRO D 104 -32.76 -14.30 31.41
N LEU D 105 -33.18 -15.55 31.41
CA LEU D 105 -34.28 -15.98 30.55
C LEU D 105 -35.55 -15.32 31.05
N GLY D 106 -36.01 -14.31 30.35
CA GLY D 106 -37.20 -13.60 30.79
C GLY D 106 -37.27 -12.21 30.21
N ASN D 107 -37.49 -11.22 31.06
CA ASN D 107 -37.54 -9.85 30.61
C ASN D 107 -36.23 -9.53 29.91
N LEU D 108 -36.28 -9.37 28.58
CA LEU D 108 -35.04 -9.20 27.82
C LEU D 108 -34.28 -7.95 28.23
N SER D 109 -34.97 -6.87 28.56
CA SER D 109 -34.28 -5.64 28.87
C SER D 109 -33.77 -5.67 30.30
N ARG D 110 -33.06 -6.73 30.65
CA ARG D 110 -32.33 -6.80 31.91
C ARG D 110 -30.85 -6.96 31.58
N ASN D 111 -30.01 -6.76 32.57
CA ASN D 111 -28.58 -6.69 32.33
C ASN D 111 -28.02 -8.06 31.99
N SER D 112 -27.23 -8.10 30.92
CA SER D 112 -26.49 -9.31 30.59
C SER D 112 -25.53 -9.65 31.70
N LEU D 113 -25.61 -10.88 32.19
CA LEU D 113 -24.78 -11.26 33.32
C LEU D 113 -23.31 -11.26 32.95
N ARG D 114 -22.92 -12.11 32.00
CA ARG D 114 -21.54 -12.22 31.57
C ARG D 114 -21.46 -11.99 30.08
N ASN D 115 -20.55 -11.13 29.67
CA ASN D 115 -20.31 -10.86 28.26
C ASN D 115 -19.27 -11.86 27.76
N GLY D 116 -18.76 -11.66 26.56
CA GLY D 116 -17.76 -12.54 26.01
C GLY D 116 -17.58 -12.27 24.53
N THR D 117 -16.36 -12.33 24.03
CA THR D 117 -16.09 -11.96 22.66
C THR D 117 -15.41 -13.10 21.92
N GLU D 118 -15.61 -13.14 20.61
CA GLU D 118 -15.11 -14.21 19.77
C GLU D 118 -15.69 -15.56 20.16
N VAL D 119 -16.92 -15.57 20.68
CA VAL D 119 -17.53 -16.83 21.01
C VAL D 119 -18.09 -17.50 19.76
N VAL D 120 -18.87 -16.76 18.98
CA VAL D 120 -19.49 -17.30 17.78
C VAL D 120 -18.80 -16.70 16.57
N SER D 121 -19.00 -17.31 15.43
CA SER D 121 -18.40 -16.82 14.20
C SER D 121 -18.95 -15.44 13.89
N CYS D 122 -18.06 -14.49 13.62
CA CYS D 122 -18.49 -13.14 13.30
C CYS D 122 -18.57 -12.90 11.80
N HIS D 123 -18.78 -13.96 11.04
CA HIS D 123 -19.01 -13.85 9.61
C HIS D 123 -20.47 -14.16 9.34
N PRO D 124 -21.25 -13.20 8.88
CA PRO D 124 -22.70 -13.41 8.78
C PRO D 124 -23.09 -14.67 8.06
N GLN D 125 -22.28 -15.15 7.13
CA GLN D 125 -22.58 -16.40 6.44
C GLN D 125 -21.82 -17.59 7.03
N GLY D 126 -21.09 -17.38 8.10
CA GLY D 126 -20.43 -18.49 8.75
C GLY D 126 -21.37 -19.29 9.62
N SER D 127 -21.09 -20.58 9.70
CA SER D 127 -21.92 -21.50 10.47
C SER D 127 -21.60 -21.39 11.94
N THR D 128 -22.59 -21.71 12.77
CA THR D 128 -22.37 -21.80 14.20
C THR D 128 -23.46 -22.65 14.81
N ALA D 129 -23.07 -23.56 15.68
CA ALA D 129 -24.02 -24.44 16.35
C ALA D 129 -23.48 -24.73 17.73
N GLY D 130 -24.31 -24.57 18.75
CA GLY D 130 -23.86 -24.72 20.10
C GLY D 130 -24.81 -25.57 20.91
N VAL D 131 -24.32 -26.03 22.04
CA VAL D 131 -25.13 -26.81 22.97
C VAL D 131 -24.52 -26.71 24.34
N VAL D 132 -25.32 -26.47 25.35
CA VAL D 132 -24.79 -26.43 26.69
C VAL D 132 -24.93 -27.81 27.31
N TYR D 133 -24.19 -28.05 28.37
CA TYR D 133 -24.22 -29.34 29.04
C TYR D 133 -23.57 -29.18 30.40
N ARG D 134 -23.58 -30.27 31.17
CA ARG D 134 -22.99 -30.28 32.51
C ARG D 134 -21.61 -30.90 32.42
N ALA D 135 -20.61 -30.16 32.89
CA ALA D 135 -19.28 -30.73 32.92
C ALA D 135 -18.47 -30.08 34.02
N GLY D 136 -17.39 -30.76 34.40
CA GLY D 136 -16.52 -30.27 35.44
C GLY D 136 -16.70 -31.04 36.74
N ARG D 137 -15.80 -30.75 37.68
CA ARG D 137 -15.88 -31.40 38.97
C ARG D 137 -17.08 -30.92 39.77
N ASN D 138 -17.61 -29.74 39.45
CA ASN D 138 -18.76 -29.17 40.14
C ASN D 138 -19.98 -29.07 39.23
N ASN D 139 -19.92 -29.69 38.04
CA ASN D 139 -21.03 -29.71 37.11
C ASN D 139 -21.47 -28.30 36.74
N ARG D 140 -20.52 -27.49 36.30
CA ARG D 140 -20.89 -26.21 35.72
C ARG D 140 -21.58 -26.43 34.39
N TRP D 141 -22.17 -25.36 33.88
CA TRP D 141 -22.83 -25.37 32.59
C TRP D 141 -21.84 -24.90 31.54
N TYR D 142 -21.34 -25.82 30.73
CA TYR D 142 -20.46 -25.48 29.64
C TYR D 142 -21.25 -25.32 28.35
N LEU D 143 -20.62 -24.72 27.36
CA LEU D 143 -21.23 -24.47 26.07
C LEU D 143 -20.26 -24.90 25.00
N ALA D 144 -20.57 -25.97 24.28
CA ALA D 144 -19.74 -26.40 23.17
C ALA D 144 -20.24 -25.68 21.93
N VAL D 145 -19.36 -24.93 21.28
CA VAL D 145 -19.70 -24.14 20.11
C VAL D 145 -18.81 -24.60 18.97
N ALA D 146 -19.42 -24.96 17.85
CA ALA D 146 -18.68 -25.26 16.64
C ALA D 146 -19.07 -24.22 15.62
N ALA D 147 -18.08 -23.55 15.05
CA ALA D 147 -18.39 -22.45 14.16
C ALA D 147 -17.30 -22.26 13.12
N THR D 148 -17.60 -21.42 12.14
CA THR D 148 -16.68 -21.09 11.08
C THR D 148 -16.04 -19.76 11.42
N TYR D 149 -15.03 -19.82 12.28
CA TYR D 149 -14.45 -18.59 12.79
C TYR D 149 -13.69 -17.85 11.69
N VAL D 150 -12.82 -18.54 10.98
CA VAL D 150 -11.95 -17.90 9.99
C VAL D 150 -12.56 -18.10 8.61
N LEU D 151 -12.96 -17.01 7.98
CA LEU D 151 -13.43 -17.05 6.62
C LEU D 151 -12.49 -16.26 5.74
N PRO D 152 -12.03 -16.81 4.64
CA PRO D 152 -11.04 -16.09 3.82
C PRO D 152 -11.67 -14.93 3.08
N GLU D 153 -12.45 -14.11 3.78
CA GLU D 153 -13.01 -12.89 3.21
C GLU D 153 -12.84 -11.72 4.17
N PRO D 154 -11.62 -11.46 4.64
CA PRO D 154 -11.43 -10.29 5.50
C PRO D 154 -11.07 -9.06 4.69
N GLU D 155 -11.80 -7.98 4.91
CA GLU D 155 -11.47 -6.73 4.26
C GLU D 155 -10.68 -5.85 5.22
N THR D 156 -9.74 -5.10 4.66
CA THR D 156 -8.81 -4.33 5.48
C THR D 156 -9.52 -3.36 6.42
N ALA D 157 -10.78 -3.05 6.15
CA ALA D 157 -11.53 -2.16 7.04
C ALA D 157 -11.67 -2.75 8.43
N SER D 158 -12.37 -3.86 8.54
CA SER D 158 -12.57 -4.54 9.82
C SER D 158 -11.98 -5.93 9.76
N ARG D 159 -11.34 -6.33 10.85
CA ARG D 159 -10.66 -7.61 10.93
C ARG D 159 -11.42 -8.50 11.91
N CYS D 160 -12.31 -9.33 11.38
CA CYS D 160 -12.97 -10.34 12.19
C CYS D 160 -12.03 -11.46 12.61
N ASN D 161 -11.48 -12.16 11.63
CA ASN D 161 -10.76 -13.41 11.82
C ASN D 161 -9.85 -13.34 13.03
N PRO D 162 -10.02 -14.24 13.98
CA PRO D 162 -9.22 -14.18 15.21
C PRO D 162 -7.73 -14.31 14.98
N ALA D 163 -6.97 -14.16 16.04
CA ALA D 163 -5.52 -14.10 15.98
C ALA D 163 -4.95 -15.34 15.32
N ALA D 164 -3.69 -15.23 14.90
CA ALA D 164 -3.04 -16.32 14.19
C ALA D 164 -2.92 -17.58 15.02
N SER D 165 -3.07 -17.51 16.34
CA SER D 165 -3.04 -18.73 17.12
C SER D 165 -4.36 -19.48 17.00
N ASP D 166 -5.48 -18.77 17.08
CA ASP D 166 -6.80 -19.37 16.98
C ASP D 166 -7.30 -19.42 15.55
N HIS D 167 -6.39 -19.48 14.59
CA HIS D 167 -6.79 -19.46 13.20
C HIS D 167 -7.60 -20.69 12.83
N ASP D 168 -7.06 -21.86 13.11
CA ASP D 168 -7.70 -23.12 12.74
C ASP D 168 -8.46 -23.70 13.92
N THR D 169 -9.46 -22.98 14.40
CA THR D 169 -10.30 -23.44 15.49
C THR D 169 -11.67 -23.74 14.94
N ALA D 170 -12.20 -24.92 15.22
CA ALA D 170 -13.53 -25.28 14.78
C ALA D 170 -14.51 -25.40 15.93
N ILE D 171 -14.15 -26.17 16.95
CA ILE D 171 -15.00 -26.45 18.09
C ILE D 171 -14.30 -25.94 19.33
N ALA D 172 -15.04 -25.25 20.19
CA ALA D 172 -14.49 -24.73 21.42
C ALA D 172 -15.47 -25.00 22.55
N LEU D 173 -14.94 -25.36 23.71
CA LEU D 173 -15.77 -25.65 24.88
C LEU D 173 -15.71 -24.47 25.82
N LYS D 174 -16.55 -23.48 25.57
CA LYS D 174 -16.66 -22.34 26.44
C LYS D 174 -17.23 -22.74 27.79
N ASP D 175 -16.91 -21.95 28.80
CA ASP D 175 -17.49 -22.09 30.12
C ASP D 175 -18.42 -20.91 30.35
N THR D 176 -19.64 -21.19 30.77
CA THR D 176 -20.60 -20.11 30.95
C THR D 176 -20.42 -19.36 32.26
N GLU D 177 -19.51 -19.80 33.12
CA GLU D 177 -19.25 -19.12 34.38
C GLU D 177 -18.01 -18.25 34.34
N GLY D 178 -16.91 -18.74 33.79
CA GLY D 178 -15.69 -17.97 33.73
C GLY D 178 -15.90 -16.64 33.04
N ARG D 179 -14.97 -15.73 33.28
CA ARG D 179 -15.15 -14.38 32.77
C ARG D 179 -15.00 -14.37 31.26
N SER D 180 -16.00 -13.79 30.58
CA SER D 180 -16.00 -13.67 29.13
C SER D 180 -16.04 -15.02 28.44
N LEU D 181 -16.56 -16.04 29.12
CA LEU D 181 -16.74 -17.37 28.53
C LEU D 181 -15.41 -17.93 28.03
N ALA D 182 -14.53 -18.19 28.97
CA ALA D 182 -13.15 -18.52 28.64
C ALA D 182 -13.05 -19.94 28.11
N THR D 183 -12.26 -20.10 27.06
CA THR D 183 -11.95 -21.41 26.51
C THR D 183 -10.60 -21.86 27.05
N GLN D 184 -10.55 -23.08 27.56
CA GLN D 184 -9.30 -23.61 28.04
C GLN D 184 -8.30 -23.72 26.90
N GLU D 185 -7.07 -24.11 27.23
CA GLU D 185 -6.10 -24.34 26.18
C GLU D 185 -6.46 -25.56 25.37
N LEU D 186 -6.77 -26.66 26.04
CA LEU D 186 -7.14 -27.88 25.38
C LEU D 186 -8.63 -27.96 25.08
N GLY D 187 -9.38 -26.93 25.42
CA GLY D 187 -10.80 -26.98 25.16
C GLY D 187 -11.15 -26.52 23.77
N ARG D 188 -10.32 -26.83 22.79
CA ARG D 188 -10.64 -26.43 21.45
C ARG D 188 -10.13 -27.47 20.47
N LEU D 189 -10.86 -27.63 19.37
CA LEU D 189 -10.58 -28.64 18.38
C LEU D 189 -10.13 -27.96 17.11
N LYS D 190 -8.91 -28.28 16.69
CA LYS D 190 -8.32 -27.57 15.58
C LYS D 190 -8.88 -28.08 14.26
N LEU D 191 -8.29 -27.63 13.18
CA LEU D 191 -8.81 -27.85 11.84
C LEU D 191 -7.69 -28.19 10.87
N CYS D 192 -8.04 -28.91 9.82
CA CYS D 192 -7.16 -29.15 8.69
C CYS D 192 -7.50 -28.15 7.59
N GLU D 193 -6.49 -27.47 7.07
CA GLU D 193 -6.67 -26.28 6.25
C GLU D 193 -6.81 -26.61 4.76
N GLY D 194 -7.02 -27.87 4.42
CA GLY D 194 -7.03 -28.25 3.02
C GLY D 194 -8.41 -28.30 2.40
N ALA D 195 -9.40 -28.73 3.18
CA ALA D 195 -10.73 -29.02 2.68
C ALA D 195 -11.57 -27.77 2.50
N GLY D 196 -10.96 -26.60 2.43
CA GLY D 196 -11.74 -25.38 2.48
C GLY D 196 -12.25 -25.22 3.88
N SER D 197 -13.44 -24.67 4.05
CA SER D 197 -13.98 -24.47 5.38
C SER D 197 -14.93 -25.60 5.70
N LEU D 198 -15.39 -25.62 6.94
CA LEU D 198 -16.40 -26.57 7.40
C LEU D 198 -17.65 -25.77 7.73
N HIS D 199 -18.80 -26.37 7.50
CA HIS D 199 -20.04 -25.73 7.87
C HIS D 199 -20.76 -26.67 8.82
N PHE D 200 -20.93 -26.23 10.06
CA PHE D 200 -21.58 -27.04 11.08
C PHE D 200 -23.06 -26.74 11.09
N VAL D 201 -23.88 -27.77 11.22
CA VAL D 201 -25.31 -27.58 11.07
C VAL D 201 -25.99 -27.62 12.43
N ASP D 202 -25.43 -28.39 13.35
CA ASP D 202 -26.18 -28.75 14.53
C ASP D 202 -25.18 -29.07 15.63
N ALA D 203 -25.72 -29.36 16.81
CA ALA D 203 -24.93 -29.89 17.91
C ALA D 203 -25.92 -30.44 18.91
N PHE D 204 -25.72 -31.68 19.32
CA PHE D 204 -26.65 -32.30 20.24
C PHE D 204 -25.91 -33.32 21.08
N LEU D 205 -26.48 -33.62 22.22
CA LEU D 205 -25.89 -34.59 23.13
C LEU D 205 -26.56 -35.93 22.95
N TRP D 206 -25.77 -36.99 22.98
CA TRP D 206 -26.34 -38.33 22.97
C TRP D 206 -25.36 -39.29 23.58
N ASN D 207 -25.76 -39.93 24.67
CA ASN D 207 -24.98 -41.01 25.30
C ASN D 207 -23.60 -40.50 25.71
N GLY D 208 -23.58 -39.43 26.48
CA GLY D 208 -22.34 -38.91 27.01
C GLY D 208 -21.38 -38.38 25.97
N SER D 209 -21.90 -37.79 24.90
CA SER D 209 -21.05 -37.22 23.87
C SER D 209 -21.80 -36.14 23.13
N ILE D 210 -21.06 -35.28 22.48
CA ILE D 210 -21.60 -34.20 21.68
C ILE D 210 -21.33 -34.52 20.23
N TYR D 211 -22.33 -34.35 19.40
CA TYR D 211 -22.19 -34.61 17.97
C TYR D 211 -22.36 -33.32 17.22
N PHE D 212 -21.47 -33.08 16.27
CA PHE D 212 -21.57 -31.92 15.39
C PHE D 212 -21.72 -32.40 13.97
N PRO D 213 -22.91 -32.38 13.40
CA PRO D 213 -23.07 -32.69 11.98
C PRO D 213 -22.63 -31.51 11.14
N TYR D 214 -21.72 -31.76 10.21
CA TYR D 214 -21.17 -30.70 9.41
C TYR D 214 -20.96 -31.19 8.00
N TYR D 215 -20.42 -30.33 7.15
CA TYR D 215 -19.96 -30.77 5.86
C TYR D 215 -18.95 -29.77 5.34
N PRO D 216 -17.91 -30.22 4.66
CA PRO D 216 -16.97 -29.28 4.08
C PRO D 216 -17.66 -28.41 3.05
N TYR D 217 -17.08 -27.24 2.81
CA TYR D 217 -17.78 -26.24 2.03
C TYR D 217 -16.80 -25.16 1.60
N ASN D 218 -17.09 -24.56 0.45
CA ASN D 218 -16.30 -23.49 -0.14
C ASN D 218 -17.20 -22.27 -0.20
N TYR D 219 -17.09 -21.39 0.79
CA TYR D 219 -17.99 -20.24 0.84
C TYR D 219 -17.81 -19.33 -0.37
N THR D 220 -16.61 -19.30 -0.94
CA THR D 220 -16.41 -18.55 -2.18
C THR D 220 -17.17 -19.20 -3.31
N SER D 221 -16.84 -20.46 -3.62
CA SER D 221 -17.49 -21.17 -4.71
C SER D 221 -18.97 -21.36 -4.43
N GLY D 222 -19.28 -21.97 -3.31
CA GLY D 222 -20.63 -22.33 -2.98
C GLY D 222 -20.95 -23.78 -3.14
N ALA D 223 -19.94 -24.64 -3.24
CA ALA D 223 -20.15 -26.05 -3.48
C ALA D 223 -19.48 -26.87 -2.40
N ALA D 224 -20.16 -27.90 -1.92
CA ALA D 224 -19.56 -28.82 -0.97
C ALA D 224 -18.31 -29.44 -1.58
N THR D 225 -17.33 -29.69 -0.73
CA THR D 225 -16.06 -30.25 -1.18
C THR D 225 -15.75 -31.54 -0.42
N GLY D 226 -16.75 -32.35 -0.16
CA GLY D 226 -16.52 -33.59 0.53
C GLY D 226 -17.80 -34.16 1.10
N TRP D 227 -17.64 -35.14 1.93
CA TRP D 227 -18.76 -35.87 2.49
C TRP D 227 -19.35 -35.12 3.68
N PRO D 228 -20.67 -35.05 3.78
CA PRO D 228 -21.28 -34.62 5.03
C PRO D 228 -20.86 -35.59 6.11
N SER D 229 -20.43 -35.06 7.24
CA SER D 229 -19.84 -35.90 8.27
C SER D 229 -20.44 -35.51 9.60
N MET D 230 -20.05 -36.26 10.62
CA MET D 230 -20.47 -36.02 11.98
C MET D 230 -19.28 -36.22 12.88
N ALA D 231 -18.92 -35.19 13.63
CA ALA D 231 -17.79 -35.22 14.53
C ALA D 231 -18.29 -35.48 15.94
N ARG D 232 -17.76 -36.51 16.58
CA ARG D 232 -18.21 -36.93 17.90
C ARG D 232 -17.13 -36.64 18.93
N ILE D 233 -17.51 -35.91 19.96
CA ILE D 233 -16.62 -35.36 20.96
C ILE D 233 -17.08 -35.86 22.33
N ALA D 234 -16.13 -36.14 23.21
CA ALA D 234 -16.49 -36.56 24.55
C ALA D 234 -17.09 -35.40 25.32
N GLN D 235 -18.09 -35.72 26.14
CA GLN D 235 -18.83 -34.70 26.86
C GLN D 235 -18.08 -34.36 28.14
N SER D 236 -17.05 -33.55 27.99
CA SER D 236 -16.16 -33.23 29.09
C SER D 236 -15.81 -31.76 29.04
N THR D 237 -14.80 -31.39 29.81
CA THR D 237 -14.36 -30.01 29.92
C THR D 237 -13.24 -29.67 28.95
N GLU D 238 -12.53 -30.67 28.44
CA GLU D 238 -11.50 -30.48 27.44
C GLU D 238 -11.80 -31.35 26.25
N VAL D 239 -11.61 -30.81 25.05
CA VAL D 239 -12.00 -31.52 23.84
C VAL D 239 -11.27 -32.85 23.80
N LEU D 240 -12.03 -33.93 23.77
CA LEU D 240 -11.50 -35.28 23.61
C LEU D 240 -12.13 -35.82 22.33
N PHE D 241 -11.47 -35.59 21.22
CA PHE D 241 -12.00 -35.97 19.92
C PHE D 241 -12.20 -37.47 19.86
N GLN D 242 -13.45 -37.90 19.85
CA GLN D 242 -13.73 -39.33 19.91
C GLN D 242 -13.96 -39.94 18.55
N GLY D 243 -14.24 -39.15 17.52
CA GLY D 243 -14.25 -39.72 16.20
C GLY D 243 -14.90 -38.81 15.18
N GLN D 244 -14.94 -39.30 13.95
CA GLN D 244 -15.60 -38.61 12.86
C GLN D 244 -16.07 -39.66 11.87
N ALA D 245 -17.29 -39.51 11.38
CA ALA D 245 -17.83 -40.48 10.44
C ALA D 245 -18.57 -39.76 9.34
N SER D 246 -18.34 -40.15 8.10
CA SER D 246 -19.11 -39.60 7.00
C SER D 246 -20.46 -40.29 6.92
N LEU D 247 -21.44 -39.59 6.37
CA LEU D 247 -22.79 -40.11 6.25
C LEU D 247 -23.11 -40.24 4.78
N ASP D 248 -23.48 -41.44 4.34
CA ASP D 248 -23.64 -41.70 2.91
C ASP D 248 -25.12 -41.72 2.58
N CYS D 249 -25.65 -40.56 2.22
CA CYS D 249 -27.03 -40.42 1.78
C CYS D 249 -27.10 -39.95 0.33
N GLY D 250 -26.26 -40.53 -0.53
CA GLY D 250 -26.31 -40.19 -1.93
C GLY D 250 -27.05 -41.22 -2.74
N HIS D 251 -27.83 -42.06 -2.06
CA HIS D 251 -28.59 -43.09 -2.73
C HIS D 251 -29.71 -42.47 -3.55
N GLY D 252 -29.86 -42.93 -4.78
CA GLY D 252 -30.90 -42.43 -5.66
C GLY D 252 -30.56 -41.17 -6.42
N HIS D 253 -29.29 -40.81 -6.50
CA HIS D 253 -28.86 -39.63 -7.21
C HIS D 253 -27.48 -39.92 -7.78
N PRO D 254 -27.21 -39.46 -9.00
CA PRO D 254 -25.96 -39.83 -9.67
C PRO D 254 -24.72 -39.50 -8.87
N ASP D 255 -24.49 -38.22 -8.59
CA ASP D 255 -23.25 -37.82 -7.95
C ASP D 255 -23.33 -37.83 -6.44
N GLY D 256 -24.49 -38.10 -5.87
CA GLY D 256 -24.66 -38.15 -4.44
C GLY D 256 -25.14 -36.83 -3.89
N ARG D 257 -25.50 -36.87 -2.61
CA ARG D 257 -25.99 -35.70 -1.90
C ARG D 257 -24.94 -35.31 -0.88
N ARG D 258 -24.33 -34.16 -1.06
CA ARG D 258 -23.15 -33.79 -0.28
C ARG D 258 -23.36 -32.55 0.58
N LEU D 259 -24.57 -32.02 0.63
CA LEU D 259 -24.90 -30.93 1.52
C LEU D 259 -25.84 -31.45 2.60
N LEU D 260 -25.66 -30.98 3.82
CA LEU D 260 -26.54 -31.32 4.93
C LEU D 260 -27.36 -30.09 5.25
N LEU D 261 -28.65 -30.14 4.95
CA LEU D 261 -29.48 -28.96 5.06
C LEU D 261 -30.05 -28.77 6.46
N SER D 262 -30.32 -29.85 7.17
CA SER D 262 -30.88 -29.71 8.50
C SER D 262 -30.74 -31.03 9.23
N SER D 263 -30.86 -30.96 10.54
CA SER D 263 -30.65 -32.11 11.40
C SER D 263 -31.69 -32.16 12.49
N SER D 264 -31.89 -33.35 13.05
CA SER D 264 -32.68 -33.45 14.27
C SER D 264 -32.47 -34.83 14.87
N LEU D 265 -32.29 -34.87 16.18
CA LEU D 265 -32.12 -36.12 16.89
C LEU D 265 -33.47 -36.54 17.47
N VAL D 266 -34.03 -37.64 16.98
CA VAL D 266 -35.26 -38.19 17.54
C VAL D 266 -34.86 -38.76 18.90
N GLU D 267 -35.24 -38.09 19.98
CA GLU D 267 -34.63 -38.34 21.27
C GLU D 267 -34.88 -39.76 21.75
N ALA D 268 -36.14 -40.10 22.01
CA ALA D 268 -36.43 -41.37 22.67
C ALA D 268 -36.13 -42.57 21.78
N LEU D 269 -35.81 -42.35 20.51
CA LEU D 269 -35.55 -43.44 19.60
C LEU D 269 -34.06 -43.68 19.34
N ASP D 270 -33.20 -42.74 19.69
CA ASP D 270 -31.77 -42.84 19.42
C ASP D 270 -31.52 -42.97 17.93
N VAL D 271 -32.10 -42.05 17.18
CA VAL D 271 -32.00 -42.04 15.73
C VAL D 271 -31.83 -40.61 15.28
N TRP D 272 -30.75 -40.35 14.56
CA TRP D 272 -30.55 -39.04 13.97
C TRP D 272 -31.25 -39.00 12.63
N ALA D 273 -31.71 -37.82 12.25
CA ALA D 273 -32.48 -37.69 11.03
C ALA D 273 -32.04 -36.42 10.34
N GLY D 274 -31.49 -36.56 9.15
CA GLY D 274 -30.87 -35.44 8.48
C GLY D 274 -31.41 -35.27 7.08
N VAL D 275 -31.50 -34.01 6.66
CA VAL D 275 -32.00 -33.69 5.33
C VAL D 275 -30.81 -33.34 4.45
N PHE D 276 -30.46 -34.23 3.54
CA PHE D 276 -29.34 -34.00 2.65
C PHE D 276 -29.84 -33.48 1.32
N SER D 277 -28.96 -32.81 0.59
CA SER D 277 -29.30 -32.34 -0.73
C SER D 277 -28.06 -32.29 -1.58
N ALA D 278 -28.24 -32.35 -2.88
CA ALA D 278 -27.16 -32.14 -3.82
C ALA D 278 -27.22 -30.71 -4.34
N ALA D 279 -26.12 -30.29 -4.97
CA ALA D 279 -26.03 -28.92 -5.45
C ALA D 279 -27.08 -28.64 -6.51
N ALA D 280 -28.04 -27.78 -6.19
CA ALA D 280 -29.12 -27.48 -7.11
C ALA D 280 -28.81 -26.19 -7.88
N GLY D 281 -27.74 -26.26 -8.65
CA GLY D 281 -27.35 -25.20 -9.56
C GLY D 281 -27.41 -23.81 -8.95
N GLU D 282 -28.25 -22.94 -9.53
CA GLU D 282 -28.45 -21.58 -9.05
C GLU D 282 -29.93 -21.42 -8.75
N GLY D 283 -30.30 -21.69 -7.50
CA GLY D 283 -31.68 -21.61 -7.07
C GLY D 283 -32.46 -22.84 -7.44
N GLN D 284 -32.88 -22.93 -8.70
CA GLN D 284 -33.52 -24.13 -9.23
C GLN D 284 -33.16 -24.21 -10.72
N GLU D 285 -32.05 -24.82 -11.01
CA GLU D 285 -31.72 -25.12 -12.39
C GLU D 285 -31.35 -26.57 -12.58
N ARG D 286 -30.66 -27.17 -11.62
CA ARG D 286 -30.45 -28.61 -11.59
C ARG D 286 -31.34 -29.26 -10.54
N ARG D 287 -32.41 -28.59 -10.14
CA ARG D 287 -33.35 -29.14 -9.18
C ARG D 287 -34.00 -30.35 -9.81
N SER D 288 -33.59 -31.53 -9.38
CA SER D 288 -34.09 -32.78 -9.92
C SER D 288 -35.23 -33.30 -9.06
N PRO D 289 -35.97 -34.28 -9.56
CA PRO D 289 -36.91 -34.99 -8.67
C PRO D 289 -36.22 -35.70 -7.52
N THR D 290 -34.93 -35.96 -7.60
CA THR D 290 -34.20 -36.57 -6.49
C THR D 290 -32.94 -35.76 -6.24
N THR D 291 -33.07 -34.66 -5.52
CA THR D 291 -31.90 -33.96 -5.00
C THR D 291 -31.86 -34.01 -3.50
N THR D 292 -33.00 -33.86 -2.84
CA THR D 292 -33.04 -33.87 -1.40
C THR D 292 -33.51 -35.22 -0.90
N ALA D 293 -33.09 -35.56 0.30
CA ALA D 293 -33.42 -36.87 0.84
C ALA D 293 -33.32 -36.82 2.34
N LEU D 294 -34.40 -37.21 3.00
CA LEU D 294 -34.37 -37.41 4.44
C LEU D 294 -33.78 -38.78 4.71
N CYS D 295 -32.68 -38.81 5.43
CA CYS D 295 -32.00 -40.05 5.76
C CYS D 295 -32.01 -40.22 7.26
N LEU D 296 -32.29 -41.43 7.72
CA LEU D 296 -32.28 -41.73 9.14
C LEU D 296 -31.10 -42.62 9.45
N PHE D 297 -30.34 -42.27 10.48
CA PHE D 297 -29.19 -43.04 10.90
C PHE D 297 -29.40 -43.48 12.33
N ARG D 298 -28.97 -44.68 12.64
CA ARG D 298 -29.00 -45.14 14.02
C ARG D 298 -27.82 -44.56 14.76
N MET D 299 -28.09 -43.84 15.84
CA MET D 299 -27.01 -43.23 16.59
C MET D 299 -26.01 -44.26 17.05
N SER D 300 -26.44 -45.51 17.23
CA SER D 300 -25.49 -46.56 17.59
C SER D 300 -24.47 -46.80 16.49
N GLU D 301 -24.89 -46.79 15.24
CA GLU D 301 -23.96 -47.04 14.14
C GLU D 301 -22.96 -45.91 14.00
N ILE D 302 -23.42 -44.67 14.13
CA ILE D 302 -22.49 -43.54 14.08
C ILE D 302 -21.56 -43.58 15.27
N GLN D 303 -22.10 -43.90 16.44
CA GLN D 303 -21.29 -43.97 17.65
C GLN D 303 -20.23 -45.04 17.56
N ALA D 304 -20.50 -46.12 16.82
CA ALA D 304 -19.57 -47.22 16.71
C ALA D 304 -18.61 -47.10 15.53
N ARG D 305 -19.02 -46.44 14.47
CA ARG D 305 -18.27 -46.41 13.23
C ARG D 305 -17.36 -45.20 13.12
N ALA D 306 -17.43 -44.27 14.07
CA ALA D 306 -16.66 -43.05 14.02
C ALA D 306 -15.25 -43.34 14.50
N LYS D 307 -14.27 -43.25 13.61
CA LYS D 307 -12.89 -43.52 13.93
C LYS D 307 -12.12 -42.21 14.03
N ARG D 308 -11.23 -42.15 15.01
CA ARG D 308 -10.45 -40.93 15.20
C ARG D 308 -9.40 -40.80 14.12
N VAL D 309 -9.79 -40.31 12.95
CA VAL D 309 -8.87 -40.14 11.84
C VAL D 309 -8.68 -38.67 11.58
N SER D 310 -7.45 -38.27 11.28
CA SER D 310 -7.14 -36.86 11.09
C SER D 310 -7.56 -36.41 9.70
N TRP D 311 -8.82 -36.62 9.34
CA TRP D 311 -9.25 -36.26 8.00
C TRP D 311 -9.63 -34.79 7.88
N ASP D 312 -10.49 -34.30 8.77
CA ASP D 312 -10.87 -32.90 8.77
C ASP D 312 -10.33 -32.13 9.95
N PHE D 313 -10.13 -32.78 11.08
CA PHE D 313 -9.67 -32.12 12.30
C PHE D 313 -8.29 -32.64 12.64
N LYS D 314 -7.43 -31.74 13.11
CA LYS D 314 -6.10 -32.16 13.55
C LYS D 314 -6.22 -33.07 14.74
N THR D 315 -5.53 -34.21 14.68
CA THR D 315 -5.35 -35.06 15.84
C THR D 315 -3.88 -35.10 16.21
N ALA D 316 -3.61 -35.53 17.43
CA ALA D 316 -2.26 -35.58 17.94
C ALA D 316 -1.49 -36.80 17.46
N GLU D 317 -2.01 -37.54 16.48
CA GLU D 317 -1.36 -38.78 16.10
C GLU D 317 -1.29 -39.00 14.59
N SER D 318 -1.58 -37.99 13.78
CA SER D 318 -1.53 -38.17 12.34
C SER D 318 -1.38 -36.79 11.71
N HIS D 319 -1.42 -36.78 10.38
CA HIS D 319 -1.42 -35.54 9.64
C HIS D 319 -2.68 -35.46 8.78
N CYS D 320 -2.92 -34.28 8.22
CA CYS D 320 -4.16 -34.02 7.52
C CYS D 320 -4.28 -34.92 6.30
N LYS D 321 -5.23 -35.84 6.35
CA LYS D 321 -5.53 -36.71 5.22
C LYS D 321 -4.33 -37.57 4.82
N GLU D 322 -3.56 -37.97 5.82
CA GLU D 322 -2.42 -38.86 5.62
C GLU D 322 -2.65 -40.16 6.37
N GLY D 323 -3.84 -40.71 6.23
CA GLY D 323 -4.16 -41.96 6.88
C GLY D 323 -5.45 -42.55 6.37
N ASP D 324 -6.23 -43.13 7.26
CA ASP D 324 -7.48 -43.75 6.87
C ASP D 324 -8.47 -42.72 6.35
N GLN D 325 -9.45 -43.21 5.62
CA GLN D 325 -10.54 -42.31 5.35
C GLN D 325 -11.71 -42.65 6.26
N PRO D 326 -12.51 -41.66 6.66
CA PRO D 326 -13.59 -41.95 7.61
C PRO D 326 -14.60 -42.93 7.03
N GLU D 327 -15.04 -43.86 7.86
CA GLU D 327 -16.03 -44.83 7.44
C GLU D 327 -17.31 -44.13 7.03
N ARG D 328 -17.95 -44.64 5.99
CA ARG D 328 -19.23 -44.11 5.54
C ARG D 328 -20.36 -44.91 6.18
N VAL D 329 -21.12 -44.24 7.03
CA VAL D 329 -22.25 -44.86 7.69
C VAL D 329 -23.44 -44.83 6.75
N GLN D 330 -24.13 -45.94 6.64
CA GLN D 330 -25.29 -46.11 5.77
C GLN D 330 -26.57 -45.87 6.55
N PRO D 331 -27.48 -45.11 5.98
CA PRO D 331 -28.73 -44.80 6.67
C PRO D 331 -29.58 -46.05 6.84
N ILE D 332 -30.59 -45.92 7.69
CA ILE D 332 -31.61 -46.95 7.77
C ILE D 332 -32.33 -47.00 6.44
N ALA D 333 -32.12 -48.09 5.70
CA ALA D 333 -32.50 -48.11 4.29
C ALA D 333 -34.01 -48.05 4.12
N SER D 334 -34.75 -48.65 5.03
CA SER D 334 -36.19 -48.75 4.88
C SER D 334 -36.91 -47.44 5.15
N SER D 335 -36.19 -46.35 5.39
CA SER D 335 -36.82 -45.10 5.79
C SER D 335 -36.48 -43.92 4.90
N THR D 336 -35.36 -43.96 4.20
CA THR D 336 -34.93 -42.81 3.42
C THR D 336 -36.04 -42.35 2.49
N LEU D 337 -36.33 -41.07 2.54
CA LEU D 337 -37.42 -40.47 1.78
C LEU D 337 -36.81 -39.49 0.81
N ILE D 338 -36.83 -39.82 -0.47
CA ILE D 338 -36.30 -38.92 -1.47
C ILE D 338 -37.35 -37.90 -1.82
N HIS D 339 -36.92 -36.73 -2.28
CA HIS D 339 -37.84 -35.64 -2.54
C HIS D 339 -37.10 -34.55 -3.28
N SER D 340 -37.83 -33.83 -4.13
CA SER D 340 -37.20 -32.81 -4.96
C SER D 340 -36.69 -31.65 -4.15
N ASP D 341 -37.44 -31.21 -3.15
CA ASP D 341 -37.06 -30.05 -2.36
C ASP D 341 -37.45 -30.31 -0.91
N LEU D 342 -36.47 -30.59 -0.07
CA LEU D 342 -36.65 -30.72 1.36
C LEU D 342 -35.78 -29.67 2.05
N THR D 343 -36.29 -29.12 3.13
CA THR D 343 -35.45 -28.09 3.73
C THR D 343 -35.18 -28.31 5.21
N SER D 344 -36.13 -28.81 5.97
CA SER D 344 -35.92 -28.94 7.39
C SER D 344 -36.59 -30.20 7.90
N VAL D 345 -36.17 -30.65 9.07
CA VAL D 345 -36.68 -31.87 9.67
C VAL D 345 -36.80 -31.66 11.16
N TYR D 346 -37.80 -32.30 11.76
CA TYR D 346 -37.91 -32.36 13.21
C TYR D 346 -38.56 -33.67 13.58
N GLY D 347 -37.88 -34.47 14.39
CA GLY D 347 -38.36 -35.79 14.74
C GLY D 347 -38.77 -35.86 16.20
N THR D 348 -39.82 -36.63 16.47
CA THR D 348 -40.30 -36.82 17.82
C THR D 348 -40.92 -38.20 17.94
N VAL D 349 -41.28 -38.58 19.15
CA VAL D 349 -41.92 -39.86 19.40
C VAL D 349 -43.18 -39.60 20.23
N VAL D 350 -44.30 -40.10 19.75
CA VAL D 350 -45.57 -39.98 20.47
C VAL D 350 -46.27 -41.33 20.42
N MET D 351 -46.66 -41.84 21.59
CA MET D 351 -47.30 -43.13 21.70
C MET D 351 -46.48 -44.21 21.01
N ASN D 352 -45.18 -44.19 21.24
CA ASN D 352 -44.27 -45.19 20.71
C ASN D 352 -44.37 -45.28 19.20
N ARG D 353 -44.41 -44.13 18.54
CA ARG D 353 -44.36 -44.07 17.08
C ARG D 353 -43.60 -42.84 16.66
N THR D 354 -42.59 -43.04 15.80
CA THR D 354 -41.79 -41.92 15.33
C THR D 354 -42.61 -41.05 14.38
N VAL D 355 -42.59 -39.75 14.63
CA VAL D 355 -43.23 -38.77 13.78
C VAL D 355 -42.16 -37.80 13.33
N LEU D 356 -41.96 -37.69 12.02
CA LEU D 356 -40.97 -36.78 11.48
C LEU D 356 -41.69 -35.70 10.70
N PHE D 357 -41.74 -34.51 11.24
CA PHE D 357 -42.21 -33.37 10.47
C PHE D 357 -41.10 -32.95 9.54
N LEU D 358 -41.46 -32.54 8.34
CA LEU D 358 -40.51 -32.08 7.35
C LEU D 358 -41.03 -30.78 6.76
N GLY D 359 -40.10 -29.91 6.40
CA GLY D 359 -40.42 -28.64 5.78
C GLY D 359 -39.74 -28.57 4.41
N THR D 360 -40.55 -28.33 3.41
CA THR D 360 -40.08 -28.33 2.03
C THR D 360 -39.75 -26.91 1.58
N GLY D 361 -38.93 -26.82 0.54
CA GLY D 361 -38.50 -25.55 0.02
C GLY D 361 -39.60 -24.73 -0.61
N ASP D 362 -40.84 -25.17 -0.52
CA ASP D 362 -41.98 -24.42 -1.02
C ASP D 362 -43.07 -24.26 0.03
N GLY D 363 -42.69 -23.97 1.26
CA GLY D 363 -43.65 -23.60 2.27
C GLY D 363 -44.62 -24.69 2.67
N GLN D 364 -44.24 -25.94 2.56
CA GLN D 364 -45.05 -27.04 3.04
C GLN D 364 -44.44 -27.61 4.30
N LEU D 365 -45.27 -27.85 5.29
CA LEU D 365 -44.92 -28.67 6.43
C LEU D 365 -45.73 -29.93 6.34
N LEU D 366 -45.06 -31.04 6.06
CA LEU D 366 -45.69 -32.34 5.87
C LEU D 366 -45.04 -33.34 6.79
N LYS D 367 -45.84 -34.17 7.44
CA LYS D 367 -45.31 -35.08 8.45
C LYS D 367 -45.41 -36.52 7.95
N VAL D 368 -44.42 -37.32 8.33
CA VAL D 368 -44.41 -38.73 8.04
C VAL D 368 -44.46 -39.46 9.37
N ILE D 369 -44.99 -40.68 9.34
CA ILE D 369 -45.11 -41.51 10.52
C ILE D 369 -44.42 -42.82 10.22
N LEU D 370 -43.32 -43.09 10.91
CA LEU D 370 -42.56 -44.28 10.59
C LEU D 370 -43.33 -45.53 11.00
N GLY D 371 -43.19 -46.57 10.19
CA GLY D 371 -43.98 -47.76 10.38
C GLY D 371 -43.45 -48.66 11.48
N GLU D 372 -43.38 -49.97 11.20
CA GLU D 372 -42.94 -50.92 12.23
C GLU D 372 -41.42 -51.00 12.26
N ASN D 373 -40.79 -51.31 11.13
CA ASN D 373 -39.35 -51.34 11.04
C ASN D 373 -38.81 -50.01 10.54
N LEU D 374 -39.26 -48.93 11.17
CA LEU D 374 -38.90 -47.57 10.77
C LEU D 374 -39.10 -47.34 9.29
N THR D 375 -40.13 -47.95 8.71
CA THR D 375 -40.44 -47.68 7.32
C THR D 375 -41.30 -46.43 7.22
N SER D 376 -40.98 -45.58 6.27
CA SER D 376 -41.66 -44.30 6.12
C SER D 376 -42.96 -44.49 5.36
N ASN D 377 -43.99 -43.76 5.77
CA ASN D 377 -45.23 -43.75 5.02
C ASN D 377 -45.25 -42.58 4.05
N CYS D 378 -46.24 -42.57 3.16
CA CYS D 378 -46.20 -41.41 2.29
C CYS D 378 -46.67 -40.17 3.04
N PRO D 379 -45.88 -39.11 3.00
CA PRO D 379 -46.12 -37.99 3.91
C PRO D 379 -47.43 -37.29 3.65
N GLU D 380 -48.14 -37.00 4.73
CA GLU D 380 -49.32 -36.16 4.64
C GLU D 380 -48.92 -34.70 4.77
N VAL D 381 -49.52 -33.86 3.94
CA VAL D 381 -49.23 -32.43 3.95
C VAL D 381 -50.07 -31.82 5.06
N ILE D 382 -49.40 -31.30 6.09
CA ILE D 382 -50.12 -30.69 7.20
C ILE D 382 -50.53 -29.28 6.85
N TYR D 383 -49.56 -28.42 6.60
CA TYR D 383 -49.83 -27.00 6.42
C TYR D 383 -49.05 -26.51 5.21
N GLU D 384 -49.63 -25.52 4.53
CA GLU D 384 -48.98 -24.98 3.34
C GLU D 384 -48.90 -23.47 3.46
N ILE D 385 -47.71 -22.93 3.25
CA ILE D 385 -47.54 -21.48 3.27
C ILE D 385 -47.98 -20.92 1.94
N LYS D 386 -48.87 -19.93 1.98
CA LYS D 386 -49.44 -19.39 0.76
C LYS D 386 -48.39 -18.79 -0.16
N GLU D 387 -47.25 -18.39 0.38
CA GLU D 387 -46.24 -17.72 -0.41
C GLU D 387 -45.08 -18.64 -0.80
N GLU D 388 -45.15 -19.91 -0.42
CA GLU D 388 -44.15 -20.89 -0.83
C GLU D 388 -42.74 -20.45 -0.48
N THR D 389 -42.59 -19.75 0.64
CA THR D 389 -41.27 -19.37 1.09
C THR D 389 -40.56 -20.59 1.67
N PRO D 390 -39.27 -20.75 1.41
CA PRO D 390 -38.55 -21.92 1.93
C PRO D 390 -38.57 -21.93 3.44
N VAL D 391 -38.95 -23.07 4.01
CA VAL D 391 -39.05 -23.20 5.45
C VAL D 391 -37.69 -23.04 6.08
N PHE D 392 -37.61 -22.24 7.14
CA PHE D 392 -36.36 -22.08 7.88
C PHE D 392 -35.92 -23.41 8.44
N TYR D 393 -34.62 -23.63 8.43
CA TYR D 393 -34.16 -25.00 8.63
C TYR D 393 -34.30 -25.50 10.03
N LYS D 394 -34.98 -24.85 10.97
CA LYS D 394 -35.18 -25.42 12.30
C LYS D 394 -36.65 -25.34 12.63
N LEU D 395 -37.23 -26.46 13.04
CA LEU D 395 -38.58 -26.48 13.57
C LEU D 395 -38.49 -26.70 15.07
N VAL D 396 -39.24 -25.93 15.84
CA VAL D 396 -39.21 -25.98 17.29
C VAL D 396 -40.58 -26.41 17.77
N PRO D 397 -40.67 -27.44 18.59
CA PRO D 397 -41.97 -27.84 19.11
C PRO D 397 -42.36 -26.99 20.30
N ASP D 398 -43.64 -26.64 20.35
CA ASP D 398 -44.14 -25.88 21.48
C ASP D 398 -43.96 -26.68 22.75
N PRO D 399 -43.29 -26.14 23.75
CA PRO D 399 -42.97 -26.93 24.93
C PRO D 399 -44.12 -27.03 25.91
N VAL D 400 -45.00 -26.03 25.89
CA VAL D 400 -46.08 -25.97 26.87
C VAL D 400 -47.37 -26.61 26.35
N LYS D 401 -47.50 -26.78 25.04
CA LYS D 401 -48.63 -27.48 24.45
C LYS D 401 -48.08 -28.34 23.32
N ASN D 402 -47.99 -29.65 23.55
CA ASN D 402 -47.29 -30.52 22.64
C ASN D 402 -48.09 -30.87 21.40
N ILE D 403 -49.13 -30.11 21.09
CA ILE D 403 -49.86 -30.29 19.85
C ILE D 403 -49.57 -29.16 18.86
N TYR D 404 -48.57 -28.34 19.13
CA TYR D 404 -48.21 -27.25 18.26
C TYR D 404 -46.75 -27.32 17.87
N ILE D 405 -46.42 -26.65 16.78
CA ILE D 405 -45.04 -26.52 16.35
C ILE D 405 -44.89 -25.16 15.69
N TYR D 406 -43.72 -24.56 15.84
CA TYR D 406 -43.48 -23.20 15.41
C TYR D 406 -42.77 -23.24 14.08
N LEU D 407 -43.52 -23.07 13.02
CA LEU D 407 -42.96 -23.05 11.68
C LEU D 407 -42.42 -21.66 11.38
N THR D 408 -41.15 -21.58 11.03
CA THR D 408 -40.50 -20.34 10.68
C THR D 408 -40.25 -20.33 9.19
N ALA D 409 -40.50 -19.20 8.54
CA ALA D 409 -40.33 -19.14 7.10
C ALA D 409 -40.05 -17.70 6.70
N GLY D 410 -38.91 -17.47 6.08
CA GLY D 410 -38.58 -16.12 5.68
C GLY D 410 -38.52 -15.19 6.88
N LYS D 411 -39.53 -14.36 7.01
CA LYS D 411 -39.61 -13.39 8.10
C LYS D 411 -40.88 -13.56 8.91
N GLU D 412 -41.50 -14.73 8.87
CA GLU D 412 -42.77 -14.95 9.52
C GLU D 412 -42.71 -16.24 10.32
N VAL D 413 -43.14 -16.19 11.57
CA VAL D 413 -43.24 -17.37 12.42
C VAL D 413 -44.71 -17.63 12.65
N ARG D 414 -45.08 -18.90 12.75
CA ARG D 414 -46.47 -19.19 13.09
C ARG D 414 -46.55 -20.47 13.89
N ARG D 415 -47.65 -20.62 14.59
CA ARG D 415 -47.88 -21.77 15.45
C ARG D 415 -48.95 -22.62 14.80
N ILE D 416 -48.58 -23.82 14.37
CA ILE D 416 -49.50 -24.68 13.63
C ILE D 416 -49.61 -26.01 14.33
N ARG D 417 -50.80 -26.59 14.33
CA ARG D 417 -50.99 -27.87 14.97
C ARG D 417 -50.25 -28.95 14.21
N VAL D 418 -50.00 -30.07 14.88
CA VAL D 418 -49.14 -31.11 14.34
C VAL D 418 -49.96 -32.18 13.65
N ALA D 419 -51.26 -31.97 13.55
CA ALA D 419 -52.08 -33.02 12.98
C ALA D 419 -53.39 -32.47 12.47
N ASN D 420 -53.65 -32.63 11.18
CA ASN D 420 -54.83 -32.06 10.57
C ASN D 420 -56.00 -33.04 10.63
N CYS D 421 -56.26 -33.56 11.84
CA CYS D 421 -57.35 -34.49 12.02
C CYS D 421 -58.64 -33.75 12.37
N ASN D 422 -59.21 -33.14 11.35
CA ASN D 422 -60.61 -32.83 11.33
C ASN D 422 -61.27 -33.42 10.09
N LYS D 423 -60.47 -33.86 9.12
CA LYS D 423 -60.98 -34.48 7.91
C LYS D 423 -61.49 -35.89 8.14
N HIS D 424 -61.06 -36.56 9.19
CA HIS D 424 -61.57 -37.88 9.50
C HIS D 424 -62.94 -37.73 10.17
N LYS D 425 -63.94 -38.37 9.57
CA LYS D 425 -65.31 -38.26 10.06
C LYS D 425 -65.82 -39.51 10.77
N SER D 426 -65.22 -40.66 10.52
CA SER D 426 -65.61 -41.92 11.13
C SER D 426 -64.52 -42.38 12.08
N CYS D 427 -64.70 -43.56 12.66
CA CYS D 427 -63.57 -44.23 13.30
C CYS D 427 -62.48 -44.58 12.30
N SER D 428 -62.78 -45.41 11.31
CA SER D 428 -61.73 -45.97 10.48
C SER D 428 -60.86 -44.86 9.90
N GLU D 429 -61.48 -43.82 9.36
CA GLU D 429 -60.73 -42.67 8.89
C GLU D 429 -59.79 -42.13 9.95
N CYS D 430 -60.19 -42.21 11.22
CA CYS D 430 -59.40 -41.69 12.32
C CYS D 430 -58.37 -42.68 12.82
N LEU D 431 -58.54 -43.96 12.51
CA LEU D 431 -57.68 -44.98 13.09
C LEU D 431 -56.85 -45.73 12.05
N THR D 432 -57.32 -45.83 10.82
CA THR D 432 -56.48 -46.40 9.78
C THR D 432 -55.36 -45.47 9.35
N ALA D 433 -55.56 -44.15 9.47
CA ALA D 433 -54.51 -43.21 9.13
C ALA D 433 -53.31 -43.37 10.06
N THR D 434 -53.48 -44.00 11.22
CA THR D 434 -52.40 -44.27 12.15
C THR D 434 -51.65 -43.01 12.54
N ASP D 435 -52.37 -41.91 12.68
CA ASP D 435 -51.77 -40.69 13.19
C ASP D 435 -51.74 -40.77 14.71
N PRO D 436 -50.57 -40.82 15.34
CA PRO D 436 -50.53 -41.03 16.78
C PRO D 436 -51.17 -39.90 17.56
N HIS D 437 -51.17 -38.68 17.03
CA HIS D 437 -51.75 -37.57 17.78
C HIS D 437 -53.26 -37.63 17.79
N CYS D 438 -53.85 -38.31 16.82
CA CYS D 438 -55.30 -38.24 16.64
C CYS D 438 -55.97 -39.52 17.11
N GLY D 439 -57.12 -39.36 17.73
CA GLY D 439 -57.92 -40.47 18.18
C GLY D 439 -59.40 -40.16 18.07
N TRP D 440 -60.22 -41.20 17.96
CA TRP D 440 -61.66 -41.00 17.88
C TRP D 440 -62.19 -40.64 19.24
N CYS D 441 -63.27 -39.87 19.28
CA CYS D 441 -63.87 -39.40 20.51
C CYS D 441 -65.37 -39.65 20.46
N HIS D 442 -65.86 -40.52 21.34
CA HIS D 442 -67.26 -40.90 21.29
C HIS D 442 -68.15 -39.77 21.80
N SER D 443 -67.83 -39.23 22.98
CA SER D 443 -68.65 -38.18 23.57
C SER D 443 -68.87 -37.03 22.60
N LEU D 444 -67.88 -36.74 21.76
CA LEU D 444 -68.05 -35.79 20.68
C LEU D 444 -68.30 -36.47 19.35
N GLN D 445 -67.97 -37.76 19.24
CA GLN D 445 -68.03 -38.48 17.97
C GLN D 445 -67.28 -37.72 16.89
N ARG D 446 -65.99 -37.53 17.14
CA ARG D 446 -65.15 -36.77 16.22
C ARG D 446 -63.72 -37.23 16.37
N CYS D 447 -62.98 -37.15 15.27
CA CYS D 447 -61.55 -37.45 15.30
C CYS D 447 -60.83 -36.22 15.79
N THR D 448 -60.19 -36.32 16.95
CA THR D 448 -59.57 -35.15 17.57
C THR D 448 -58.33 -35.56 18.32
N PHE D 449 -57.61 -34.55 18.80
CA PHE D 449 -56.45 -34.80 19.66
C PHE D 449 -56.91 -35.46 20.95
N GLN D 450 -55.97 -35.80 21.82
CA GLN D 450 -56.35 -36.35 23.11
C GLN D 450 -56.88 -35.26 24.02
N GLY D 451 -56.09 -34.21 24.24
CA GLY D 451 -56.48 -33.17 25.17
C GLY D 451 -57.77 -32.47 24.81
N ASP D 452 -58.20 -32.57 23.56
CA ASP D 452 -59.42 -31.90 23.14
C ASP D 452 -60.67 -32.72 23.37
N CYS D 453 -60.53 -33.98 23.79
CA CYS D 453 -61.70 -34.79 24.08
C CYS D 453 -61.62 -35.63 25.35
N VAL D 454 -60.51 -35.61 26.09
CA VAL D 454 -60.49 -36.26 27.39
C VAL D 454 -60.98 -35.22 28.38
N HIS D 455 -62.30 -35.05 28.40
CA HIS D 455 -63.01 -34.28 29.40
C HIS D 455 -63.92 -35.18 30.23
N SER D 456 -64.44 -36.24 29.61
CA SER D 456 -65.03 -37.33 30.36
C SER D 456 -63.92 -38.18 30.96
N GLU D 457 -64.05 -38.49 32.25
CA GLU D 457 -62.97 -39.13 32.97
C GLU D 457 -62.74 -40.57 32.57
N ASN D 458 -63.74 -41.24 32.00
CA ASN D 458 -63.52 -42.58 31.48
C ASN D 458 -62.60 -42.49 30.27
N LEU D 459 -61.34 -42.91 30.45
CA LEU D 459 -60.32 -42.70 29.44
C LEU D 459 -60.69 -43.33 28.10
N GLU D 460 -61.38 -44.46 28.10
CA GLU D 460 -61.70 -45.14 26.85
C GLU D 460 -62.65 -44.34 25.97
N ASN D 461 -63.09 -43.16 26.41
CA ASN D 461 -63.88 -42.30 25.53
C ASN D 461 -63.08 -41.91 24.30
N TRP D 462 -61.84 -41.49 24.49
CA TRP D 462 -60.99 -41.07 23.38
C TRP D 462 -60.19 -42.28 22.91
N LEU D 463 -60.68 -42.93 21.87
CA LEU D 463 -60.05 -44.14 21.35
C LEU D 463 -58.88 -43.76 20.48
N ASP D 464 -57.70 -44.26 20.82
CA ASP D 464 -56.48 -43.94 20.11
C ASP D 464 -56.11 -45.09 19.16
N ILE D 465 -54.92 -45.01 18.58
CA ILE D 465 -54.54 -46.00 17.57
C ILE D 465 -53.96 -47.25 18.20
N SER D 466 -53.41 -47.16 19.41
CA SER D 466 -52.80 -48.33 20.03
C SER D 466 -53.82 -49.43 20.24
N SER D 467 -55.09 -49.08 20.35
CA SER D 467 -56.13 -50.08 20.42
C SER D 467 -56.23 -50.85 19.12
N GLY D 468 -56.18 -50.15 17.99
CA GLY D 468 -56.34 -50.77 16.69
C GLY D 468 -57.58 -50.21 16.03
N ALA D 469 -57.53 -50.13 14.70
CA ALA D 469 -58.64 -49.53 13.97
C ALA D 469 -59.91 -50.35 14.06
N LYS D 470 -59.80 -51.67 14.20
CA LYS D 470 -60.97 -52.52 14.27
C LYS D 470 -61.73 -52.34 15.58
N LYS D 471 -61.13 -51.73 16.59
CA LYS D 471 -61.73 -51.69 17.91
C LYS D 471 -62.68 -50.53 18.10
N CYS D 472 -63.21 -49.98 17.03
CA CYS D 472 -64.31 -49.07 17.25
C CYS D 472 -65.64 -49.81 17.28
N PRO D 473 -66.66 -49.22 17.90
CA PRO D 473 -67.99 -49.85 17.90
C PRO D 473 -68.49 -50.12 16.50
N LYS D 474 -69.13 -51.28 16.35
CA LYS D 474 -69.79 -51.68 15.12
C LYS D 474 -70.96 -52.59 15.50
N ILE D 475 -71.80 -52.90 14.54
CA ILE D 475 -72.94 -53.77 14.76
C ILE D 475 -72.56 -55.20 14.42
N GLN D 476 -72.94 -56.12 15.29
CA GLN D 476 -72.59 -57.52 15.14
C GLN D 476 -73.85 -58.37 15.15
N ILE D 477 -73.91 -59.33 14.23
CA ILE D 477 -75.07 -60.21 14.10
C ILE D 477 -74.78 -61.54 14.78
N THR D 486 -79.59 -61.75 16.61
CA THR D 486 -78.66 -61.55 17.72
C THR D 486 -77.65 -60.45 17.41
N VAL D 487 -78.06 -59.20 17.60
CA VAL D 487 -77.24 -58.05 17.27
C VAL D 487 -76.73 -57.40 18.54
N THR D 488 -75.50 -56.89 18.47
CA THR D 488 -74.84 -56.28 19.61
C THR D 488 -73.83 -55.25 19.11
N MET D 489 -73.20 -54.56 20.06
CA MET D 489 -72.16 -53.60 19.77
C MET D 489 -70.79 -54.21 20.02
N VAL D 490 -69.87 -53.96 19.10
CA VAL D 490 -68.48 -54.39 19.24
C VAL D 490 -67.61 -53.14 19.24
N GLY D 491 -66.34 -53.33 19.62
CA GLY D 491 -65.40 -52.23 19.74
C GLY D 491 -65.34 -51.74 21.18
N SER D 492 -64.98 -50.47 21.34
CA SER D 492 -64.82 -49.86 22.66
C SER D 492 -65.74 -48.64 22.73
N PHE D 493 -66.85 -48.80 23.43
CA PHE D 493 -67.78 -47.71 23.68
C PHE D 493 -67.43 -47.02 25.00
N SER D 494 -67.91 -45.78 25.14
CA SER D 494 -67.66 -45.06 26.37
C SER D 494 -68.59 -45.52 27.49
N PRO D 495 -69.92 -45.55 27.28
CA PRO D 495 -70.80 -46.00 28.36
C PRO D 495 -71.12 -47.48 28.27
N ARG D 496 -71.47 -48.04 29.42
CA ARG D 496 -71.93 -49.41 29.50
C ARG D 496 -73.45 -49.54 29.43
N HIS D 497 -74.15 -48.43 29.29
CA HIS D 497 -75.61 -48.42 29.18
C HIS D 497 -76.01 -47.82 27.83
N SER D 498 -76.81 -48.57 27.07
CA SER D 498 -77.31 -48.09 25.79
C SER D 498 -78.68 -48.70 25.55
N LYS D 499 -79.22 -48.44 24.35
CA LYS D 499 -80.53 -48.94 23.96
C LYS D 499 -80.50 -49.28 22.48
N CYS D 500 -80.85 -50.53 22.16
CA CYS D 500 -80.89 -51.00 20.77
C CYS D 500 -82.32 -50.98 20.27
N MET D 501 -82.49 -50.64 18.99
CA MET D 501 -83.79 -50.59 18.35
C MET D 501 -83.62 -50.98 16.89
N VAL D 502 -84.29 -52.05 16.48
CA VAL D 502 -84.24 -52.55 15.12
C VAL D 502 -85.63 -52.42 14.51
N LYS D 503 -85.68 -52.32 13.19
CA LYS D 503 -86.94 -52.15 12.48
C LYS D 503 -87.02 -53.07 11.28
N GLU D 510 -88.98 -54.43 14.49
CA GLU D 510 -88.97 -53.25 15.32
C GLU D 510 -88.77 -53.61 16.79
N LEU D 511 -87.74 -54.40 17.07
CA LEU D 511 -87.47 -54.92 18.40
C LEU D 511 -86.49 -54.02 19.13
N CYS D 512 -86.80 -53.70 20.38
CA CYS D 512 -85.98 -52.79 21.17
C CYS D 512 -85.57 -53.47 22.48
N GLN D 513 -84.39 -53.10 22.96
CA GLN D 513 -83.86 -53.61 24.21
C GLN D 513 -82.98 -52.54 24.83
N ASN D 514 -82.60 -52.76 26.09
CA ASN D 514 -81.85 -51.75 26.84
C ASN D 514 -80.70 -52.42 27.58
N LYS D 515 -80.01 -51.62 28.37
CA LYS D 515 -78.87 -52.09 29.15
C LYS D 515 -79.05 -51.79 30.64
N CYS D 522 -74.52 -52.78 26.02
CA CYS D 522 -75.01 -53.93 26.78
C CYS D 522 -76.49 -54.16 26.53
N THR D 523 -76.95 -53.81 25.33
CA THR D 523 -78.33 -53.95 24.93
C THR D 523 -78.45 -55.11 23.94
N CYS D 524 -79.26 -56.11 24.29
CA CYS D 524 -79.48 -57.28 23.45
C CYS D 524 -78.18 -57.96 23.05
N ASN D 539 -84.07 -50.83 9.82
CA ASN D 539 -82.92 -50.06 10.29
C ASN D 539 -82.51 -50.50 11.69
N VAL D 540 -81.21 -50.44 11.96
CA VAL D 540 -80.64 -50.81 13.25
C VAL D 540 -80.09 -49.56 13.90
N MET D 541 -80.28 -49.44 15.22
CA MET D 541 -79.82 -48.28 15.94
C MET D 541 -79.36 -48.70 17.33
N PHE D 542 -78.20 -48.19 17.75
CA PHE D 542 -77.70 -48.35 19.12
C PHE D 542 -77.46 -46.94 19.65
N SER D 543 -78.32 -46.49 20.56
CA SER D 543 -78.23 -45.14 21.09
C SER D 543 -77.64 -45.17 22.49
N PHE D 544 -76.73 -44.23 22.76
CA PHE D 544 -76.06 -44.13 24.04
C PHE D 544 -76.47 -42.85 24.75
N GLY D 545 -75.96 -42.71 25.98
CA GLY D 545 -76.25 -41.53 26.77
C GLY D 545 -75.66 -40.24 26.23
N SER D 546 -74.65 -40.35 25.35
CA SER D 546 -74.00 -39.17 24.80
C SER D 546 -73.90 -39.18 23.28
N TRP D 547 -74.02 -40.34 22.63
CA TRP D 547 -73.95 -40.42 21.18
C TRP D 547 -74.86 -41.54 20.71
N ASN D 548 -74.68 -41.96 19.47
CA ASN D 548 -75.56 -42.94 18.86
C ASN D 548 -74.86 -43.57 17.66
N LEU D 549 -75.48 -44.60 17.12
CA LEU D 549 -75.00 -45.27 15.92
C LEU D 549 -76.20 -45.86 15.19
N SER D 550 -76.17 -45.83 13.86
CA SER D 550 -77.29 -46.35 13.09
C SER D 550 -76.79 -46.91 11.76
N ASP D 551 -77.46 -47.96 11.31
CA ASP D 551 -77.17 -48.57 10.01
C ASP D 551 -78.32 -49.51 9.66
N ARG D 552 -78.82 -49.39 8.43
CA ARG D 552 -79.94 -50.22 7.98
C ARG D 552 -79.46 -51.60 7.54
N LEU D 625 -37.53 -55.61 -31.81
CA LEU D 625 -38.18 -54.44 -31.24
C LEU D 625 -37.72 -53.16 -31.93
N GLN D 626 -38.68 -52.38 -32.39
CA GLN D 626 -38.40 -51.17 -33.14
C GLN D 626 -37.87 -50.07 -32.21
N VAL D 627 -37.38 -49.00 -32.80
CA VAL D 627 -36.90 -47.88 -32.03
C VAL D 627 -38.09 -47.07 -31.52
N PHE D 628 -37.84 -46.28 -30.48
CA PHE D 628 -38.85 -45.37 -29.97
C PHE D 628 -38.15 -44.13 -29.47
N TYR D 629 -38.44 -43.00 -30.10
CA TYR D 629 -37.75 -41.75 -29.83
C TYR D 629 -38.72 -40.76 -29.21
N ILE D 630 -38.24 -40.03 -28.20
CA ILE D 630 -39.04 -39.04 -27.49
C ILE D 630 -38.32 -37.71 -27.65
N LYS D 631 -38.86 -36.84 -28.50
CA LYS D 631 -38.26 -35.51 -28.64
C LYS D 631 -38.36 -34.74 -27.35
N SER D 632 -39.58 -34.51 -26.86
CA SER D 632 -39.77 -33.73 -25.65
C SER D 632 -41.20 -33.90 -25.17
N ILE D 633 -41.53 -33.17 -24.11
CA ILE D 633 -42.84 -33.22 -23.48
C ILE D 633 -43.22 -31.81 -23.06
N GLU D 634 -44.50 -31.45 -23.27
CA GLU D 634 -44.94 -30.12 -22.92
C GLU D 634 -46.37 -30.15 -22.42
N PRO D 635 -46.72 -29.32 -21.43
CA PRO D 635 -45.78 -28.41 -20.77
C PRO D 635 -44.93 -29.15 -19.75
N GLN D 636 -44.08 -28.43 -19.03
CA GLN D 636 -43.33 -29.03 -17.94
C GLN D 636 -43.71 -28.44 -16.59
N LYS D 637 -44.74 -27.60 -16.55
CA LYS D 637 -45.24 -27.03 -15.30
C LYS D 637 -46.74 -27.24 -15.30
N VAL D 638 -47.17 -28.38 -14.85
CA VAL D 638 -48.59 -28.69 -14.74
C VAL D 638 -49.07 -28.22 -13.38
N SER D 639 -50.21 -27.53 -13.36
CA SER D 639 -50.75 -27.12 -12.08
C SER D 639 -51.19 -28.33 -11.27
N THR D 640 -51.38 -28.11 -9.98
CA THR D 640 -51.69 -29.21 -9.07
C THR D 640 -52.92 -29.97 -9.49
N LEU D 641 -53.89 -29.29 -10.08
CA LEU D 641 -55.12 -29.94 -10.50
C LEU D 641 -54.94 -30.87 -11.65
N GLY D 642 -53.72 -31.15 -12.08
CA GLY D 642 -53.53 -32.03 -13.21
C GLY D 642 -53.64 -31.30 -14.51
N LYS D 643 -53.35 -31.98 -15.61
CA LYS D 643 -53.49 -31.42 -16.95
C LYS D 643 -54.15 -32.46 -17.83
N SER D 644 -55.21 -32.05 -18.52
CA SER D 644 -55.93 -32.97 -19.38
C SER D 644 -55.13 -33.36 -20.63
N ASN D 645 -54.11 -32.59 -20.99
CA ASN D 645 -53.53 -32.70 -22.32
C ASN D 645 -52.05 -32.38 -22.22
N VAL D 646 -51.22 -33.42 -22.19
CA VAL D 646 -49.77 -33.28 -22.18
C VAL D 646 -49.26 -33.89 -23.46
N ILE D 647 -48.57 -33.09 -24.26
CA ILE D 647 -48.15 -33.51 -25.59
C ILE D 647 -46.71 -33.99 -25.53
N VAL D 648 -46.51 -35.24 -25.91
CA VAL D 648 -45.18 -35.82 -26.02
C VAL D 648 -44.85 -35.92 -27.50
N THR D 649 -43.79 -35.23 -27.91
CA THR D 649 -43.32 -35.25 -29.27
C THR D 649 -42.13 -36.20 -29.38
N GLY D 650 -42.08 -36.94 -30.49
CA GLY D 650 -41.02 -37.89 -30.74
C GLY D 650 -41.16 -38.51 -32.11
N ALA D 651 -40.99 -39.83 -32.20
CA ALA D 651 -41.06 -40.50 -33.49
C ALA D 651 -41.60 -41.91 -33.31
N ASN D 652 -42.21 -42.43 -34.38
CA ASN D 652 -42.71 -43.81 -34.41
C ASN D 652 -43.73 -44.05 -33.30
N PHE D 653 -44.48 -43.03 -32.94
CA PHE D 653 -45.41 -43.14 -31.82
C PHE D 653 -46.62 -43.98 -32.14
N THR D 654 -46.65 -44.65 -33.28
CA THR D 654 -47.76 -45.53 -33.64
C THR D 654 -47.38 -46.99 -33.66
N ARG D 655 -46.09 -47.32 -33.50
CA ARG D 655 -45.68 -48.71 -33.53
C ARG D 655 -45.78 -49.37 -32.16
N ALA D 656 -46.91 -49.20 -31.48
CA ALA D 656 -47.02 -49.71 -30.11
C ALA D 656 -48.48 -49.72 -29.69
N SER D 657 -48.87 -50.73 -28.92
CA SER D 657 -50.24 -50.86 -28.47
C SER D 657 -50.44 -50.25 -27.08
N ASN D 658 -49.72 -50.78 -26.09
CA ASN D 658 -49.87 -50.36 -24.70
C ASN D 658 -48.70 -49.48 -24.32
N ILE D 659 -48.88 -48.16 -24.44
CA ILE D 659 -47.86 -47.20 -24.03
C ILE D 659 -48.29 -46.58 -22.72
N THR D 660 -47.36 -46.52 -21.78
CA THR D 660 -47.64 -46.07 -20.42
C THR D 660 -46.67 -44.96 -20.04
N MET D 661 -47.14 -44.07 -19.19
CA MET D 661 -46.31 -43.06 -18.57
C MET D 661 -46.33 -43.28 -17.07
N ILE D 662 -45.15 -43.32 -16.46
CA ILE D 662 -45.01 -43.51 -15.03
C ILE D 662 -44.31 -42.28 -14.47
N LEU D 663 -45.00 -41.58 -13.58
CA LEU D 663 -44.43 -40.47 -12.83
C LEU D 663 -44.14 -40.96 -11.41
N LYS D 664 -42.97 -40.60 -10.90
CA LYS D 664 -42.63 -40.84 -9.51
C LYS D 664 -42.12 -39.55 -8.90
N GLY D 665 -42.82 -39.06 -7.87
CA GLY D 665 -42.34 -37.88 -7.18
C GLY D 665 -41.57 -38.17 -5.91
N THR D 666 -42.19 -38.92 -5.01
CA THR D 666 -41.65 -39.17 -3.68
C THR D 666 -41.31 -40.64 -3.55
N SER D 667 -40.08 -40.93 -3.13
CA SER D 667 -39.63 -42.31 -3.06
C SER D 667 -40.49 -43.16 -2.14
N THR D 668 -41.42 -42.56 -1.41
CA THR D 668 -42.32 -43.33 -0.57
C THR D 668 -43.71 -43.41 -1.15
N CYS D 669 -44.23 -42.32 -1.69
CA CYS D 669 -45.54 -42.37 -2.31
C CYS D 669 -45.48 -43.17 -3.60
N ASP D 670 -46.63 -43.69 -4.00
CA ASP D 670 -46.70 -44.61 -5.13
C ASP D 670 -46.46 -43.86 -6.44
N LYS D 671 -46.60 -44.58 -7.55
CA LYS D 671 -46.31 -44.05 -8.86
C LYS D 671 -47.60 -43.80 -9.62
N ASP D 672 -47.61 -42.71 -10.39
CA ASP D 672 -48.72 -42.37 -11.27
C ASP D 672 -48.49 -43.06 -12.61
N VAL D 673 -49.23 -44.12 -12.87
CA VAL D 673 -49.11 -44.87 -14.13
C VAL D 673 -50.37 -44.63 -14.94
N ILE D 674 -50.19 -44.21 -16.19
CA ILE D 674 -51.29 -43.77 -17.04
C ILE D 674 -51.09 -44.29 -18.45
N GLN D 675 -52.19 -44.40 -19.19
CA GLN D 675 -52.19 -44.77 -20.59
C GLN D 675 -52.37 -43.53 -21.47
N VAL D 676 -51.85 -43.62 -22.69
CA VAL D 676 -51.96 -42.49 -23.62
C VAL D 676 -53.42 -42.19 -23.89
N SER D 677 -53.75 -40.91 -23.97
CA SER D 677 -55.15 -40.54 -24.16
C SER D 677 -55.63 -40.91 -25.56
N HIS D 678 -55.03 -40.31 -26.58
CA HIS D 678 -55.41 -40.60 -27.96
C HIS D 678 -54.18 -40.44 -28.83
N VAL D 679 -53.68 -41.56 -29.33
CA VAL D 679 -52.39 -41.58 -30.03
C VAL D 679 -52.55 -40.80 -31.31
N LEU D 680 -51.98 -39.59 -31.33
CA LEU D 680 -51.98 -38.74 -32.51
C LEU D 680 -50.88 -39.19 -33.46
N ASN D 681 -50.50 -38.30 -34.37
CA ASN D 681 -49.44 -38.55 -35.33
C ASN D 681 -48.29 -39.33 -34.70
N ASP D 682 -47.70 -40.24 -35.49
CA ASP D 682 -46.62 -41.11 -35.05
C ASP D 682 -45.46 -40.32 -34.46
N THR D 683 -45.53 -38.99 -34.54
CA THR D 683 -44.58 -38.12 -33.85
C THR D 683 -45.14 -37.54 -32.56
N HIS D 684 -46.45 -37.50 -32.38
CA HIS D 684 -47.07 -36.84 -31.23
C HIS D 684 -48.06 -37.76 -30.54
N MET D 685 -48.07 -37.75 -29.21
CA MET D 685 -49.12 -38.38 -28.45
C MET D 685 -49.53 -37.45 -27.31
N LYS D 686 -50.64 -37.79 -26.66
CA LYS D 686 -51.24 -36.92 -25.66
C LYS D 686 -51.67 -37.72 -24.44
N PHE D 687 -51.34 -37.19 -23.26
CA PHE D 687 -51.66 -37.79 -21.97
C PHE D 687 -52.58 -36.88 -21.17
N SER D 688 -53.05 -37.41 -20.04
CA SER D 688 -53.92 -36.67 -19.13
C SER D 688 -53.49 -36.98 -17.71
N LEU D 689 -52.88 -36.00 -17.03
CA LEU D 689 -52.36 -36.20 -15.69
C LEU D 689 -53.39 -35.81 -14.63
N PRO D 690 -53.49 -36.57 -13.57
CA PRO D 690 -54.48 -36.30 -12.53
C PRO D 690 -53.93 -35.39 -11.46
N SER D 691 -54.80 -35.07 -10.50
CA SER D 691 -54.40 -34.21 -9.39
C SER D 691 -53.34 -34.90 -8.55
N SER D 692 -52.55 -34.09 -7.85
CA SER D 692 -51.51 -34.61 -6.98
C SER D 692 -51.14 -33.54 -5.97
N ARG D 693 -50.00 -33.73 -5.31
CA ARG D 693 -49.44 -32.75 -4.40
C ARG D 693 -48.31 -32.00 -5.08
N LYS D 694 -48.12 -30.76 -4.66
CA LYS D 694 -47.03 -29.95 -5.20
C LYS D 694 -45.73 -30.71 -5.12
N GLU D 695 -45.09 -30.89 -6.27
CA GLU D 695 -43.91 -31.75 -6.32
C GLU D 695 -43.21 -31.50 -7.64
N MET D 696 -42.12 -32.22 -7.84
CA MET D 696 -41.39 -32.24 -9.10
C MET D 696 -41.18 -33.71 -9.44
N LYS D 697 -42.10 -34.27 -10.20
CA LYS D 697 -42.11 -35.71 -10.45
C LYS D 697 -41.24 -36.05 -11.65
N ASP D 698 -40.56 -37.19 -11.55
CA ASP D 698 -39.85 -37.74 -12.69
C ASP D 698 -40.84 -38.46 -13.59
N VAL D 699 -40.65 -38.35 -14.89
CA VAL D 699 -41.54 -38.95 -15.88
C VAL D 699 -40.74 -39.89 -16.75
N CYS D 700 -40.98 -41.19 -16.60
CA CYS D 700 -40.53 -42.17 -17.57
C CYS D 700 -41.72 -42.59 -18.43
N ILE D 701 -41.44 -42.97 -19.66
CA ILE D 701 -42.45 -43.49 -20.56
C ILE D 701 -41.99 -44.86 -21.00
N GLN D 702 -42.81 -45.87 -20.73
CA GLN D 702 -42.53 -47.24 -21.09
C GLN D 702 -43.54 -47.68 -22.14
N PHE D 703 -43.06 -48.09 -23.31
CA PHE D 703 -43.91 -48.50 -24.39
C PHE D 703 -44.43 -49.91 -24.17
N ASP D 704 -44.90 -50.56 -25.23
CA ASP D 704 -45.53 -51.88 -25.18
C ASP D 704 -44.84 -52.80 -24.19
N GLY D 705 -43.51 -52.72 -24.13
CA GLY D 705 -42.76 -53.43 -23.12
C GLY D 705 -41.31 -53.00 -23.12
N GLY D 706 -40.73 -52.85 -21.93
CA GLY D 706 -39.32 -52.51 -21.88
C GLY D 706 -39.04 -51.59 -20.69
N ASN D 707 -37.82 -51.08 -20.67
CA ASN D 707 -37.41 -50.17 -19.61
C ASN D 707 -38.10 -48.82 -19.81
N CYS D 708 -38.19 -48.06 -18.72
CA CYS D 708 -38.71 -46.71 -18.81
C CYS D 708 -37.74 -45.81 -19.54
N SER D 709 -38.27 -44.93 -20.38
CA SER D 709 -37.50 -43.91 -21.07
C SER D 709 -37.74 -42.60 -20.32
N SER D 710 -36.74 -42.16 -19.57
CA SER D 710 -36.90 -40.97 -18.73
C SER D 710 -36.93 -39.74 -19.63
N VAL D 711 -38.14 -39.22 -19.88
CA VAL D 711 -38.23 -38.07 -20.78
C VAL D 711 -37.73 -36.82 -20.08
N GLY D 712 -37.86 -36.74 -18.76
CA GLY D 712 -37.41 -35.58 -18.04
C GLY D 712 -38.31 -35.22 -16.87
N SER D 713 -37.86 -34.25 -16.08
CA SER D 713 -38.61 -33.84 -14.90
C SER D 713 -39.91 -33.16 -15.31
N LEU D 714 -40.88 -33.20 -14.41
CA LEU D 714 -42.17 -32.57 -14.65
C LEU D 714 -42.72 -32.16 -13.30
N SER D 715 -42.90 -30.86 -13.09
CA SER D 715 -43.17 -30.33 -11.76
C SER D 715 -44.62 -29.91 -11.66
N TYR D 716 -45.37 -30.57 -10.77
CA TYR D 716 -46.61 -29.99 -10.32
C TYR D 716 -46.31 -28.67 -9.63
N ILE D 717 -47.30 -27.80 -9.58
CA ILE D 717 -47.09 -26.43 -9.14
C ILE D 717 -48.29 -25.97 -8.35
N ALA D 718 -48.06 -25.15 -7.35
CA ALA D 718 -49.14 -24.60 -6.55
C ALA D 718 -50.09 -23.80 -7.43
N LEU D 719 -51.34 -23.73 -7.00
CA LEU D 719 -52.31 -22.96 -7.74
C LEU D 719 -51.87 -21.50 -7.83
N PRO D 720 -52.19 -20.82 -8.93
CA PRO D 720 -51.78 -19.42 -9.07
C PRO D 720 -52.60 -18.49 -8.21
N HIS D 721 -52.02 -17.97 -7.14
CA HIS D 721 -52.64 -16.91 -6.36
C HIS D 721 -52.25 -15.58 -6.97
N CYS D 722 -53.18 -14.63 -6.90
CA CYS D 722 -53.10 -13.40 -7.67
C CYS D 722 -52.71 -12.28 -6.73
N SER D 723 -51.48 -11.77 -6.87
CA SER D 723 -51.02 -10.76 -5.95
C SER D 723 -51.64 -9.40 -6.25
N LEU D 724 -51.38 -8.85 -7.43
CA LEU D 724 -51.75 -7.48 -7.69
C LEU D 724 -52.02 -7.26 -9.17
N ILE D 725 -52.71 -6.17 -9.45
CA ILE D 725 -53.10 -5.75 -10.80
C ILE D 725 -52.54 -4.36 -11.02
N PHE D 726 -51.58 -4.24 -11.95
CA PHE D 726 -50.78 -3.01 -12.01
C PHE D 726 -51.63 -1.77 -12.29
N PRO D 727 -52.35 -1.67 -13.40
CA PRO D 727 -53.12 -0.43 -13.61
C PRO D 727 -54.34 -0.34 -12.72
N ALA D 728 -55.02 -1.47 -12.50
CA ALA D 728 -56.11 -1.59 -11.54
C ALA D 728 -57.34 -0.79 -11.94
N THR D 729 -57.24 0.00 -13.02
CA THR D 729 -58.36 0.76 -13.57
C THR D 729 -57.98 1.25 -14.95
N THR D 730 -58.90 1.13 -15.89
CA THR D 730 -58.67 1.55 -17.27
C THR D 730 -59.99 2.07 -17.82
N TRP D 731 -59.91 2.80 -18.91
CA TRP D 731 -61.07 3.41 -19.53
C TRP D 731 -62.02 2.33 -20.05
N ILE D 732 -63.32 2.61 -19.99
CA ILE D 732 -64.31 1.64 -20.43
C ILE D 732 -64.01 1.17 -21.85
N SER D 733 -63.31 1.99 -22.64
CA SER D 733 -62.82 1.53 -23.92
C SER D 733 -61.82 0.40 -23.78
N GLY D 734 -61.02 0.40 -22.71
CA GLY D 734 -60.05 -0.64 -22.52
C GLY D 734 -58.93 -0.59 -23.55
N GLY D 735 -58.30 -1.74 -23.72
CA GLY D 735 -57.18 -1.87 -24.63
C GLY D 735 -55.82 -1.68 -24.00
N GLN D 736 -55.77 -1.34 -22.73
CA GLN D 736 -54.51 -1.16 -22.01
C GLN D 736 -54.08 -2.50 -21.44
N ASN D 737 -52.84 -2.88 -21.69
CA ASN D 737 -52.39 -4.21 -21.26
C ASN D 737 -52.23 -4.19 -19.74
N ILE D 738 -53.33 -4.52 -19.07
CA ILE D 738 -53.29 -4.74 -17.64
C ILE D 738 -52.25 -5.80 -17.32
N THR D 739 -51.37 -5.49 -16.38
CA THR D 739 -50.35 -6.40 -15.93
C THR D 739 -50.74 -6.96 -14.56
N MET D 740 -50.70 -8.27 -14.42
CA MET D 740 -51.00 -8.94 -13.16
C MET D 740 -49.73 -9.60 -12.65
N MET D 741 -49.34 -9.26 -11.43
CA MET D 741 -48.23 -9.90 -10.76
C MET D 741 -48.76 -10.92 -9.77
N GLY D 742 -48.12 -12.08 -9.74
CA GLY D 742 -48.56 -13.15 -8.85
C GLY D 742 -47.48 -14.20 -8.77
N ARG D 743 -47.90 -15.41 -8.45
CA ARG D 743 -46.99 -16.54 -8.41
C ARG D 743 -47.59 -17.71 -9.17
N ASN D 744 -46.73 -18.45 -9.87
CA ASN D 744 -47.13 -19.65 -10.60
C ASN D 744 -48.16 -19.31 -11.68
N PHE D 745 -47.81 -18.34 -12.53
CA PHE D 745 -48.70 -17.98 -13.62
C PHE D 745 -48.45 -18.83 -14.86
N ASP D 746 -47.26 -19.37 -15.02
CA ASP D 746 -46.94 -20.19 -16.18
C ASP D 746 -47.88 -21.36 -16.36
N VAL D 747 -48.50 -21.84 -15.28
CA VAL D 747 -49.40 -22.98 -15.39
C VAL D 747 -50.82 -22.57 -15.71
N ILE D 748 -51.08 -21.28 -15.89
CA ILE D 748 -52.44 -20.83 -16.16
C ILE D 748 -52.92 -21.36 -17.51
N ASP D 749 -54.07 -22.02 -17.50
CA ASP D 749 -54.70 -22.43 -18.75
C ASP D 749 -55.12 -21.21 -19.56
N ASN D 750 -56.03 -20.41 -19.02
CA ASN D 750 -56.40 -19.15 -19.66
C ASN D 750 -57.16 -18.31 -18.65
N LEU D 751 -57.78 -17.24 -19.14
CA LEU D 751 -58.36 -16.21 -18.29
C LEU D 751 -59.82 -15.95 -18.66
N ILE D 752 -60.58 -15.51 -17.67
CA ILE D 752 -61.98 -15.15 -17.83
C ILE D 752 -62.17 -13.75 -17.28
N ILE D 753 -63.04 -12.98 -17.91
CA ILE D 753 -63.36 -11.62 -17.47
C ILE D 753 -64.87 -11.59 -17.24
N SER D 754 -65.29 -11.82 -16.00
CA SER D 754 -66.70 -11.91 -15.66
C SER D 754 -67.22 -10.57 -15.17
N HIS D 755 -68.43 -10.23 -15.61
CA HIS D 755 -69.11 -9.01 -15.21
C HIS D 755 -70.60 -9.28 -15.06
N GLY D 759 -71.31 -10.81 -18.03
CA GLY D 759 -70.90 -11.42 -19.28
C GLY D 759 -69.42 -11.68 -19.36
N ASN D 760 -69.05 -12.85 -19.90
CA ASN D 760 -67.65 -13.22 -20.02
C ASN D 760 -67.06 -12.71 -21.32
N ILE D 761 -65.75 -12.47 -21.30
CA ILE D 761 -65.02 -11.98 -22.46
C ILE D 761 -63.70 -12.74 -22.53
N ASN D 762 -63.49 -13.49 -23.59
CA ASN D 762 -62.21 -14.13 -23.81
C ASN D 762 -61.18 -13.09 -24.24
N VAL D 763 -59.99 -13.16 -23.65
CA VAL D 763 -58.91 -12.23 -23.96
C VAL D 763 -57.58 -12.97 -23.90
N SER D 764 -56.66 -12.54 -24.74
CA SER D 764 -55.37 -13.20 -24.86
C SER D 764 -54.55 -13.03 -23.58
N GLU D 765 -53.36 -13.63 -23.60
CA GLU D 765 -52.43 -13.57 -22.47
C GLU D 765 -51.03 -13.76 -23.00
N TYR D 766 -50.09 -13.01 -22.44
CA TYR D 766 -48.68 -13.05 -22.83
C TYR D 766 -47.89 -13.17 -21.53
N CYS D 767 -47.70 -14.39 -21.04
CA CYS D 767 -47.16 -14.59 -19.71
C CYS D 767 -46.05 -15.60 -19.55
N VAL D 768 -45.31 -15.39 -18.46
CA VAL D 768 -44.19 -16.15 -17.95
C VAL D 768 -44.53 -16.43 -16.50
N ALA D 769 -43.60 -17.03 -15.76
CA ALA D 769 -43.82 -17.51 -14.39
C ALA D 769 -44.53 -16.53 -13.47
N THR D 770 -43.97 -15.34 -13.27
CA THR D 770 -44.38 -14.49 -12.15
C THR D 770 -45.43 -13.44 -12.51
N TYR D 771 -45.48 -12.98 -13.76
CA TYR D 771 -46.36 -11.87 -14.11
C TYR D 771 -46.86 -12.06 -15.52
N CYS D 772 -47.97 -11.41 -15.84
CA CYS D 772 -48.42 -11.53 -17.21
C CYS D 772 -49.44 -10.46 -17.54
N GLY D 773 -49.44 -10.03 -18.79
CA GLY D 773 -50.26 -8.92 -19.22
C GLY D 773 -51.32 -9.31 -20.21
N PHE D 774 -52.32 -8.45 -20.38
CA PHE D 774 -53.42 -8.72 -21.30
C PHE D 774 -54.19 -7.43 -21.51
N LEU D 775 -54.59 -7.17 -22.75
CA LEU D 775 -55.30 -5.95 -23.07
C LEU D 775 -56.70 -5.96 -22.49
N ALA D 776 -57.06 -4.85 -21.83
CA ALA D 776 -58.38 -4.74 -21.20
C ALA D 776 -59.46 -4.68 -22.26
N PRO D 777 -60.28 -5.72 -22.42
CA PRO D 777 -61.18 -5.81 -23.58
C PRO D 777 -62.63 -5.41 -23.36
N SER D 778 -62.99 -4.84 -22.20
CA SER D 778 -64.41 -4.70 -21.87
C SER D 778 -65.18 -3.90 -22.91
N LEU D 779 -64.59 -2.81 -23.40
CA LEU D 779 -65.23 -1.95 -24.39
C LEU D 779 -66.59 -1.46 -23.91
N THR D 786 -67.39 0.47 -14.81
CA THR D 786 -67.59 -0.97 -14.90
C THR D 786 -66.54 -1.72 -14.11
N ASN D 787 -66.97 -2.36 -13.03
CA ASN D 787 -66.09 -3.12 -12.16
C ASN D 787 -66.15 -4.59 -12.53
N VAL D 788 -65.10 -5.07 -13.22
CA VAL D 788 -65.07 -6.43 -13.75
C VAL D 788 -64.14 -7.26 -12.87
N THR D 789 -64.44 -8.56 -12.80
CA THR D 789 -63.64 -9.50 -12.02
C THR D 789 -63.02 -10.52 -12.95
N VAL D 790 -61.70 -10.57 -12.97
CA VAL D 790 -60.99 -11.52 -13.81
C VAL D 790 -60.67 -12.75 -12.97
N LYS D 791 -60.64 -13.90 -13.63
CA LYS D 791 -60.50 -15.18 -12.96
C LYS D 791 -59.63 -16.08 -13.82
N LEU D 792 -58.56 -16.60 -13.23
CA LEU D 792 -57.76 -17.58 -13.93
C LEU D 792 -58.52 -18.89 -13.98
N ARG D 793 -58.71 -19.44 -15.17
CA ARG D 793 -59.28 -20.77 -15.29
C ARG D 793 -58.18 -21.74 -15.66
N VAL D 794 -58.12 -22.83 -14.91
CA VAL D 794 -57.17 -23.92 -15.13
C VAL D 794 -57.93 -25.21 -14.89
N GLN D 795 -57.94 -26.10 -15.88
CA GLN D 795 -58.54 -27.42 -15.77
C GLN D 795 -59.91 -27.35 -15.09
N ASP D 796 -60.81 -26.59 -15.70
CA ASP D 796 -62.20 -26.47 -15.29
C ASP D 796 -62.36 -25.89 -13.89
N THR D 797 -61.39 -25.11 -13.42
CA THR D 797 -61.50 -24.40 -12.15
C THR D 797 -61.21 -22.93 -12.37
N TYR D 798 -61.72 -22.10 -11.47
CA TYR D 798 -61.65 -20.65 -11.60
C TYR D 798 -61.21 -20.06 -10.28
N LEU D 799 -60.09 -19.34 -10.29
CA LEU D 799 -59.61 -18.59 -9.15
C LEU D 799 -59.77 -17.11 -9.45
N ASP D 800 -59.92 -16.31 -8.41
CA ASP D 800 -60.22 -14.89 -8.59
C ASP D 800 -58.95 -14.07 -8.69
N CYS D 801 -59.09 -12.85 -9.20
CA CYS D 801 -58.00 -11.89 -9.28
C CYS D 801 -58.59 -10.49 -9.15
N GLY D 802 -58.63 -9.97 -7.92
CA GLY D 802 -59.07 -8.62 -7.65
C GLY D 802 -60.27 -8.15 -8.45
N THR D 803 -60.20 -6.91 -8.95
CA THR D 803 -61.26 -6.37 -9.78
C THR D 803 -60.70 -5.22 -10.59
N LEU D 804 -60.92 -5.28 -11.90
CA LEU D 804 -60.55 -4.19 -12.80
C LEU D 804 -61.77 -3.31 -12.99
N GLN D 805 -61.59 -2.00 -12.86
CA GLN D 805 -62.68 -1.04 -12.99
C GLN D 805 -62.54 -0.26 -14.29
N TYR D 806 -63.66 -0.10 -14.98
CA TYR D 806 -63.70 0.61 -16.25
C TYR D 806 -64.49 1.91 -16.09
N ARG D 807 -63.87 3.02 -16.47
CA ARG D 807 -64.51 4.33 -16.43
C ARG D 807 -64.51 4.94 -17.82
N GLU D 808 -65.13 6.12 -17.93
CA GLU D 808 -65.24 6.79 -19.22
C GLU D 808 -63.87 7.24 -19.72
N ASP D 809 -63.81 7.56 -21.00
CA ASP D 809 -62.58 8.07 -21.57
C ASP D 809 -62.34 9.50 -21.08
N PRO D 810 -61.09 9.89 -20.88
CA PRO D 810 -60.81 11.22 -20.32
C PRO D 810 -60.94 12.34 -21.35
N ARG D 811 -61.19 13.54 -20.83
CA ARG D 811 -61.30 14.72 -21.68
C ARG D 811 -59.93 15.33 -21.93
N PHE D 812 -59.82 16.09 -23.01
CA PHE D 812 -58.52 16.55 -23.50
C PHE D 812 -58.55 18.03 -23.84
N THR D 813 -57.37 18.63 -23.83
CA THR D 813 -57.14 19.97 -24.35
C THR D 813 -55.70 20.04 -24.87
N GLY D 814 -55.54 20.60 -26.06
CA GLY D 814 -54.26 20.50 -26.75
C GLY D 814 -53.63 21.85 -26.96
N TYR D 815 -52.30 21.86 -26.98
CA TYR D 815 -51.53 23.08 -27.22
C TYR D 815 -50.12 22.68 -27.60
N ARG D 816 -49.32 23.69 -27.93
CA ARG D 816 -47.94 23.46 -28.32
C ARG D 816 -47.02 24.55 -27.77
N THR D 823 -38.95 21.95 -30.39
CA THR D 823 -40.41 21.97 -30.41
C THR D 823 -40.98 21.51 -29.08
N GLU D 824 -42.29 21.65 -28.92
CA GLU D 824 -42.95 21.25 -27.68
C GLU D 824 -44.45 21.09 -27.95
N LEU D 825 -45.08 20.26 -27.12
CA LEU D 825 -46.52 20.01 -27.19
C LEU D 825 -47.03 19.81 -25.78
N GLU D 826 -48.08 20.55 -25.40
CA GLU D 826 -48.59 20.53 -24.04
C GLU D 826 -50.06 20.11 -24.07
N VAL D 827 -50.39 19.08 -23.30
CA VAL D 827 -51.75 18.57 -23.26
C VAL D 827 -52.26 18.59 -21.82
N LYS D 828 -53.56 18.83 -21.69
CA LYS D 828 -54.23 18.90 -20.39
C LYS D 828 -55.38 17.93 -20.37
N ILE D 829 -55.45 17.13 -19.30
CA ILE D 829 -56.46 16.10 -19.14
C ILE D 829 -57.01 16.19 -17.72
N GLN D 830 -58.33 16.13 -17.60
CA GLN D 830 -58.98 16.20 -16.31
C GLN D 830 -58.68 14.96 -15.49
N ASN D 835 -57.68 9.18 -12.62
CA ASN D 835 -57.70 7.86 -12.01
C ASN D 835 -56.76 6.92 -12.76
N PHE D 836 -57.00 6.79 -14.06
CA PHE D 836 -56.17 5.94 -14.91
C PHE D 836 -54.70 6.32 -14.76
N ASN D 837 -53.85 5.29 -14.68
CA ASN D 837 -52.42 5.51 -14.46
C ASN D 837 -51.66 5.44 -15.78
N ILE D 838 -51.91 6.45 -16.61
CA ILE D 838 -51.33 6.48 -17.95
C ILE D 838 -49.84 6.72 -17.86
N SER D 839 -49.09 6.07 -18.74
CA SER D 839 -47.64 6.18 -18.76
C SER D 839 -47.20 6.26 -20.22
N LYS D 840 -45.88 6.33 -20.44
CA LYS D 840 -45.36 6.63 -21.77
C LYS D 840 -45.76 5.56 -22.78
N LYS D 841 -45.40 4.30 -22.51
CA LYS D 841 -45.65 3.21 -23.45
C LYS D 841 -47.13 3.07 -23.78
N ASP D 842 -48.01 3.65 -22.97
CA ASP D 842 -49.43 3.61 -23.29
C ASP D 842 -49.79 4.59 -24.40
N ILE D 843 -49.09 5.70 -24.50
CA ILE D 843 -49.42 6.77 -25.43
C ILE D 843 -48.44 6.75 -26.59
N GLU D 844 -48.98 6.92 -27.80
CA GLU D 844 -48.16 6.99 -29.01
C GLU D 844 -48.42 8.32 -29.70
N ILE D 845 -47.46 9.23 -29.63
CA ILE D 845 -47.56 10.54 -30.30
C ILE D 845 -46.54 10.57 -31.42
N THR D 846 -47.03 10.71 -32.65
CA THR D 846 -46.20 10.89 -33.83
C THR D 846 -46.34 12.34 -34.29
N LEU D 847 -45.24 12.90 -34.77
CA LEU D 847 -45.22 14.29 -35.21
C LEU D 847 -45.32 14.38 -36.74
N GLN D 854 -41.02 10.95 -26.03
CA GLN D 854 -40.41 11.96 -25.19
C GLN D 854 -41.44 12.63 -24.29
N LEU D 855 -42.30 11.81 -23.69
CA LEU D 855 -43.41 12.31 -22.87
C LEU D 855 -42.95 12.51 -21.44
N ASN D 856 -43.54 13.49 -20.78
CA ASN D 856 -43.37 13.68 -19.35
C ASN D 856 -44.60 14.38 -18.82
N CYS D 857 -45.31 13.74 -17.90
CA CYS D 857 -46.58 14.25 -17.42
C CYS D 857 -46.57 14.41 -15.91
N SER D 858 -47.53 15.19 -15.42
CA SER D 858 -47.70 15.42 -13.98
C SER D 858 -49.06 16.05 -13.73
N PHE D 859 -49.63 15.77 -12.58
CA PHE D 859 -50.94 16.29 -12.21
C PHE D 859 -50.81 17.70 -11.64
N GLU D 860 -51.61 18.63 -12.16
CA GLU D 860 -51.62 20.00 -11.65
C GLU D 860 -53.06 20.52 -11.72
N ASN D 861 -53.80 20.36 -10.63
CA ASN D 861 -55.21 20.76 -10.60
C ASN D 861 -55.59 21.39 -9.27
N THR D 870 -55.75 20.80 -13.98
CA THR D 870 -55.99 19.48 -14.54
C THR D 870 -54.77 18.59 -14.36
N ILE D 871 -54.30 17.99 -15.45
CA ILE D 871 -53.08 17.19 -15.45
C ILE D 871 -52.40 17.45 -16.79
N LEU D 872 -51.15 17.90 -16.75
CA LEU D 872 -50.46 18.34 -17.95
C LEU D 872 -49.33 17.40 -18.31
N CYS D 873 -49.25 17.09 -19.61
CA CYS D 873 -48.22 16.21 -20.14
C CYS D 873 -47.58 16.87 -21.34
N LYS D 874 -46.26 16.79 -21.45
CA LYS D 874 -45.52 17.50 -22.47
C LYS D 874 -44.57 16.55 -23.20
N ILE D 875 -44.48 16.73 -24.51
CA ILE D 875 -43.56 15.97 -25.36
C ILE D 875 -42.77 16.97 -26.19
N LYS D 876 -41.48 16.69 -26.38
CA LYS D 876 -40.65 17.53 -27.23
C LYS D 876 -40.65 17.02 -28.66
N LYS D 890 -50.32 18.18 -37.78
CA LYS D 890 -50.60 16.80 -38.18
C LYS D 890 -49.99 15.82 -37.19
N VAL D 891 -50.30 16.01 -35.91
CA VAL D 891 -49.77 15.19 -34.83
C VAL D 891 -50.81 14.15 -34.46
N ARG D 892 -50.37 12.90 -34.28
CA ARG D 892 -51.26 11.79 -33.98
C ARG D 892 -50.99 11.26 -32.58
N VAL D 893 -52.05 10.93 -31.85
CA VAL D 893 -51.93 10.38 -30.50
C VAL D 893 -52.86 9.17 -30.39
N LYS D 894 -52.30 8.05 -29.96
CA LYS D 894 -53.02 6.81 -29.73
C LYS D 894 -52.96 6.44 -28.27
N LEU D 895 -54.14 6.20 -27.68
CA LEU D 895 -54.30 5.83 -26.29
C LEU D 895 -55.24 4.64 -26.24
N GLY D 896 -54.74 3.48 -25.85
CA GLY D 896 -55.52 2.26 -25.91
C GLY D 896 -56.01 1.95 -27.31
N ASN D 897 -57.31 2.04 -27.52
CA ASN D 897 -57.89 1.85 -28.85
C ASN D 897 -58.31 3.17 -29.50
N LEU D 898 -58.23 4.27 -28.77
CA LEU D 898 -58.66 5.57 -29.27
C LEU D 898 -57.50 6.30 -29.92
N GLU D 899 -57.63 6.58 -31.22
CA GLU D 899 -56.63 7.34 -31.97
C GLU D 899 -57.25 8.67 -32.38
N LEU D 900 -56.57 9.77 -32.06
CA LEU D 900 -57.10 11.10 -32.29
C LEU D 900 -55.95 12.10 -32.27
N TYR D 901 -56.28 13.37 -32.12
CA TYR D 901 -55.28 14.43 -32.00
C TYR D 901 -55.75 15.49 -31.00
#